data_2XG6
#
_entry.id   2XG6
#
_cell.length_a   142.820
_cell.length_b   159.725
_cell.length_c   164.601
_cell.angle_alpha   90.00
_cell.angle_beta   90.00
_cell.angle_gamma   90.00
#
_symmetry.space_group_name_H-M   'P 21 21 21'
#
loop_
_entity.id
_entity.type
_entity.pdbx_description
1 polymer OMPC
2 non-polymer 'SULFATE ION'
#
_entity_poly.entity_id   1
_entity_poly.type   'polypeptide(L)'
_entity_poly.pdbx_seq_one_letter_code
;AEIYNKDGNKLDLYGKVEGLHYFSDNDSKDGDKTYMRLGFKGETQVTDQLTGYGQWEYQIQGNEPESDNSSWTRVAFAGL
KFQDVGSFDYGRNYGVVYDVTSWTDVLPEFGGDTYDSDNFMQQHGNGFATYRNTDFFGLVDGLDFAVQYQGKNGSAHGEG
MTTNGRDDVFEQNGDGVGGSITYNYEGFGIGAAVSSSKRTWDQNNTGLIGTGDRAETYTGGLKYDANNIYLAAQYTQTYN
ATRVGSLGWANKAQNFEAVAQYQFDFGLRPFLAYLQSKGKNLGRGYDDEDILKYVDVGATYYFNKNMSTYVDYKINLLDD
NRFTRDAGINTDDIVALGLVYQF
;
_entity_poly.pdbx_strand_id   A,B,C,D,E,F
#
loop_
_chem_comp.id
_chem_comp.type
_chem_comp.name
_chem_comp.formula
SO4 non-polymer 'SULFATE ION' 'O4 S -2'
#
# COMPACT_ATOMS: atom_id res chain seq x y z
N ALA A 1 5.35 39.46 -38.90
CA ALA A 1 6.68 39.44 -39.56
C ALA A 1 7.70 38.98 -38.52
N GLU A 2 8.44 37.92 -38.87
CA GLU A 2 9.39 37.27 -37.95
C GLU A 2 10.48 38.25 -37.54
N ILE A 3 10.43 38.72 -36.31
CA ILE A 3 11.38 39.72 -35.84
C ILE A 3 12.43 39.14 -34.91
N TYR A 4 12.38 37.82 -34.71
CA TYR A 4 13.37 37.17 -33.88
C TYR A 4 13.55 35.73 -34.31
N ASN A 5 14.77 35.35 -34.59
CA ASN A 5 15.07 33.98 -34.95
C ASN A 5 16.52 33.70 -34.61
N LYS A 6 16.70 32.90 -33.56
CA LYS A 6 18.00 32.75 -32.94
C LYS A 6 17.98 31.59 -31.98
N ASP A 7 19.03 30.78 -32.06
CA ASP A 7 19.19 29.61 -31.22
C ASP A 7 17.87 28.84 -31.08
N GLY A 8 17.23 28.58 -32.21
CA GLY A 8 16.06 27.70 -32.22
C GLY A 8 14.70 28.24 -31.76
N ASN A 9 14.71 29.26 -30.89
CA ASN A 9 13.49 29.99 -30.65
C ASN A 9 13.32 30.99 -31.80
N LYS A 10 12.09 31.10 -32.31
CA LYS A 10 11.74 32.15 -33.22
C LYS A 10 10.38 32.77 -32.87
N LEU A 11 10.27 34.08 -33.08
CA LEU A 11 9.07 34.84 -32.74
C LEU A 11 8.64 35.70 -33.91
N ASP A 12 7.41 35.48 -34.37
CA ASP A 12 6.82 36.29 -35.42
C ASP A 12 5.74 37.17 -34.83
N LEU A 13 5.93 38.48 -34.94
CA LEU A 13 5.01 39.49 -34.41
C LEU A 13 4.25 40.10 -35.57
N TYR A 14 2.94 39.94 -35.57
CA TYR A 14 2.13 40.22 -36.77
C TYR A 14 0.85 40.94 -36.45
N GLY A 15 0.31 41.63 -37.45
CA GLY A 15 -0.93 42.37 -37.27
C GLY A 15 -1.36 43.12 -38.51
N LYS A 16 -2.47 43.87 -38.40
CA LYS A 16 -2.95 44.70 -39.50
C LYS A 16 -3.82 45.85 -39.06
N VAL A 17 -3.85 46.89 -39.88
CA VAL A 17 -4.79 47.98 -39.73
C VAL A 17 -5.71 47.89 -40.93
N GLU A 18 -6.99 47.62 -40.66
CA GLU A 18 -7.99 47.48 -41.69
C GLU A 18 -8.87 48.71 -41.69
N GLY A 19 -8.60 49.62 -42.64
CA GLY A 19 -9.42 50.81 -42.82
C GLY A 19 -10.70 50.43 -43.50
N LEU A 20 -11.74 50.18 -42.70
CA LEU A 20 -12.98 49.58 -43.18
C LEU A 20 -14.13 50.53 -43.00
N HIS A 21 -15.05 50.55 -43.97
CA HIS A 21 -16.26 51.39 -43.87
C HIS A 21 -17.47 50.68 -44.47
N TYR A 22 -18.50 50.50 -43.65
CA TYR A 22 -19.73 49.86 -44.10
C TYR A 22 -20.66 50.91 -44.67
N PHE A 23 -21.30 50.55 -45.79
CA PHE A 23 -22.40 51.31 -46.34
C PHE A 23 -23.63 50.42 -46.29
N SER A 24 -24.77 51.00 -45.93
CA SER A 24 -26.00 50.24 -45.77
C SER A 24 -27.21 51.15 -45.62
N ASP A 25 -28.39 50.62 -45.94
CA ASP A 25 -29.64 51.27 -45.58
C ASP A 25 -29.88 51.15 -44.07
N ASN A 26 -29.40 50.05 -43.49
CA ASN A 26 -29.44 49.86 -42.03
C ASN A 26 -28.46 50.80 -41.32
N ASP A 27 -28.98 51.63 -40.43
CA ASP A 27 -28.16 52.60 -39.69
C ASP A 27 -27.25 51.90 -38.68
N SER A 28 -27.70 50.76 -38.14
CA SER A 28 -26.91 49.99 -37.17
C SER A 28 -25.72 49.28 -37.82
N LYS A 29 -25.83 49.01 -39.12
CA LYS A 29 -24.77 48.37 -39.90
C LYS A 29 -24.19 49.35 -40.92
N ASP A 30 -23.99 50.60 -40.50
CA ASP A 30 -23.49 51.66 -41.38
C ASP A 30 -22.57 52.59 -40.60
N GLY A 31 -21.38 52.85 -41.17
CA GLY A 31 -20.40 53.75 -40.57
C GLY A 31 -18.98 53.22 -40.64
N ASP A 32 -18.09 53.84 -39.89
CA ASP A 32 -16.70 53.41 -39.78
C ASP A 32 -16.66 52.08 -39.03
N LYS A 33 -16.03 51.08 -39.64
CA LYS A 33 -15.80 49.79 -38.99
C LYS A 33 -14.29 49.49 -38.90
N THR A 34 -13.51 50.55 -38.79
CA THR A 34 -12.05 50.45 -38.73
C THR A 34 -11.59 49.70 -37.48
N TYR A 35 -10.71 48.72 -37.67
CA TYR A 35 -10.19 47.94 -36.56
C TYR A 35 -8.77 47.52 -36.85
N MET A 36 -8.15 46.90 -35.85
CA MET A 36 -6.73 46.57 -35.88
C MET A 36 -6.50 45.30 -35.10
N ARG A 37 -5.56 44.47 -35.56
CA ARG A 37 -5.21 43.25 -34.88
C ARG A 37 -3.72 43.20 -34.66
N LEU A 38 -3.33 42.46 -33.64
CA LEU A 38 -1.93 42.33 -33.24
C LEU A 38 -1.80 40.99 -32.54
N GLY A 39 -0.80 40.22 -32.94
CA GLY A 39 -0.57 38.91 -32.32
C GLY A 39 0.87 38.49 -32.40
N PHE A 40 1.18 37.33 -31.82
CA PHE A 40 2.44 36.68 -32.12
C PHE A 40 2.26 35.17 -32.22
N LYS A 41 2.91 34.56 -33.21
CA LYS A 41 3.10 33.12 -33.25
C LYS A 41 4.51 32.93 -32.73
N GLY A 42 4.66 32.02 -31.77
CA GLY A 42 5.98 31.70 -31.20
C GLY A 42 6.31 30.24 -31.39
N GLU A 43 7.57 29.90 -31.23
CA GLU A 43 8.03 28.54 -31.53
C GLU A 43 9.41 28.31 -30.95
N THR A 44 9.62 27.14 -30.37
CA THR A 44 10.95 26.74 -29.88
C THR A 44 11.24 25.27 -30.19
N GLN A 45 12.45 24.99 -30.68
CA GLN A 45 12.92 23.60 -30.80
C GLN A 45 13.32 23.09 -29.43
N VAL A 46 12.75 21.95 -29.05
CA VAL A 46 13.13 21.25 -27.82
C VAL A 46 14.05 20.10 -28.16
N THR A 47 13.68 19.33 -29.20
CA THR A 47 14.49 18.23 -29.72
C THR A 47 14.34 18.11 -31.24
N ASP A 48 15.00 17.12 -31.83
CA ASP A 48 14.75 16.72 -33.23
C ASP A 48 13.28 16.62 -33.52
N GLN A 49 12.59 15.96 -32.60
CA GLN A 49 11.22 15.56 -32.80
C GLN A 49 10.28 16.59 -32.17
N LEU A 50 10.52 16.90 -30.91
CA LEU A 50 9.62 17.77 -30.15
C LEU A 50 9.87 19.25 -30.43
N THR A 51 8.79 19.98 -30.66
CA THR A 51 8.82 21.42 -30.84
C THR A 51 7.67 22.02 -30.07
N GLY A 52 7.94 23.09 -29.33
CA GLY A 52 6.90 23.74 -28.50
C GLY A 52 6.56 25.10 -29.04
N TYR A 53 5.30 25.52 -28.88
CA TYR A 53 4.82 26.77 -29.48
C TYR A 53 3.82 27.52 -28.63
N GLY A 54 3.77 28.83 -28.84
CA GLY A 54 2.71 29.68 -28.31
C GLY A 54 2.05 30.49 -29.43
N GLN A 55 0.89 31.05 -29.15
CA GLN A 55 0.25 31.93 -30.11
C GLN A 55 -0.82 32.81 -29.48
N TRP A 56 -0.81 34.08 -29.88
CA TRP A 56 -1.71 35.10 -29.35
C TRP A 56 -2.24 35.98 -30.50
N GLU A 57 -3.44 36.55 -30.32
CA GLU A 57 -3.98 37.51 -31.28
C GLU A 57 -5.09 38.33 -30.64
N TYR A 58 -4.90 39.64 -30.61
CA TYR A 58 -5.86 40.58 -30.04
C TYR A 58 -6.49 41.36 -31.17
N GLN A 59 -7.70 41.88 -30.93
CA GLN A 59 -8.37 42.76 -31.87
C GLN A 59 -8.83 43.98 -31.12
N ILE A 60 -8.53 45.16 -31.67
CA ILE A 60 -8.85 46.43 -31.03
C ILE A 60 -9.55 47.33 -32.01
N GLN A 61 -10.77 47.72 -31.69
CA GLN A 61 -11.53 48.57 -32.60
C GLN A 61 -10.93 49.98 -32.70
N GLY A 62 -10.91 50.52 -33.92
CA GLY A 62 -10.44 51.88 -34.18
C GLY A 62 -11.52 52.76 -34.79
N ASN A 63 -12.77 52.41 -34.53
CA ASN A 63 -13.91 53.21 -34.94
C ASN A 63 -14.51 53.93 -33.74
N GLU A 64 -13.88 53.77 -32.58
CA GLU A 64 -14.42 54.26 -31.32
C GLU A 64 -13.53 55.34 -30.70
N PRO A 65 -14.13 56.25 -29.90
CA PRO A 65 -13.50 57.45 -29.35
C PRO A 65 -12.76 57.21 -28.04
N GLU A 66 -12.15 58.25 -27.50
CA GLU A 66 -11.23 58.11 -26.37
C GLU A 66 -11.82 57.49 -25.09
N SER A 67 -13.14 57.53 -24.91
CA SER A 67 -13.75 56.93 -23.73
C SER A 67 -13.80 55.40 -23.83
N ASP A 68 -14.86 54.85 -24.41
CA ASP A 68 -14.95 53.41 -24.64
C ASP A 68 -14.05 53.04 -25.80
N ASN A 69 -13.35 51.91 -25.67
CA ASN A 69 -12.59 51.33 -26.79
C ASN A 69 -12.58 49.81 -26.68
N SER A 70 -13.62 49.18 -27.23
CA SER A 70 -13.81 47.74 -27.12
C SER A 70 -12.74 46.95 -27.92
N SER A 71 -12.30 45.85 -27.33
CA SER A 71 -11.16 45.07 -27.82
C SER A 71 -11.09 43.74 -27.09
N TRP A 72 -10.57 42.70 -27.73
CA TRP A 72 -10.60 41.36 -27.12
C TRP A 72 -9.57 40.39 -27.65
N THR A 73 -9.25 39.37 -26.85
CA THR A 73 -8.39 38.28 -27.30
C THR A 73 -9.19 37.41 -28.26
N ARG A 74 -8.54 36.98 -29.33
CA ARG A 74 -9.18 36.13 -30.35
C ARG A 74 -8.75 34.69 -30.19
N VAL A 75 -7.43 34.47 -30.19
CA VAL A 75 -6.87 33.17 -29.84
C VAL A 75 -5.67 33.37 -28.93
N ALA A 76 -5.56 32.49 -27.93
CA ALA A 76 -4.44 32.51 -27.00
C ALA A 76 -4.22 31.08 -26.51
N PHE A 77 -3.15 30.43 -26.98
CA PHE A 77 -2.88 29.05 -26.60
C PHE A 77 -1.42 28.67 -26.66
N ALA A 78 -1.06 27.71 -25.82
CA ALA A 78 0.26 27.15 -25.76
C ALA A 78 0.15 25.64 -26.01
N GLY A 79 1.23 25.04 -26.50
CA GLY A 79 1.23 23.59 -26.80
C GLY A 79 2.51 23.02 -27.40
N LEU A 80 2.58 21.69 -27.37
CA LEU A 80 3.73 20.92 -27.89
C LEU A 80 3.39 20.19 -29.18
N LYS A 81 4.43 19.74 -29.87
CA LYS A 81 4.28 19.01 -31.14
C LYS A 81 5.46 18.06 -31.36
N PHE A 82 5.14 16.78 -31.51
CA PHE A 82 6.13 15.73 -31.72
C PHE A 82 6.01 15.17 -33.13
N GLN A 83 7.14 15.02 -33.79
CA GLN A 83 7.21 14.55 -35.19
C GLN A 83 6.42 13.26 -35.37
N ASP A 84 5.60 13.21 -36.41
CA ASP A 84 4.87 12.00 -36.83
C ASP A 84 3.96 11.38 -35.75
N VAL A 85 3.68 12.11 -34.68
CA VAL A 85 2.78 11.66 -33.63
C VAL A 85 1.56 12.55 -33.56
N GLY A 86 1.78 13.86 -33.36
CA GLY A 86 0.71 14.85 -33.36
C GLY A 86 1.06 16.13 -32.64
N SER A 87 0.03 16.87 -32.21
CA SER A 87 0.20 18.12 -31.50
C SER A 87 -0.97 18.37 -30.55
N PHE A 88 -0.71 19.05 -29.43
CA PHE A 88 -1.73 19.27 -28.41
C PHE A 88 -1.60 20.68 -27.81
N ASP A 89 -2.67 21.46 -27.91
CA ASP A 89 -2.63 22.87 -27.49
C ASP A 89 -3.89 23.33 -26.73
N TYR A 90 -3.70 23.74 -25.48
CA TYR A 90 -4.79 24.20 -24.63
C TYR A 90 -4.87 25.72 -24.49
N GLY A 91 -6.08 26.25 -24.68
CA GLY A 91 -6.35 27.69 -24.57
C GLY A 91 -7.47 28.14 -25.50
N ARG A 92 -7.72 29.44 -25.56
CA ARG A 92 -8.67 29.97 -26.54
C ARG A 92 -8.12 29.77 -27.95
N ASN A 93 -8.89 29.03 -28.76
CA ASN A 93 -8.44 28.58 -30.07
C ASN A 93 -9.66 28.49 -30.98
N TYR A 94 -9.51 27.87 -32.16
CA TYR A 94 -10.67 27.55 -33.00
C TYR A 94 -11.22 26.19 -32.61
N GLY A 95 -12.54 26.08 -32.53
CA GLY A 95 -13.22 24.79 -32.39
C GLY A 95 -12.92 23.91 -33.59
N VAL A 96 -13.03 22.60 -33.40
CA VAL A 96 -12.60 21.63 -34.41
C VAL A 96 -13.50 21.65 -35.66
N VAL A 97 -14.77 22.01 -35.49
CA VAL A 97 -15.68 22.13 -36.63
C VAL A 97 -15.06 23.04 -37.70
N TYR A 98 -14.47 24.15 -37.26
CA TYR A 98 -13.89 25.14 -38.17
C TYR A 98 -13.00 24.52 -39.22
N ASP A 99 -12.30 23.46 -38.83
CA ASP A 99 -11.44 22.71 -39.74
C ASP A 99 -12.06 22.56 -41.14
N VAL A 100 -13.34 22.18 -41.19
CA VAL A 100 -14.03 22.03 -42.45
C VAL A 100 -14.72 23.33 -42.85
N THR A 101 -15.59 23.84 -41.98
CA THR A 101 -16.44 25.01 -42.30
C THR A 101 -15.68 26.28 -42.68
N SER A 102 -14.41 26.38 -42.28
CA SER A 102 -13.57 27.54 -42.61
C SER A 102 -13.27 27.65 -44.10
N TRP A 103 -13.44 26.55 -44.84
CA TRP A 103 -13.15 26.54 -46.27
C TRP A 103 -14.06 27.47 -47.06
N THR A 104 -15.17 27.86 -46.46
CA THR A 104 -16.05 28.87 -47.05
C THR A 104 -15.86 30.26 -46.43
N ASP A 105 -14.96 30.38 -45.45
CA ASP A 105 -14.72 31.63 -44.75
C ASP A 105 -13.57 32.38 -45.44
N VAL A 106 -13.73 32.64 -46.73
CA VAL A 106 -12.63 33.11 -47.56
C VAL A 106 -12.92 34.48 -48.17
N LEU A 107 -14.01 35.11 -47.72
CA LEU A 107 -14.42 36.39 -48.24
C LEU A 107 -13.74 37.46 -47.41
N PRO A 108 -13.61 38.68 -47.95
CA PRO A 108 -12.80 39.71 -47.30
C PRO A 108 -13.39 40.33 -46.02
N GLU A 109 -14.70 40.23 -45.83
CA GLU A 109 -15.34 40.83 -44.65
C GLU A 109 -16.56 40.04 -44.19
N PHE A 110 -17.49 39.83 -45.10
CA PHE A 110 -18.69 39.05 -44.79
C PHE A 110 -18.37 37.56 -44.99
N GLY A 111 -19.39 36.72 -45.03
CA GLY A 111 -19.19 35.29 -45.20
C GLY A 111 -18.76 34.63 -43.91
N GLY A 112 -18.81 33.29 -43.90
CA GLY A 112 -18.50 32.50 -42.70
C GLY A 112 -19.24 32.99 -41.45
N ASP A 113 -20.55 33.19 -41.59
CA ASP A 113 -21.38 33.70 -40.48
C ASP A 113 -22.65 32.87 -40.25
N THR A 114 -22.58 31.56 -40.52
CA THR A 114 -23.59 30.61 -40.05
C THR A 114 -23.17 30.05 -38.67
N TYR A 115 -22.08 30.60 -38.15
CA TYR A 115 -21.58 30.34 -36.80
C TYR A 115 -21.15 31.66 -36.19
N ASP A 116 -21.16 31.75 -34.87
CA ASP A 116 -20.73 32.95 -34.15
C ASP A 116 -19.47 32.66 -33.35
N SER A 117 -18.92 33.68 -32.70
CA SER A 117 -17.77 33.49 -31.81
C SER A 117 -18.25 33.02 -30.44
N ASP A 118 -17.51 32.09 -29.83
CA ASP A 118 -17.91 31.44 -28.57
C ASP A 118 -19.24 30.70 -28.75
N ASN A 119 -19.43 30.09 -29.91
CA ASN A 119 -20.70 29.43 -30.25
C ASN A 119 -20.54 27.91 -30.15
N PHE A 120 -20.20 27.44 -28.95
CA PHE A 120 -19.83 26.05 -28.69
C PHE A 120 -18.50 25.74 -29.40
N MET A 121 -18.40 24.58 -30.06
CA MET A 121 -17.17 24.18 -30.78
C MET A 121 -17.18 24.57 -32.26
N GLN A 122 -17.95 25.59 -32.64
CA GLN A 122 -18.17 25.94 -34.05
C GLN A 122 -17.14 26.88 -34.65
N GLN A 123 -16.54 27.74 -33.81
CA GLN A 123 -15.51 28.68 -34.27
C GLN A 123 -14.55 29.03 -33.12
N HIS A 124 -14.32 30.32 -32.86
CA HIS A 124 -13.49 30.72 -31.72
C HIS A 124 -14.09 30.19 -30.45
N GLY A 125 -13.27 30.04 -29.42
CA GLY A 125 -13.77 29.58 -28.13
C GLY A 125 -12.72 29.37 -27.06
N ASN A 126 -13.13 29.51 -25.81
CA ASN A 126 -12.24 29.36 -24.65
C ASN A 126 -12.08 27.90 -24.22
N GLY A 127 -10.88 27.55 -23.78
CA GLY A 127 -10.63 26.26 -23.14
C GLY A 127 -10.79 25.04 -24.03
N PHE A 128 -10.27 25.11 -25.25
CA PHE A 128 -10.17 23.96 -26.14
C PHE A 128 -8.89 23.18 -25.88
N ALA A 129 -9.02 21.91 -25.51
CA ALA A 129 -7.90 20.98 -25.57
C ALA A 129 -8.02 20.25 -26.90
N THR A 130 -6.99 20.37 -27.73
CA THR A 130 -7.07 19.95 -29.13
C THR A 130 -5.88 19.05 -29.53
N TYR A 131 -6.15 17.78 -29.79
CA TYR A 131 -5.16 16.92 -30.45
C TYR A 131 -5.33 17.03 -31.95
N ARG A 132 -4.22 17.07 -32.67
CA ARG A 132 -4.22 17.09 -34.13
C ARG A 132 -3.14 16.16 -34.68
N ASN A 133 -3.34 15.65 -35.88
CA ASN A 133 -2.38 14.73 -36.49
C ASN A 133 -2.30 14.93 -37.99
N THR A 134 -1.18 15.50 -38.44
CA THR A 134 -0.99 15.79 -39.86
C THR A 134 -0.38 14.61 -40.59
N ASP A 135 -0.87 14.38 -41.81
CA ASP A 135 -0.40 13.30 -42.69
C ASP A 135 -0.50 11.92 -42.06
N PHE A 136 -1.49 11.74 -41.19
CA PHE A 136 -1.74 10.47 -40.51
C PHE A 136 -0.46 9.75 -40.07
N PHE A 137 0.19 10.31 -39.04
CA PHE A 137 1.43 9.75 -38.49
C PHE A 137 2.54 9.61 -39.54
N GLY A 138 2.56 10.53 -40.50
CA GLY A 138 3.56 10.54 -41.57
C GLY A 138 3.46 9.40 -42.57
N LEU A 139 2.30 8.74 -42.62
CA LEU A 139 2.10 7.56 -43.48
C LEU A 139 1.30 7.92 -44.72
N VAL A 140 0.14 8.55 -44.53
CA VAL A 140 -0.69 9.01 -45.65
C VAL A 140 -0.48 10.50 -45.85
N ASP A 141 0.32 10.84 -46.85
CA ASP A 141 0.62 12.24 -47.15
C ASP A 141 -0.64 12.93 -47.68
N GLY A 142 -1.41 13.53 -46.77
CA GLY A 142 -2.66 14.21 -47.15
C GLY A 142 -3.76 14.14 -46.10
N LEU A 143 -3.82 13.02 -45.37
CA LEU A 143 -4.90 12.80 -44.40
C LEU A 143 -4.57 13.39 -43.03
N ASP A 144 -5.24 14.50 -42.70
CA ASP A 144 -5.11 15.15 -41.40
C ASP A 144 -6.39 14.94 -40.58
N PHE A 145 -6.27 14.94 -39.26
CA PHE A 145 -7.45 14.83 -38.39
C PHE A 145 -7.23 15.47 -37.01
N ALA A 146 -8.31 15.52 -36.21
CA ALA A 146 -8.24 16.12 -34.87
C ALA A 146 -9.30 15.55 -33.91
N VAL A 147 -8.96 15.57 -32.62
CA VAL A 147 -9.87 15.13 -31.56
C VAL A 147 -9.89 16.18 -30.45
N GLN A 148 -11.00 16.91 -30.36
CA GLN A 148 -11.07 18.11 -29.52
C GLN A 148 -12.04 17.98 -28.34
N TYR A 149 -11.66 18.56 -27.21
CA TYR A 149 -12.52 18.63 -26.02
C TYR A 149 -12.62 20.09 -25.58
N GLN A 150 -13.79 20.49 -25.09
CA GLN A 150 -14.00 21.85 -24.58
C GLN A 150 -14.65 21.79 -23.23
N GLY A 151 -14.01 22.37 -22.21
CA GLY A 151 -14.55 22.38 -20.86
C GLY A 151 -15.78 23.27 -20.69
N LYS A 152 -16.58 22.99 -19.67
CA LYS A 152 -17.81 23.76 -19.40
C LYS A 152 -17.47 25.23 -19.20
N ASN A 153 -18.24 26.10 -19.83
CA ASN A 153 -18.07 27.54 -19.73
C ASN A 153 -19.43 28.19 -19.46
N GLY A 154 -19.82 28.18 -18.18
CA GLY A 154 -21.18 28.59 -17.77
C GLY A 154 -21.29 30.06 -17.38
N SER A 155 -22.06 30.31 -16.32
CA SER A 155 -22.36 31.68 -15.89
C SER A 155 -21.56 32.11 -14.67
N ALA A 156 -21.67 33.39 -14.32
CA ALA A 156 -20.97 33.95 -13.16
C ALA A 156 -21.78 33.86 -11.87
N HIS A 157 -23.07 33.55 -11.97
CA HIS A 157 -23.96 33.54 -10.81
C HIS A 157 -24.35 32.12 -10.35
N GLY A 158 -23.62 31.62 -9.36
CA GLY A 158 -24.01 30.41 -8.62
C GLY A 158 -24.30 29.15 -9.41
N GLU A 159 -25.51 29.09 -9.99
CA GLU A 159 -26.02 27.88 -10.65
C GLU A 159 -25.42 27.69 -12.05
N GLY A 160 -24.67 26.60 -12.23
CA GLY A 160 -24.00 26.31 -13.51
C GLY A 160 -22.79 27.20 -13.73
N MET A 161 -21.98 27.36 -12.68
CA MET A 161 -20.94 28.38 -12.63
C MET A 161 -19.57 27.81 -12.94
N THR A 162 -18.75 28.65 -13.60
CA THR A 162 -17.31 28.42 -13.78
C THR A 162 -16.54 29.69 -13.38
N THR A 163 -15.23 29.56 -13.21
CA THR A 163 -14.39 30.69 -12.81
C THR A 163 -14.35 31.79 -13.89
N ASN A 164 -14.54 31.37 -15.14
CA ASN A 164 -14.53 32.28 -16.30
C ASN A 164 -15.92 32.60 -16.83
N GLY A 165 -16.94 32.31 -16.03
CA GLY A 165 -18.33 32.36 -16.48
C GLY A 165 -18.78 33.69 -17.05
N ARG A 166 -19.66 33.63 -18.04
CA ARG A 166 -20.18 34.81 -18.73
C ARG A 166 -21.70 34.90 -18.54
N ASP A 167 -22.19 36.10 -18.26
CA ASP A 167 -23.63 36.29 -18.04
C ASP A 167 -24.43 36.29 -19.34
N ASP A 168 -23.74 36.40 -20.47
CA ASP A 168 -24.36 36.17 -21.77
C ASP A 168 -24.60 34.68 -21.94
N VAL A 169 -25.70 34.32 -22.57
CA VAL A 169 -26.12 32.92 -22.67
C VAL A 169 -25.60 32.23 -23.94
N PHE A 170 -25.52 32.97 -25.04
CA PHE A 170 -25.08 32.41 -26.33
C PHE A 170 -23.58 32.11 -26.32
N GLU A 171 -22.85 32.87 -25.51
CA GLU A 171 -21.42 32.66 -25.34
C GLU A 171 -21.13 31.45 -24.45
N GLN A 172 -22.11 31.03 -23.66
CA GLN A 172 -21.93 29.88 -22.77
C GLN A 172 -21.83 28.56 -23.53
N ASN A 173 -21.28 27.55 -22.86
CA ASN A 173 -21.25 26.19 -23.37
C ASN A 173 -20.96 25.20 -22.26
N GLY A 174 -21.20 23.93 -22.54
CA GLY A 174 -20.89 22.84 -21.62
C GLY A 174 -19.74 21.99 -22.14
N ASP A 175 -19.57 20.82 -21.55
CA ASP A 175 -18.54 19.87 -21.98
C ASP A 175 -18.91 19.29 -23.34
N GLY A 176 -17.98 19.35 -24.27
CA GLY A 176 -18.21 18.85 -25.62
C GLY A 176 -17.01 18.15 -26.22
N VAL A 177 -17.27 17.18 -27.08
CA VAL A 177 -16.24 16.52 -27.86
C VAL A 177 -16.56 16.74 -29.34
N GLY A 178 -15.50 16.90 -30.13
CA GLY A 178 -15.63 17.08 -31.58
C GLY A 178 -14.48 16.45 -32.33
N GLY A 179 -14.71 16.17 -33.61
CA GLY A 179 -13.71 15.57 -34.47
C GLY A 179 -13.67 16.19 -35.85
N SER A 180 -12.61 15.87 -36.58
CA SER A 180 -12.43 16.36 -37.94
C SER A 180 -11.53 15.39 -38.71
N ILE A 181 -11.83 15.19 -39.98
CA ILE A 181 -10.95 14.44 -40.88
C ILE A 181 -10.94 15.13 -42.23
N THR A 182 -9.77 15.62 -42.62
CA THR A 182 -9.59 16.26 -43.92
C THR A 182 -8.55 15.52 -44.75
N TYR A 183 -8.76 15.49 -46.06
CA TYR A 183 -7.84 14.85 -46.98
C TYR A 183 -7.64 15.75 -48.19
N ASN A 184 -6.39 16.09 -48.49
CA ASN A 184 -6.05 16.90 -49.67
C ASN A 184 -5.13 16.14 -50.61
N TYR A 185 -5.33 16.38 -51.91
CA TYR A 185 -4.58 15.68 -52.95
C TYR A 185 -4.83 16.39 -54.29
N GLU A 186 -3.76 16.95 -54.86
CA GLU A 186 -3.81 17.65 -56.15
C GLU A 186 -4.81 18.82 -56.17
N GLY A 187 -4.96 19.48 -55.02
CA GLY A 187 -5.88 20.61 -54.89
C GLY A 187 -7.23 20.21 -54.28
N PHE A 188 -7.82 19.13 -54.79
CA PHE A 188 -9.12 18.66 -54.31
C PHE A 188 -9.06 18.29 -52.83
N GLY A 189 -10.16 18.50 -52.11
CA GLY A 189 -10.20 18.27 -50.66
C GLY A 189 -11.55 17.88 -50.06
N ILE A 190 -11.66 16.63 -49.63
CA ILE A 190 -12.82 16.15 -48.86
C ILE A 190 -12.63 16.53 -47.39
N GLY A 191 -13.74 16.75 -46.69
CA GLY A 191 -13.70 17.13 -45.27
C GLY A 191 -14.96 16.85 -44.46
N ALA A 192 -14.84 15.98 -43.47
CA ALA A 192 -15.94 15.71 -42.52
C ALA A 192 -15.56 16.20 -41.14
N ALA A 193 -16.56 16.62 -40.36
CA ALA A 193 -16.33 17.14 -39.01
C ALA A 193 -17.61 17.12 -38.15
N VAL A 194 -17.52 16.49 -36.97
CA VAL A 194 -18.67 16.27 -36.09
C VAL A 194 -18.38 16.71 -34.66
N SER A 195 -19.21 17.60 -34.14
CA SER A 195 -19.10 18.02 -32.73
C SER A 195 -20.37 17.65 -31.97
N SER A 196 -20.26 17.63 -30.64
CA SER A 196 -21.41 17.36 -29.77
C SER A 196 -21.12 17.88 -28.36
N SER A 197 -21.86 18.92 -27.96
CA SER A 197 -21.60 19.60 -26.69
C SER A 197 -22.80 19.55 -25.73
N LYS A 198 -22.49 19.43 -24.45
CA LYS A 198 -23.47 19.58 -23.37
C LYS A 198 -23.91 21.05 -23.31
N ARG A 199 -25.04 21.32 -22.69
CA ARG A 199 -25.55 22.68 -22.57
C ARG A 199 -25.71 23.12 -21.11
N THR A 200 -25.72 24.43 -20.88
CA THR A 200 -25.80 24.98 -19.53
C THR A 200 -27.24 25.01 -19.06
N TRP A 201 -27.41 25.02 -17.74
CA TRP A 201 -28.72 25.17 -17.11
C TRP A 201 -29.40 26.45 -17.58
N ASP A 202 -28.63 27.55 -17.64
CA ASP A 202 -29.12 28.84 -18.10
C ASP A 202 -29.63 28.79 -19.53
N GLN A 203 -28.92 28.08 -20.40
CA GLN A 203 -29.26 28.01 -21.83
C GLN A 203 -30.66 27.46 -22.08
N ASN A 204 -31.04 26.45 -21.31
CA ASN A 204 -32.37 25.84 -21.43
C ASN A 204 -33.44 26.62 -20.68
N ASN A 205 -33.04 27.21 -19.55
CA ASN A 205 -33.97 27.78 -18.59
C ASN A 205 -33.92 29.31 -18.51
N THR A 206 -33.62 29.93 -19.65
CA THR A 206 -33.88 31.35 -19.87
C THR A 206 -35.16 31.49 -20.71
N GLY A 207 -35.76 30.36 -21.08
CA GLY A 207 -37.00 30.35 -21.84
C GLY A 207 -36.85 30.66 -23.32
N LEU A 208 -35.65 30.47 -23.85
CA LEU A 208 -35.38 30.75 -25.26
C LEU A 208 -35.73 29.52 -26.11
N ILE A 209 -35.94 29.74 -27.41
CA ILE A 209 -36.29 28.64 -28.34
C ILE A 209 -35.10 27.75 -28.66
N GLY A 210 -35.40 26.57 -29.20
CA GLY A 210 -34.38 25.61 -29.61
C GLY A 210 -33.52 25.11 -28.46
N THR A 211 -34.18 24.70 -27.37
CA THR A 211 -33.47 24.23 -26.17
C THR A 211 -33.45 22.70 -26.12
N GLY A 212 -32.39 22.16 -25.51
CA GLY A 212 -32.25 20.73 -25.33
C GLY A 212 -31.12 20.41 -24.38
N ASP A 213 -30.79 19.11 -24.28
CA ASP A 213 -29.65 18.68 -23.47
C ASP A 213 -28.33 18.98 -24.18
N ARG A 214 -28.30 18.72 -25.49
CA ARG A 214 -27.05 18.82 -26.26
C ARG A 214 -27.19 19.65 -27.53
N ALA A 215 -26.17 20.46 -27.80
CA ALA A 215 -25.98 21.09 -29.11
C ALA A 215 -25.05 20.18 -29.91
N GLU A 216 -25.45 19.83 -31.13
CA GLU A 216 -24.68 18.91 -31.97
C GLU A 216 -24.52 19.47 -33.38
N THR A 217 -23.39 19.17 -34.01
CA THR A 217 -23.10 19.67 -35.35
C THR A 217 -22.58 18.55 -36.25
N TYR A 218 -23.02 18.59 -37.51
CA TYR A 218 -22.50 17.72 -38.56
C TYR A 218 -22.03 18.61 -39.70
N THR A 219 -20.89 18.27 -40.29
CA THR A 219 -20.29 19.14 -41.30
C THR A 219 -19.55 18.37 -42.39
N GLY A 220 -20.04 18.53 -43.63
CA GLY A 220 -19.34 18.07 -44.81
C GLY A 220 -18.80 19.28 -45.55
N GLY A 221 -17.68 19.11 -46.26
CA GLY A 221 -17.05 20.21 -46.97
C GLY A 221 -16.14 19.73 -48.07
N LEU A 222 -16.19 20.44 -49.21
CA LEU A 222 -15.36 20.13 -50.37
C LEU A 222 -14.70 21.41 -50.87
N LYS A 223 -13.44 21.31 -51.32
CA LYS A 223 -12.75 22.46 -51.88
C LYS A 223 -11.77 22.06 -52.97
N TYR A 224 -11.52 23.00 -53.89
CA TYR A 224 -10.51 22.84 -54.94
C TYR A 224 -9.65 24.10 -54.99
N ASP A 225 -8.34 23.92 -54.79
CA ASP A 225 -7.41 25.03 -54.59
C ASP A 225 -6.20 24.90 -55.51
N ALA A 226 -6.34 25.30 -56.77
CA ALA A 226 -5.26 25.19 -57.75
C ALA A 226 -5.54 26.00 -59.01
N ASN A 227 -4.47 26.33 -59.73
CA ASN A 227 -4.54 27.05 -61.01
C ASN A 227 -5.30 28.38 -60.91
N ASN A 228 -4.90 29.19 -59.93
CA ASN A 228 -5.53 30.49 -59.63
C ASN A 228 -6.98 30.40 -59.17
N ILE A 229 -7.48 29.19 -58.96
CA ILE A 229 -8.89 28.96 -58.66
C ILE A 229 -9.07 28.46 -57.23
N TYR A 230 -10.07 29.04 -56.56
CA TYR A 230 -10.55 28.50 -55.29
C TYR A 230 -12.05 28.29 -55.36
N LEU A 231 -12.45 27.04 -55.53
CA LEU A 231 -13.85 26.66 -55.43
C LEU A 231 -14.03 25.84 -54.16
N ALA A 232 -15.04 26.19 -53.37
CA ALA A 232 -15.34 25.45 -52.14
C ALA A 232 -16.75 25.74 -51.63
N ALA A 233 -17.41 24.68 -51.17
CA ALA A 233 -18.70 24.80 -50.52
C ALA A 233 -18.74 23.84 -49.33
N GLN A 234 -19.80 23.91 -48.54
CA GLN A 234 -19.90 23.06 -47.34
C GLN A 234 -21.34 22.94 -46.82
N TYR A 235 -21.65 21.78 -46.27
CA TYR A 235 -22.94 21.55 -45.64
C TYR A 235 -22.71 21.40 -44.13
N THR A 236 -23.48 22.15 -43.34
CA THR A 236 -23.41 22.05 -41.89
C THR A 236 -24.83 21.95 -41.33
N GLN A 237 -25.16 20.77 -40.79
CA GLN A 237 -26.46 20.56 -40.14
C GLN A 237 -26.28 20.56 -38.63
N THR A 238 -27.20 21.23 -37.93
CA THR A 238 -27.09 21.43 -36.49
C THR A 238 -28.40 21.16 -35.76
N TYR A 239 -28.30 20.56 -34.58
CA TYR A 239 -29.45 20.46 -33.67
C TYR A 239 -29.20 21.38 -32.48
N ASN A 240 -30.09 22.36 -32.29
CA ASN A 240 -30.07 23.22 -31.11
C ASN A 240 -28.74 23.95 -30.90
N ALA A 241 -28.06 24.27 -32.00
CA ALA A 241 -26.70 24.83 -31.95
C ALA A 241 -26.55 26.19 -32.66
N THR A 242 -27.22 26.35 -33.80
CA THR A 242 -27.19 27.62 -34.54
C THR A 242 -27.99 28.69 -33.83
N ARG A 243 -27.41 29.88 -33.67
CA ARG A 243 -28.12 31.00 -33.05
C ARG A 243 -29.17 31.57 -33.99
N VAL A 244 -30.30 32.01 -33.42
CA VAL A 244 -31.41 32.59 -34.17
C VAL A 244 -31.83 33.93 -33.54
N GLY A 245 -31.17 35.00 -33.97
CA GLY A 245 -31.46 36.34 -33.44
C GLY A 245 -31.16 36.42 -31.94
N SER A 246 -32.04 37.09 -31.20
CA SER A 246 -32.00 37.08 -29.75
C SER A 246 -33.00 36.06 -29.19
N LEU A 247 -33.81 35.48 -30.07
CA LEU A 247 -34.87 34.56 -29.67
C LEU A 247 -34.35 33.28 -29.03
N GLY A 248 -33.20 32.80 -29.52
CA GLY A 248 -32.58 31.58 -29.01
C GLY A 248 -31.80 30.85 -30.08
N TRP A 249 -31.98 29.53 -30.15
CA TRP A 249 -31.32 28.71 -31.16
C TRP A 249 -32.34 28.05 -32.07
N ALA A 250 -31.85 27.40 -33.12
CA ALA A 250 -32.71 26.66 -34.05
C ALA A 250 -32.70 25.18 -33.72
N ASN A 251 -33.87 24.64 -33.36
CA ASN A 251 -34.05 23.21 -33.12
C ASN A 251 -33.35 22.36 -34.18
N LYS A 252 -33.45 22.81 -35.43
CA LYS A 252 -32.68 22.24 -36.52
C LYS A 252 -32.37 23.35 -37.52
N ALA A 253 -31.13 23.37 -38.02
CA ALA A 253 -30.72 24.35 -39.01
C ALA A 253 -29.93 23.66 -40.11
N GLN A 254 -30.29 23.94 -41.36
CA GLN A 254 -29.58 23.39 -42.52
C GLN A 254 -28.79 24.50 -43.20
N ASN A 255 -27.48 24.52 -42.95
CA ASN A 255 -26.61 25.60 -43.38
C ASN A 255 -25.72 25.20 -44.55
N PHE A 256 -25.60 26.10 -45.52
CA PHE A 256 -24.80 25.85 -46.72
C PHE A 256 -24.15 27.13 -47.25
N GLU A 257 -22.84 27.07 -47.46
CA GLU A 257 -22.09 28.19 -48.01
C GLU A 257 -21.32 27.69 -49.23
N ALA A 258 -21.19 28.53 -50.25
CA ALA A 258 -20.45 28.19 -51.46
C ALA A 258 -19.71 29.41 -51.99
N VAL A 259 -18.46 29.22 -52.42
CA VAL A 259 -17.59 30.32 -52.85
C VAL A 259 -16.80 29.98 -54.11
N ALA A 260 -16.66 30.96 -55.00
CA ALA A 260 -15.84 30.80 -56.20
C ALA A 260 -14.99 32.05 -56.39
N GLN A 261 -13.67 31.85 -56.37
CA GLN A 261 -12.71 32.95 -56.51
C GLN A 261 -11.68 32.65 -57.59
N TYR A 262 -11.31 33.68 -58.35
CA TYR A 262 -10.22 33.57 -59.32
C TYR A 262 -9.18 34.67 -59.06
N GLN A 263 -7.90 34.29 -59.09
CA GLN A 263 -6.81 35.22 -58.83
C GLN A 263 -6.16 35.65 -60.13
N PHE A 264 -6.39 36.90 -60.53
CA PHE A 264 -5.71 37.47 -61.69
C PHE A 264 -4.28 37.84 -61.30
N ASP A 265 -3.39 37.78 -62.28
CA ASP A 265 -1.96 37.93 -62.02
C ASP A 265 -1.55 39.31 -61.53
N PHE A 266 -2.19 40.36 -62.06
CA PHE A 266 -1.86 41.73 -61.68
C PHE A 266 -2.23 42.08 -60.23
N GLY A 267 -3.28 41.45 -59.69
CA GLY A 267 -3.66 41.66 -58.29
C GLY A 267 -5.11 41.40 -57.92
N LEU A 268 -6.03 41.50 -58.88
CA LEU A 268 -7.45 41.41 -58.60
C LEU A 268 -7.91 39.98 -58.35
N ARG A 269 -8.77 39.81 -57.36
CA ARG A 269 -9.30 38.50 -56.98
C ARG A 269 -10.80 38.61 -56.71
N PRO A 270 -11.61 38.60 -57.79
CA PRO A 270 -13.05 38.69 -57.61
C PRO A 270 -13.63 37.41 -57.01
N PHE A 271 -14.78 37.55 -56.36
CA PHE A 271 -15.45 36.40 -55.74
C PHE A 271 -16.95 36.46 -55.95
N LEU A 272 -17.59 35.30 -55.81
CA LEU A 272 -19.02 35.18 -55.96
C LEU A 272 -19.47 34.10 -55.00
N ALA A 273 -19.85 34.52 -53.80
CA ALA A 273 -20.21 33.62 -52.73
C ALA A 273 -21.73 33.55 -52.55
N TYR A 274 -22.17 32.51 -51.86
CA TYR A 274 -23.59 32.34 -51.56
C TYR A 274 -23.74 31.61 -50.23
N LEU A 275 -24.64 32.12 -49.39
CA LEU A 275 -24.90 31.54 -48.08
C LEU A 275 -26.38 31.24 -47.87
N GLN A 276 -26.65 30.38 -46.89
CA GLN A 276 -28.00 29.91 -46.60
C GLN A 276 -28.00 29.26 -45.21
N SER A 277 -29.02 29.57 -44.43
CA SER A 277 -29.22 28.95 -43.11
C SER A 277 -30.69 28.68 -42.89
N LYS A 278 -31.20 27.63 -43.53
CA LYS A 278 -32.61 27.25 -43.41
C LYS A 278 -32.90 26.61 -42.05
N GLY A 279 -33.74 27.27 -41.25
CA GLY A 279 -34.13 26.76 -39.93
C GLY A 279 -35.44 26.00 -39.99
N LYS A 280 -35.38 24.69 -39.70
CA LYS A 280 -36.55 23.81 -39.80
C LYS A 280 -37.32 23.77 -38.47
N ASN A 281 -38.62 23.46 -38.56
CA ASN A 281 -39.58 23.58 -37.46
C ASN A 281 -38.96 24.05 -36.14
N LEU A 282 -38.84 25.37 -36.00
CA LEU A 282 -38.21 26.00 -34.84
C LEU A 282 -39.15 26.02 -33.64
N GLY A 283 -40.45 26.05 -33.90
CA GLY A 283 -41.48 26.07 -32.85
C GLY A 283 -41.77 27.47 -32.38
N ARG A 284 -42.77 27.60 -31.51
CA ARG A 284 -43.15 28.90 -30.93
C ARG A 284 -43.70 29.85 -32.00
N GLY A 285 -44.47 29.30 -32.94
CA GLY A 285 -45.19 30.09 -33.94
C GLY A 285 -44.30 30.74 -34.99
N TYR A 286 -43.41 29.94 -35.58
CA TYR A 286 -42.55 30.40 -36.68
C TYR A 286 -42.45 29.33 -37.77
N ASP A 287 -42.00 28.14 -37.35
CA ASP A 287 -41.84 26.98 -38.24
C ASP A 287 -40.68 27.21 -39.23
N ASP A 288 -40.76 26.63 -40.42
CA ASP A 288 -39.63 26.63 -41.36
C ASP A 288 -39.35 28.01 -41.96
N GLU A 289 -38.45 28.75 -41.32
CA GLU A 289 -38.04 30.08 -41.79
C GLU A 289 -36.53 30.09 -42.03
N ASP A 290 -36.09 31.03 -42.86
CA ASP A 290 -34.65 31.19 -43.15
C ASP A 290 -33.99 32.09 -42.11
N ILE A 291 -32.93 31.59 -41.49
CA ILE A 291 -32.17 32.34 -40.48
C ILE A 291 -31.17 33.29 -41.15
N LEU A 292 -30.66 32.88 -42.31
CA LEU A 292 -29.80 33.73 -43.11
C LEU A 292 -29.75 33.28 -44.57
N LYS A 293 -29.61 34.24 -45.47
CA LYS A 293 -29.55 33.97 -46.90
C LYS A 293 -29.07 35.22 -47.61
N TYR A 294 -27.91 35.14 -48.24
CA TYR A 294 -27.43 36.22 -49.10
C TYR A 294 -26.41 35.77 -50.14
N VAL A 295 -26.46 36.43 -51.29
CA VAL A 295 -25.42 36.31 -52.30
C VAL A 295 -24.43 37.43 -52.03
N ASP A 296 -23.15 37.13 -52.23
CA ASP A 296 -22.08 38.06 -51.89
C ASP A 296 -21.06 38.15 -53.04
N VAL A 297 -20.92 39.33 -53.65
CA VAL A 297 -20.00 39.52 -54.77
C VAL A 297 -19.20 40.81 -54.63
N GLY A 298 -17.87 40.71 -54.77
CA GLY A 298 -16.98 41.87 -54.76
C GLY A 298 -15.65 41.53 -55.41
N ALA A 299 -14.55 42.05 -54.84
CA ALA A 299 -13.20 41.70 -55.29
C ALA A 299 -12.15 42.34 -54.39
N THR A 300 -11.15 41.54 -54.02
CA THR A 300 -9.97 42.05 -53.34
C THR A 300 -8.90 42.36 -54.38
N TYR A 301 -8.25 43.51 -54.25
CA TYR A 301 -7.06 43.80 -55.04
C TYR A 301 -5.85 43.70 -54.12
N TYR A 302 -4.82 43.02 -54.59
CA TYR A 302 -3.60 42.83 -53.81
C TYR A 302 -2.48 43.62 -54.44
N PHE A 303 -2.14 44.74 -53.81
CA PHE A 303 -0.93 45.47 -54.17
C PHE A 303 0.25 44.52 -53.98
N ASN A 304 0.33 43.95 -52.78
CA ASN A 304 1.31 42.93 -52.45
C ASN A 304 0.88 42.19 -51.17
N LYS A 305 1.80 41.47 -50.55
CA LYS A 305 1.48 40.70 -49.34
C LYS A 305 1.36 41.57 -48.09
N ASN A 306 1.61 42.87 -48.22
CA ASN A 306 1.50 43.79 -47.08
C ASN A 306 0.35 44.78 -47.18
N MET A 307 0.03 45.20 -48.40
CA MET A 307 -1.05 46.14 -48.62
C MET A 307 -2.12 45.49 -49.49
N SER A 308 -3.38 45.79 -49.19
CA SER A 308 -4.49 45.32 -50.00
C SER A 308 -5.67 46.28 -49.87
N THR A 309 -6.59 46.21 -50.82
CA THR A 309 -7.83 46.98 -50.73
C THR A 309 -8.96 46.19 -51.41
N TYR A 310 -10.20 46.40 -50.96
CA TYR A 310 -11.31 45.60 -51.46
C TYR A 310 -12.70 46.24 -51.34
N VAL A 311 -13.60 45.75 -52.18
CA VAL A 311 -15.02 46.01 -52.08
C VAL A 311 -15.71 44.67 -51.82
N ASP A 312 -16.75 44.70 -50.99
CA ASP A 312 -17.50 43.50 -50.61
C ASP A 312 -18.98 43.83 -50.50
N TYR A 313 -19.80 43.21 -51.34
CA TYR A 313 -21.23 43.57 -51.51
C TYR A 313 -22.13 42.47 -50.98
N LYS A 314 -22.69 42.65 -49.78
CA LYS A 314 -23.68 41.70 -49.26
C LYS A 314 -25.04 42.01 -49.87
N ILE A 315 -25.54 41.09 -50.70
CA ILE A 315 -26.88 41.20 -51.29
C ILE A 315 -27.83 40.33 -50.47
N ASN A 316 -28.46 40.93 -49.46
CA ASN A 316 -29.27 40.17 -48.49
C ASN A 316 -30.61 39.78 -49.08
N LEU A 317 -30.79 38.48 -49.32
CA LEU A 317 -32.01 37.96 -49.94
C LEU A 317 -33.15 37.73 -48.94
N LEU A 318 -32.90 37.97 -47.66
CA LEU A 318 -33.92 37.84 -46.62
C LEU A 318 -35.02 38.89 -46.79
N ASP A 319 -36.27 38.45 -46.65
CA ASP A 319 -37.41 39.36 -46.65
C ASP A 319 -37.67 39.86 -45.24
N ASP A 320 -38.28 41.04 -45.14
CA ASP A 320 -38.63 41.61 -43.85
C ASP A 320 -39.96 41.04 -43.36
N ASN A 321 -39.94 40.38 -42.21
CA ASN A 321 -41.13 39.77 -41.62
C ASN A 321 -40.97 39.57 -40.11
N ARG A 322 -42.02 39.08 -39.46
CA ARG A 322 -42.04 38.92 -37.99
C ARG A 322 -40.83 38.14 -37.47
N PHE A 323 -40.53 37.01 -38.09
CA PHE A 323 -39.37 36.19 -37.71
C PHE A 323 -38.07 36.97 -37.85
N THR A 324 -37.97 37.75 -38.93
CA THR A 324 -36.78 38.56 -39.20
C THR A 324 -36.82 39.93 -38.50
N ARG A 325 -37.81 40.13 -37.63
CA ARG A 325 -37.91 41.34 -36.81
C ARG A 325 -37.86 40.98 -35.33
N ASP A 326 -38.70 40.04 -34.90
CA ASP A 326 -38.66 39.51 -33.53
C ASP A 326 -37.26 39.03 -33.17
N ALA A 327 -36.64 38.27 -34.08
CA ALA A 327 -35.27 37.81 -33.92
C ALA A 327 -34.28 38.98 -34.07
N GLY A 328 -34.66 39.95 -34.88
CA GLY A 328 -33.83 41.15 -35.09
C GLY A 328 -32.69 40.85 -36.05
N ILE A 329 -33.00 40.15 -37.13
CA ILE A 329 -32.02 39.76 -38.13
C ILE A 329 -32.00 40.75 -39.30
N ASN A 330 -30.89 41.46 -39.46
CA ASN A 330 -30.71 42.43 -40.55
C ASN A 330 -31.15 41.86 -41.89
N THR A 331 -32.21 42.45 -42.45
CA THR A 331 -32.71 42.07 -43.78
C THR A 331 -32.16 42.99 -44.89
N ASP A 332 -31.35 43.97 -44.49
CA ASP A 332 -30.84 44.99 -45.41
C ASP A 332 -29.50 44.59 -46.02
N ASP A 333 -29.16 45.28 -47.11
CA ASP A 333 -27.88 45.09 -47.77
C ASP A 333 -26.76 45.80 -47.00
N ILE A 334 -25.53 45.33 -47.20
CA ILE A 334 -24.33 46.02 -46.72
C ILE A 334 -23.23 45.97 -47.77
N VAL A 335 -22.49 47.06 -47.91
CA VAL A 335 -21.33 47.11 -48.78
C VAL A 335 -20.14 47.61 -47.98
N ALA A 336 -19.06 46.83 -47.99
CA ALA A 336 -17.85 47.15 -47.25
C ALA A 336 -16.76 47.64 -48.20
N LEU A 337 -16.08 48.72 -47.81
CA LEU A 337 -14.92 49.22 -48.54
C LEU A 337 -13.67 49.18 -47.64
N GLY A 338 -12.84 48.16 -47.85
CA GLY A 338 -11.66 47.94 -47.04
C GLY A 338 -10.38 48.42 -47.71
N LEU A 339 -9.45 48.93 -46.89
CA LEU A 339 -8.11 49.32 -47.34
C LEU A 339 -7.20 48.94 -46.20
N VAL A 340 -6.31 47.98 -46.45
CA VAL A 340 -5.65 47.25 -45.36
C VAL A 340 -4.16 47.10 -45.50
N TYR A 341 -3.40 47.73 -44.60
CA TYR A 341 -1.96 47.42 -44.40
C TYR A 341 -1.81 46.29 -43.40
N GLN A 342 -0.79 45.46 -43.58
CA GLN A 342 -0.47 44.42 -42.60
C GLN A 342 0.98 44.05 -42.61
N PHE A 343 1.38 43.22 -41.66
CA PHE A 343 2.78 42.90 -41.49
C PHE A 343 2.91 41.57 -40.77
N ALA B 1 11.01 52.27 -32.72
CA ALA B 1 12.31 51.74 -33.23
C ALA B 1 12.13 50.61 -34.25
N GLU B 2 12.67 50.81 -35.46
CA GLU B 2 12.47 49.89 -36.59
C GLU B 2 13.02 48.51 -36.29
N ILE B 3 12.14 47.54 -36.07
CA ILE B 3 12.56 46.21 -35.68
C ILE B 3 12.39 45.22 -36.81
N TYR B 4 11.96 45.70 -37.98
CA TYR B 4 11.83 44.83 -39.15
C TYR B 4 12.01 45.60 -40.43
N ASN B 5 12.93 45.16 -41.27
CA ASN B 5 13.15 45.81 -42.55
C ASN B 5 13.72 44.78 -43.50
N LYS B 6 12.87 44.36 -44.44
CA LYS B 6 13.16 43.18 -45.24
C LYS B 6 12.19 43.08 -46.39
N ASP B 7 12.73 42.77 -47.56
CA ASP B 7 11.94 42.65 -48.77
C ASP B 7 10.91 43.77 -48.86
N GLY B 8 11.36 45.02 -48.67
CA GLY B 8 10.53 46.19 -48.95
C GLY B 8 9.44 46.56 -47.96
N ASN B 9 8.95 45.59 -47.20
CA ASN B 9 8.16 45.93 -46.02
C ASN B 9 9.09 46.30 -44.88
N LYS B 10 8.77 47.38 -44.17
CA LYS B 10 9.45 47.69 -42.92
C LYS B 10 8.46 48.08 -41.84
N LEU B 11 8.77 47.68 -40.61
CA LEU B 11 7.89 47.90 -39.48
C LEU B 11 8.66 48.51 -38.31
N ASP B 12 8.21 49.68 -37.88
CA ASP B 12 8.78 50.35 -36.73
C ASP B 12 7.80 50.25 -35.59
N LEU B 13 8.24 49.61 -34.51
CA LEU B 13 7.43 49.40 -33.31
C LEU B 13 7.93 50.35 -32.22
N TYR B 14 7.06 51.24 -31.78
CA TYR B 14 7.49 52.37 -30.96
C TYR B 14 6.55 52.62 -29.80
N GLY B 15 7.07 53.26 -28.77
CA GLY B 15 6.26 53.58 -27.60
C GLY B 15 7.05 54.30 -26.52
N LYS B 16 6.38 54.58 -25.40
CA LYS B 16 7.03 55.24 -24.28
C LYS B 16 6.35 54.98 -22.96
N VAL B 17 7.13 55.06 -21.89
CA VAL B 17 6.60 55.09 -20.54
C VAL B 17 6.87 56.49 -19.99
N GLU B 18 5.80 57.21 -19.71
CA GLU B 18 5.89 58.57 -19.22
C GLU B 18 5.57 58.57 -17.76
N GLY B 19 6.59 58.62 -16.93
CA GLY B 19 6.42 58.73 -15.48
C GLY B 19 6.02 60.15 -15.14
N LEU B 20 4.72 60.37 -15.04
CA LEU B 20 4.16 61.72 -14.92
C LEU B 20 3.44 61.88 -13.59
N HIS B 21 3.57 63.06 -12.99
CA HIS B 21 2.87 63.37 -11.75
C HIS B 21 2.40 64.83 -11.73
N TYR B 22 1.10 65.01 -11.59
CA TYR B 22 0.52 66.34 -11.51
C TYR B 22 0.55 66.83 -10.07
N PHE B 23 0.91 68.10 -9.90
CA PHE B 23 0.73 68.80 -8.64
C PHE B 23 -0.25 69.92 -8.88
N SER B 24 -1.15 70.14 -7.92
CA SER B 24 -2.21 71.15 -8.06
C SER B 24 -2.93 71.39 -6.74
N ASP B 25 -3.54 72.56 -6.63
CA ASP B 25 -4.50 72.81 -5.56
C ASP B 25 -5.79 72.03 -5.81
N ASN B 26 -6.13 71.85 -7.10
CA ASN B 26 -7.27 71.03 -7.49
C ASN B 26 -6.99 69.55 -7.23
N ASP B 27 -7.84 68.91 -6.42
CA ASP B 27 -7.69 67.50 -6.08
C ASP B 27 -7.98 66.59 -7.28
N SER B 28 -8.88 67.03 -8.17
CA SER B 28 -9.22 66.26 -9.36
C SER B 28 -8.10 66.26 -10.41
N LYS B 29 -7.26 67.29 -10.37
CA LYS B 29 -6.12 67.42 -11.28
C LYS B 29 -4.80 67.29 -10.50
N ASP B 30 -4.76 66.34 -9.57
CA ASP B 30 -3.59 66.13 -8.71
C ASP B 30 -3.39 64.63 -8.45
N GLY B 31 -2.17 64.16 -8.64
CA GLY B 31 -1.82 62.76 -8.39
C GLY B 31 -0.95 62.16 -9.48
N ASP B 32 -0.83 60.84 -9.47
CA ASP B 32 -0.09 60.11 -10.50
C ASP B 32 -0.86 60.17 -11.81
N LYS B 33 -0.18 60.62 -12.87
CA LYS B 33 -0.75 60.63 -14.22
C LYS B 33 0.10 59.78 -15.16
N THR B 34 0.72 58.74 -14.60
CA THR B 34 1.60 57.86 -15.34
C THR B 34 0.83 57.10 -16.41
N TYR B 35 1.37 57.12 -17.62
CA TYR B 35 0.76 56.43 -18.76
C TYR B 35 1.81 55.93 -19.70
N MET B 36 1.35 55.17 -20.68
CA MET B 36 2.23 54.46 -21.59
C MET B 36 1.57 54.39 -22.96
N ARG B 37 2.37 54.47 -24.02
CA ARG B 37 1.86 54.33 -25.37
C ARG B 37 2.64 53.26 -26.09
N LEU B 38 2.00 52.69 -27.09
CA LEU B 38 2.58 51.64 -27.91
C LEU B 38 1.94 51.73 -29.26
N GLY B 39 2.73 51.73 -30.31
CA GLY B 39 2.19 51.79 -31.67
C GLY B 39 3.10 51.15 -32.70
N PHE B 40 2.65 51.10 -33.94
CA PHE B 40 3.58 50.80 -35.04
C PHE B 40 3.27 51.66 -36.25
N LYS B 41 4.32 52.17 -36.89
CA LYS B 41 4.22 52.74 -38.22
C LYS B 41 4.68 51.62 -39.12
N GLY B 42 3.91 51.33 -40.15
CA GLY B 42 4.26 50.29 -41.12
C GLY B 42 4.38 50.91 -42.50
N GLU B 43 5.00 50.18 -43.40
CA GLU B 43 5.28 50.70 -44.73
C GLU B 43 5.67 49.56 -45.66
N THR B 44 5.15 49.58 -46.89
CA THR B 44 5.54 48.60 -47.91
C THR B 44 5.73 49.29 -49.27
N GLN B 45 6.83 48.97 -49.95
CA GLN B 45 7.00 49.41 -51.34
C GLN B 45 6.18 48.52 -52.26
N VAL B 46 5.35 49.14 -53.09
CA VAL B 46 4.58 48.43 -54.10
C VAL B 46 5.28 48.62 -55.43
N THR B 47 5.65 49.86 -55.72
CA THR B 47 6.36 50.24 -56.94
C THR B 47 7.35 51.37 -56.69
N ASP B 48 8.05 51.80 -57.76
CA ASP B 48 8.86 53.02 -57.73
C ASP B 48 8.09 54.15 -57.10
N GLN B 49 6.86 54.28 -57.54
CA GLN B 49 6.05 55.43 -57.24
C GLN B 49 5.16 55.12 -56.04
N LEU B 50 4.44 54.01 -56.12
CA LEU B 50 3.44 53.68 -55.10
C LEU B 50 4.04 53.02 -53.87
N THR B 51 3.63 53.50 -52.70
CA THR B 51 4.03 52.95 -51.42
C THR B 51 2.83 52.89 -50.54
N GLY B 52 2.62 51.76 -49.86
CA GLY B 52 1.45 51.58 -48.98
C GLY B 52 1.88 51.55 -47.53
N TYR B 53 1.03 52.05 -46.63
CA TYR B 53 1.39 52.17 -45.21
C TYR B 53 0.24 51.92 -44.27
N GLY B 54 0.60 51.48 -43.07
CA GLY B 54 -0.33 51.39 -41.95
C GLY B 54 0.22 52.12 -40.75
N GLN B 55 -0.63 52.42 -39.78
CA GLN B 55 -0.18 53.03 -38.55
C GLN B 55 -1.18 52.88 -37.42
N TRP B 56 -0.65 52.55 -36.24
CA TRP B 56 -1.44 52.30 -35.04
C TRP B 56 -0.77 52.96 -33.83
N GLU B 57 -1.58 53.33 -32.83
CA GLU B 57 -1.04 53.84 -31.59
C GLU B 57 -2.09 53.75 -30.50
N TYR B 58 -1.75 53.03 -29.43
CA TYR B 58 -2.63 52.83 -28.28
C TYR B 58 -2.05 53.61 -27.11
N GLN B 59 -2.90 53.97 -26.17
CA GLN B 59 -2.47 54.59 -24.93
C GLN B 59 -3.11 53.84 -23.79
N ILE B 60 -2.31 53.47 -22.80
CA ILE B 60 -2.76 52.69 -21.66
C ILE B 60 -2.32 53.38 -20.37
N GLN B 61 -3.28 53.75 -19.54
CA GLN B 61 -2.95 54.42 -18.29
C GLN B 61 -2.22 53.48 -17.31
N GLY B 62 -1.20 54.01 -16.63
CA GLY B 62 -0.46 53.28 -15.60
C GLY B 62 -0.55 53.95 -14.23
N ASN B 63 -1.62 54.72 -14.03
CA ASN B 63 -1.92 55.33 -12.74
C ASN B 63 -3.07 54.61 -12.06
N GLU B 64 -3.55 53.54 -12.69
CA GLU B 64 -4.74 52.83 -12.24
C GLU B 64 -4.44 51.39 -11.81
N PRO B 65 -5.26 50.84 -10.88
CA PRO B 65 -5.06 49.55 -10.24
C PRO B 65 -5.60 48.36 -11.03
N GLU B 66 -5.40 47.16 -10.51
CA GLU B 66 -5.66 45.94 -11.28
C GLU B 66 -7.10 45.73 -11.76
N SER B 67 -8.07 46.41 -11.16
CA SER B 67 -9.46 46.29 -11.61
C SER B 67 -9.69 47.08 -12.91
N ASP B 68 -10.06 48.35 -12.78
CA ASP B 68 -10.21 49.22 -13.96
C ASP B 68 -8.84 49.59 -14.49
N ASN B 69 -8.68 49.57 -15.80
CA ASN B 69 -7.47 50.09 -16.44
C ASN B 69 -7.80 50.68 -17.81
N SER B 70 -8.17 51.96 -17.78
CA SER B 70 -8.62 52.66 -18.98
C SER B 70 -7.48 52.87 -20.00
N SER B 71 -7.83 52.70 -21.27
CA SER B 71 -6.87 52.67 -22.37
C SER B 71 -7.61 52.75 -23.70
N TRP B 72 -6.99 53.30 -24.73
CA TRP B 72 -7.70 53.55 -25.98
C TRP B 72 -6.82 53.68 -27.20
N THR B 73 -7.39 53.43 -28.38
CA THR B 73 -6.70 53.69 -29.63
C THR B 73 -6.65 55.20 -29.86
N ARG B 74 -5.52 55.68 -30.34
CA ARG B 74 -5.34 57.10 -30.60
C ARG B 74 -5.44 57.36 -32.08
N VAL B 75 -4.62 56.65 -32.86
CA VAL B 75 -4.75 56.68 -34.32
C VAL B 75 -4.64 55.26 -34.84
N ALA B 76 -5.45 54.94 -35.84
CA ALA B 76 -5.41 53.64 -36.50
C ALA B 76 -5.87 53.84 -37.93
N PHE B 77 -4.94 53.79 -38.90
CA PHE B 77 -5.30 54.00 -40.30
C PHE B 77 -4.38 53.30 -41.27
N ALA B 78 -4.96 52.96 -42.42
CA ALA B 78 -4.22 52.39 -43.54
C ALA B 78 -4.38 53.30 -44.75
N GLY B 79 -3.42 53.22 -45.69
CA GLY B 79 -3.47 54.05 -46.88
C GLY B 79 -2.32 53.89 -47.86
N LEU B 80 -2.53 54.42 -49.07
CA LEU B 80 -1.56 54.39 -50.15
C LEU B 80 -0.95 55.78 -50.42
N LYS B 81 0.17 55.79 -51.14
CA LYS B 81 0.87 57.03 -51.47
C LYS B 81 1.65 56.89 -52.78
N PHE B 82 1.33 57.76 -53.75
CA PHE B 82 1.97 57.75 -55.05
C PHE B 82 2.82 59.01 -55.22
N GLN B 83 4.03 58.81 -55.72
CA GLN B 83 5.01 59.88 -55.88
C GLN B 83 4.42 61.05 -56.65
N ASP B 84 4.63 62.27 -56.15
CA ASP B 84 4.25 63.52 -56.83
C ASP B 84 2.75 63.66 -57.18
N VAL B 85 1.91 62.81 -56.60
CA VAL B 85 0.47 62.88 -56.82
C VAL B 85 -0.22 63.18 -55.50
N GLY B 86 0.01 62.33 -54.50
CA GLY B 86 -0.53 62.54 -53.16
C GLY B 86 -0.63 61.27 -52.32
N SER B 87 -1.48 61.30 -51.30
CA SER B 87 -1.67 60.16 -50.39
C SER B 87 -3.07 60.16 -49.82
N PHE B 88 -3.60 58.96 -49.53
CA PHE B 88 -4.97 58.82 -49.06
C PHE B 88 -5.08 57.74 -47.99
N ASP B 89 -5.56 58.12 -46.80
CA ASP B 89 -5.60 57.20 -45.67
C ASP B 89 -6.88 57.29 -44.83
N TYR B 90 -7.60 56.16 -44.78
CA TYR B 90 -8.86 56.06 -44.04
C TYR B 90 -8.74 55.34 -42.69
N GLY B 91 -9.28 55.98 -41.65
CA GLY B 91 -9.28 55.42 -40.29
C GLY B 91 -9.25 56.52 -39.24
N ARG B 92 -9.14 56.14 -37.97
CA ARG B 92 -8.93 57.10 -36.91
C ARG B 92 -7.57 57.77 -37.08
N ASN B 93 -7.59 59.09 -37.24
CA ASN B 93 -6.41 59.86 -37.60
C ASN B 93 -6.53 61.25 -36.97
N TYR B 94 -5.69 62.19 -37.37
CA TYR B 94 -5.86 63.58 -36.98
C TYR B 94 -6.75 64.28 -38.01
N GLY B 95 -7.68 65.10 -37.53
CA GLY B 95 -8.44 66.01 -38.39
C GLY B 95 -7.52 67.00 -39.09
N VAL B 96 -7.98 67.53 -40.21
CA VAL B 96 -7.15 68.38 -41.08
C VAL B 96 -6.78 69.73 -40.44
N VAL B 97 -7.66 70.24 -39.59
CA VAL B 97 -7.36 71.46 -38.87
C VAL B 97 -6.02 71.37 -38.16
N TYR B 98 -5.78 70.23 -37.52
CA TYR B 98 -4.54 70.02 -36.75
C TYR B 98 -3.29 70.42 -37.52
N ASP B 99 -3.31 70.21 -38.84
CA ASP B 99 -2.21 70.61 -39.72
C ASP B 99 -1.61 71.97 -39.32
N VAL B 100 -2.47 72.96 -39.08
CA VAL B 100 -2.00 74.28 -38.66
C VAL B 100 -1.91 74.36 -37.14
N THR B 101 -3.04 74.12 -36.46
CA THR B 101 -3.15 74.32 -35.01
C THR B 101 -2.13 73.53 -34.16
N SER B 102 -1.60 72.44 -34.72
CA SER B 102 -0.61 71.63 -34.04
C SER B 102 0.73 72.35 -33.82
N TRP B 103 0.97 73.42 -34.58
CA TRP B 103 2.21 74.18 -34.45
C TRP B 103 2.38 74.83 -33.08
N THR B 104 1.29 74.96 -32.34
CA THR B 104 1.34 75.44 -30.96
C THR B 104 1.25 74.29 -29.94
N ASP B 105 1.12 73.05 -30.43
CA ASP B 105 0.99 71.87 -29.57
C ASP B 105 2.37 71.26 -29.33
N VAL B 106 3.28 72.09 -28.80
CA VAL B 106 4.68 71.74 -28.73
C VAL B 106 5.18 71.67 -27.28
N LEU B 107 4.26 71.77 -26.33
CA LEU B 107 4.61 71.78 -24.91
C LEU B 107 4.61 70.34 -24.44
N PRO B 108 5.32 70.07 -23.34
CA PRO B 108 5.55 68.68 -22.93
C PRO B 108 4.34 67.94 -22.35
N GLU B 109 3.33 68.67 -21.89
CA GLU B 109 2.15 68.04 -21.27
C GLU B 109 0.88 68.85 -21.50
N PHE B 110 0.91 70.11 -21.10
CA PHE B 110 -0.22 71.01 -21.30
C PHE B 110 -0.14 71.61 -22.69
N GLY B 111 -0.92 72.66 -22.96
CA GLY B 111 -0.91 73.28 -24.28
C GLY B 111 -1.73 72.48 -25.27
N GLY B 112 -2.00 73.10 -26.42
CA GLY B 112 -2.83 72.50 -27.46
C GLY B 112 -4.14 71.93 -26.92
N ASP B 113 -4.85 72.73 -26.14
CA ASP B 113 -6.12 72.30 -25.52
C ASP B 113 -7.26 73.29 -25.73
N THR B 114 -7.24 74.01 -26.85
CA THR B 114 -8.42 74.77 -27.32
C THR B 114 -9.28 73.86 -28.22
N TYR B 115 -8.86 72.60 -28.32
CA TYR B 115 -9.59 71.55 -29.00
C TYR B 115 -9.52 70.28 -28.15
N ASP B 116 -10.50 69.40 -28.30
CA ASP B 116 -10.54 68.13 -27.57
C ASP B 116 -10.37 66.97 -28.53
N SER B 117 -10.31 65.75 -28.00
CA SER B 117 -10.28 64.55 -28.84
C SER B 117 -11.69 64.17 -29.28
N ASP B 118 -11.81 63.73 -30.54
CA ASP B 118 -13.12 63.45 -31.16
C ASP B 118 -13.98 64.71 -31.17
N ASN B 119 -13.35 65.85 -31.42
CA ASN B 119 -14.03 67.14 -31.38
C ASN B 119 -14.27 67.67 -32.79
N PHE B 120 -15.03 66.90 -33.57
CA PHE B 120 -15.22 67.13 -35.00
C PHE B 120 -13.89 66.91 -35.74
N MET B 121 -13.54 67.80 -36.68
CA MET B 121 -12.30 67.67 -37.46
C MET B 121 -11.14 68.48 -36.84
N GLN B 122 -11.19 68.72 -35.53
CA GLN B 122 -10.22 69.62 -34.86
C GLN B 122 -8.93 68.96 -34.39
N GLN B 123 -9.00 67.67 -34.06
CA GLN B 123 -7.82 66.90 -33.62
C GLN B 123 -8.00 65.41 -33.94
N HIS B 124 -7.81 64.52 -32.96
CA HIS B 124 -8.06 63.09 -33.18
C HIS B 124 -9.49 62.88 -33.61
N GLY B 125 -9.75 61.78 -34.29
CA GLY B 125 -11.11 61.46 -34.69
C GLY B 125 -11.25 60.21 -35.53
N ASN B 126 -12.42 59.58 -35.45
CA ASN B 126 -12.73 58.37 -36.20
C ASN B 126 -13.21 58.66 -37.63
N GLY B 127 -12.82 57.79 -38.56
CA GLY B 127 -13.37 57.80 -39.90
C GLY B 127 -13.03 59.00 -40.75
N PHE B 128 -11.78 59.45 -40.69
CA PHE B 128 -11.28 60.47 -41.60
C PHE B 128 -10.78 59.84 -42.90
N ALA B 129 -11.36 60.24 -44.02
CA ALA B 129 -10.75 60.00 -45.33
C ALA B 129 -9.97 61.28 -45.68
N THR B 130 -8.67 61.14 -45.89
CA THR B 130 -7.76 62.29 -45.99
C THR B 130 -6.86 62.20 -47.22
N TYR B 131 -7.07 63.12 -48.17
CA TYR B 131 -6.11 63.32 -49.26
C TYR B 131 -5.09 64.34 -48.81
N ARG B 132 -3.82 64.10 -49.14
CA ARG B 132 -2.74 65.05 -48.86
C ARG B 132 -1.82 65.16 -50.06
N ASN B 133 -1.15 66.30 -50.20
CA ASN B 133 -0.23 66.52 -51.32
C ASN B 133 0.98 67.34 -50.90
N THR B 134 2.15 66.70 -50.82
CA THR B 134 3.40 67.35 -50.41
C THR B 134 4.13 68.00 -51.61
N ASP B 135 4.68 69.19 -51.38
CA ASP B 135 5.42 69.96 -52.37
C ASP B 135 4.63 70.23 -53.66
N PHE B 136 3.31 70.36 -53.52
CA PHE B 136 2.41 70.64 -54.63
C PHE B 136 2.77 69.89 -55.91
N PHE B 137 2.55 68.58 -55.90
CA PHE B 137 2.84 67.72 -57.05
C PHE B 137 4.31 67.78 -57.49
N GLY B 138 5.20 67.99 -56.53
CA GLY B 138 6.64 68.07 -56.77
C GLY B 138 7.10 69.28 -57.56
N LEU B 139 6.27 70.32 -57.61
CA LEU B 139 6.56 71.52 -58.39
C LEU B 139 7.02 72.66 -57.49
N VAL B 140 6.24 72.96 -56.45
CA VAL B 140 6.63 73.97 -55.47
C VAL B 140 7.19 73.31 -54.22
N ASP B 141 8.51 73.30 -54.12
CA ASP B 141 9.18 72.69 -52.96
C ASP B 141 8.87 73.53 -51.72
N GLY B 142 7.81 73.14 -51.00
CA GLY B 142 7.41 73.84 -49.79
C GLY B 142 5.91 73.87 -49.54
N LEU B 143 5.12 73.92 -50.61
CA LEU B 143 3.67 74.06 -50.50
C LEU B 143 2.97 72.71 -50.36
N ASP B 144 2.50 72.41 -49.15
CA ASP B 144 1.74 71.20 -48.87
C ASP B 144 0.27 71.54 -48.63
N PHE B 145 -0.64 70.61 -48.91
CA PHE B 145 -2.06 70.81 -48.62
C PHE B 145 -2.84 69.51 -48.41
N ALA B 146 -4.11 69.62 -48.04
CA ALA B 146 -4.95 68.45 -47.78
C ALA B 146 -6.44 68.71 -47.99
N VAL B 147 -7.19 67.66 -48.36
CA VAL B 147 -8.65 67.73 -48.52
C VAL B 147 -9.31 66.56 -47.80
N GLN B 148 -9.96 66.85 -46.67
CA GLN B 148 -10.41 65.82 -45.74
C GLN B 148 -11.92 65.70 -45.62
N TYR B 149 -12.41 64.48 -45.49
CA TYR B 149 -13.81 64.21 -45.26
C TYR B 149 -13.95 63.34 -44.01
N GLN B 150 -14.99 63.57 -43.22
CA GLN B 150 -15.26 62.77 -42.03
C GLN B 150 -16.70 62.31 -42.04
N GLY B 151 -16.92 61.00 -42.01
CA GLY B 151 -18.27 60.44 -42.02
C GLY B 151 -19.03 60.69 -40.72
N LYS B 152 -20.37 60.65 -40.79
CA LYS B 152 -21.21 60.90 -39.62
C LYS B 152 -20.89 59.90 -38.52
N ASN B 153 -20.77 60.39 -37.29
CA ASN B 153 -20.48 59.57 -36.12
C ASN B 153 -21.43 59.94 -34.99
N GLY B 154 -22.62 59.36 -35.07
CA GLY B 154 -23.73 59.73 -34.19
C GLY B 154 -23.85 58.88 -32.94
N SER B 155 -25.08 58.56 -32.57
CA SER B 155 -25.35 57.85 -31.31
C SER B 155 -25.64 56.37 -31.53
N ALA B 156 -25.74 55.63 -30.42
CA ALA B 156 -26.03 54.20 -30.45
C ALA B 156 -27.54 53.90 -30.40
N HIS B 157 -28.37 54.91 -30.08
CA HIS B 157 -29.81 54.71 -29.90
C HIS B 157 -30.63 55.28 -31.05
N GLY B 158 -31.00 54.43 -32.00
CA GLY B 158 -32.01 54.73 -33.02
C GLY B 158 -31.85 56.00 -33.84
N GLU B 159 -32.22 57.14 -33.24
CA GLU B 159 -32.28 58.44 -33.94
C GLU B 159 -30.89 59.06 -34.13
N GLY B 160 -30.46 59.20 -35.38
CA GLY B 160 -29.14 59.74 -35.71
C GLY B 160 -28.02 58.74 -35.44
N MET B 161 -28.25 57.49 -35.85
CA MET B 161 -27.42 56.36 -35.44
C MET B 161 -26.40 55.98 -36.48
N THR B 162 -25.25 55.52 -36.00
CA THR B 162 -24.23 54.86 -36.82
C THR B 162 -23.81 53.56 -36.14
N THR B 163 -23.10 52.70 -36.88
CA THR B 163 -22.63 51.41 -36.34
C THR B 163 -21.61 51.61 -35.21
N ASN B 164 -20.88 52.72 -35.26
CA ASN B 164 -19.86 53.05 -34.25
C ASN B 164 -20.32 54.10 -33.24
N GLY B 165 -21.63 54.34 -33.18
CA GLY B 165 -22.18 55.45 -32.42
C GLY B 165 -21.80 55.50 -30.95
N ARG B 166 -21.66 56.71 -30.43
CA ARG B 166 -21.29 56.94 -29.03
C ARG B 166 -22.41 57.70 -28.31
N ASP B 167 -22.72 57.28 -27.08
CA ASP B 167 -23.78 57.93 -26.32
C ASP B 167 -23.34 59.28 -25.72
N ASP B 168 -22.03 59.55 -25.72
CA ASP B 168 -21.51 60.88 -25.40
C ASP B 168 -21.80 61.80 -26.57
N VAL B 169 -22.11 63.05 -26.28
CA VAL B 169 -22.54 64.00 -27.29
C VAL B 169 -21.40 64.81 -27.89
N PHE B 170 -20.41 65.15 -27.06
CA PHE B 170 -19.27 65.95 -27.52
C PHE B 170 -18.35 65.17 -28.46
N GLU B 171 -18.33 63.85 -28.27
CA GLU B 171 -17.57 62.96 -29.13
C GLU B 171 -18.26 62.76 -30.48
N GLN B 172 -19.56 63.03 -30.56
CA GLN B 172 -20.31 62.86 -31.81
C GLN B 172 -19.93 63.89 -32.86
N ASN B 173 -20.23 63.57 -34.11
CA ASN B 173 -20.07 64.49 -35.22
C ASN B 173 -20.87 64.04 -36.42
N GLY B 174 -21.05 64.94 -37.38
CA GLY B 174 -21.73 64.64 -38.64
C GLY B 174 -20.75 64.67 -39.79
N ASP B 175 -21.29 64.69 -41.01
CA ASP B 175 -20.47 64.77 -42.21
C ASP B 175 -19.80 66.13 -42.30
N GLY B 176 -18.49 66.14 -42.49
CA GLY B 176 -17.74 67.38 -42.59
C GLY B 176 -16.65 67.34 -43.64
N VAL B 177 -16.36 68.49 -44.21
CA VAL B 177 -15.22 68.66 -45.11
C VAL B 177 -14.29 69.69 -44.51
N GLY B 178 -12.99 69.49 -44.70
CA GLY B 178 -11.98 70.41 -44.23
C GLY B 178 -10.78 70.47 -45.15
N GLY B 179 -10.05 71.57 -45.06
CA GLY B 179 -8.87 71.79 -45.90
C GLY B 179 -7.72 72.40 -45.13
N SER B 180 -6.55 72.36 -45.75
CA SER B 180 -5.34 72.93 -45.16
C SER B 180 -4.37 73.30 -46.27
N ILE B 181 -3.65 74.40 -46.10
CA ILE B 181 -2.55 74.77 -46.99
C ILE B 181 -1.42 75.34 -46.16
N THR B 182 -0.28 74.65 -46.16
CA THR B 182 0.92 75.09 -45.45
C THR B 182 2.07 75.31 -46.43
N TYR B 183 2.90 76.30 -46.12
CA TYR B 183 4.07 76.63 -46.94
C TYR B 183 5.25 76.88 -46.01
N ASN B 184 6.34 76.15 -46.22
CA ASN B 184 7.58 76.36 -45.47
C ASN B 184 8.75 76.75 -46.38
N TYR B 185 9.62 77.61 -45.86
CA TYR B 185 10.75 78.13 -46.62
C TYR B 185 11.70 78.85 -45.66
N GLU B 186 12.91 78.31 -45.55
CA GLU B 186 13.97 78.86 -44.66
C GLU B 186 13.53 78.95 -43.20
N GLY B 187 12.71 77.99 -42.75
CA GLY B 187 12.23 77.98 -41.38
C GLY B 187 10.84 78.58 -41.23
N PHE B 188 10.63 79.75 -41.82
CA PHE B 188 9.35 80.46 -41.72
C PHE B 188 8.22 79.62 -42.34
N GLY B 189 7.01 79.74 -41.78
CA GLY B 189 5.87 78.92 -42.22
C GLY B 189 4.49 79.54 -42.07
N ILE B 190 3.87 79.89 -43.19
CA ILE B 190 2.47 80.32 -43.24
C ILE B 190 1.56 79.09 -43.25
N GLY B 191 0.36 79.20 -42.67
CA GLY B 191 -0.59 78.09 -42.62
C GLY B 191 -2.05 78.45 -42.45
N ALA B 192 -2.87 78.15 -43.46
CA ALA B 192 -4.33 78.34 -43.39
C ALA B 192 -5.04 77.00 -43.37
N ALA B 193 -6.19 76.94 -42.71
CA ALA B 193 -6.94 75.68 -42.60
C ALA B 193 -8.40 75.90 -42.18
N VAL B 194 -9.31 75.35 -42.97
CA VAL B 194 -10.74 75.59 -42.81
C VAL B 194 -11.52 74.28 -42.78
N SER B 195 -12.28 74.05 -41.71
CA SER B 195 -13.18 72.89 -41.63
C SER B 195 -14.64 73.35 -41.54
N SER B 196 -15.56 72.43 -41.84
CA SER B 196 -17.00 72.69 -41.74
C SER B 196 -17.77 71.38 -41.65
N SER B 197 -18.35 71.10 -40.49
CA SER B 197 -19.01 69.81 -40.24
C SER B 197 -20.50 69.96 -39.92
N LYS B 198 -21.29 69.00 -40.40
CA LYS B 198 -22.68 68.83 -40.02
C LYS B 198 -22.75 68.40 -38.55
N ARG B 199 -23.90 68.57 -37.92
CA ARG B 199 -24.07 68.20 -36.52
C ARG B 199 -25.18 67.17 -36.33
N THR B 200 -25.12 66.43 -35.22
CA THR B 200 -26.07 65.36 -34.95
C THR B 200 -27.35 65.92 -34.36
N TRP B 201 -28.43 65.16 -34.51
CA TRP B 201 -29.71 65.51 -33.90
C TRP B 201 -29.58 65.65 -32.38
N ASP B 202 -28.84 64.71 -31.77
CA ASP B 202 -28.59 64.72 -30.33
C ASP B 202 -27.86 65.99 -29.88
N GLN B 203 -26.87 66.44 -30.68
CA GLN B 203 -26.06 67.61 -30.33
C GLN B 203 -26.89 68.87 -30.14
N ASN B 204 -27.88 69.06 -30.98
CA ASN B 204 -28.75 70.23 -30.90
C ASN B 204 -29.86 70.05 -29.85
N ASN B 205 -30.33 68.82 -29.72
CA ASN B 205 -31.55 68.51 -28.98
C ASN B 205 -31.30 67.74 -27.68
N THR B 206 -30.14 68.01 -27.08
CA THR B 206 -29.88 67.68 -25.67
C THR B 206 -30.05 68.94 -24.83
N GLY B 207 -30.38 70.06 -25.49
CA GLY B 207 -30.63 71.33 -24.81
C GLY B 207 -29.39 72.06 -24.35
N LEU B 208 -28.25 71.76 -24.95
CA LEU B 208 -26.98 72.38 -24.57
C LEU B 208 -26.81 73.69 -25.33
N ILE B 209 -25.95 74.58 -24.82
CA ILE B 209 -25.68 75.87 -25.46
C ILE B 209 -24.84 75.75 -26.72
N GLY B 210 -24.84 76.82 -27.51
CA GLY B 210 -24.05 76.88 -28.74
C GLY B 210 -24.44 75.82 -29.76
N THR B 211 -25.74 75.71 -30.02
CA THR B 211 -26.25 74.72 -30.97
C THR B 211 -26.56 75.35 -32.33
N GLY B 212 -26.42 74.55 -33.37
CA GLY B 212 -26.72 74.99 -34.74
C GLY B 212 -26.74 73.83 -35.70
N ASP B 213 -26.82 74.14 -36.99
CA ASP B 213 -26.77 73.11 -38.04
C ASP B 213 -25.33 72.62 -38.23
N ARG B 214 -24.39 73.55 -38.23
CA ARG B 214 -23.00 73.25 -38.57
C ARG B 214 -22.00 73.79 -37.55
N ALA B 215 -20.99 72.96 -37.24
CA ALA B 215 -19.79 73.43 -36.54
C ALA B 215 -18.76 73.77 -37.61
N GLU B 216 -18.16 74.96 -37.51
CA GLU B 216 -17.20 75.44 -38.51
C GLU B 216 -15.96 76.01 -37.83
N THR B 217 -14.82 75.86 -38.50
CA THR B 217 -13.54 76.32 -37.95
C THR B 217 -12.75 77.09 -38.99
N TYR B 218 -12.09 78.16 -38.55
CA TYR B 218 -11.14 78.91 -39.36
C TYR B 218 -9.83 78.98 -38.59
N THR B 219 -8.72 78.81 -39.31
CA THR B 219 -7.42 78.70 -38.66
C THR B 219 -6.28 79.30 -39.46
N GLY B 220 -5.64 80.30 -38.87
CA GLY B 220 -4.38 80.83 -39.37
C GLY B 220 -3.28 80.42 -38.40
N GLY B 221 -2.07 80.26 -38.93
CA GLY B 221 -0.93 79.84 -38.12
C GLY B 221 0.40 80.20 -38.74
N LEU B 222 1.32 80.66 -37.90
CA LEU B 222 2.66 81.05 -38.34
C LEU B 222 3.69 80.40 -37.43
N LYS B 223 4.80 79.96 -38.01
CA LYS B 223 5.89 79.39 -37.21
C LYS B 223 7.26 79.68 -37.80
N TYR B 224 8.28 79.70 -36.92
CA TYR B 224 9.67 79.83 -37.33
C TYR B 224 10.50 78.76 -36.61
N ASP B 225 11.17 77.91 -37.39
CA ASP B 225 11.81 76.71 -36.88
C ASP B 225 13.25 76.61 -37.38
N ALA B 226 14.16 77.34 -36.73
CA ALA B 226 15.56 77.35 -37.14
C ALA B 226 16.47 77.97 -36.09
N ASN B 227 17.75 77.63 -36.16
CA ASN B 227 18.79 78.17 -35.27
C ASN B 227 18.48 77.96 -33.78
N ASN B 228 18.14 76.72 -33.42
CA ASN B 228 17.75 76.32 -32.06
C ASN B 228 16.45 76.96 -31.56
N ILE B 229 15.76 77.69 -32.44
CA ILE B 229 14.59 78.48 -32.05
C ILE B 229 13.32 77.91 -32.66
N TYR B 230 12.28 77.83 -31.83
CA TYR B 230 10.92 77.54 -32.30
C TYR B 230 9.99 78.61 -31.80
N LEU B 231 9.62 79.53 -32.69
CA LEU B 231 8.56 80.49 -32.40
C LEU B 231 7.35 80.15 -33.26
N ALA B 232 6.18 80.10 -32.65
CA ALA B 232 4.96 79.79 -33.37
C ALA B 232 3.71 80.21 -32.59
N ALA B 233 2.76 80.81 -33.30
CA ALA B 233 1.45 81.15 -32.74
C ALA B 233 0.37 80.83 -33.77
N GLN B 234 -0.89 80.94 -33.38
CA GLN B 234 -1.99 80.61 -34.28
C GLN B 234 -3.32 81.21 -33.83
N TYR B 235 -4.14 81.56 -34.81
CA TYR B 235 -5.50 82.05 -34.56
C TYR B 235 -6.48 81.01 -35.05
N THR B 236 -7.43 80.64 -34.20
CA THR B 236 -8.49 79.70 -34.57
C THR B 236 -9.83 80.26 -34.13
N GLN B 237 -10.66 80.64 -35.10
CA GLN B 237 -12.01 81.11 -34.82
C GLN B 237 -13.02 80.03 -35.16
N THR B 238 -14.01 79.83 -34.28
CA THR B 238 -14.97 78.73 -34.41
C THR B 238 -16.40 79.19 -34.20
N TYR B 239 -17.32 78.64 -34.99
CA TYR B 239 -18.76 78.79 -34.74
C TYR B 239 -19.32 77.46 -34.24
N ASN B 240 -19.86 77.44 -33.03
CA ASN B 240 -20.57 76.28 -32.49
C ASN B 240 -19.73 75.00 -32.49
N ALA B 241 -18.43 75.15 -32.30
CA ALA B 241 -17.49 74.01 -32.43
C ALA B 241 -16.64 73.77 -31.18
N THR B 242 -16.19 74.84 -30.53
CA THR B 242 -15.38 74.75 -29.30
C THR B 242 -16.24 74.30 -28.13
N ARG B 243 -15.78 73.29 -27.38
CA ARG B 243 -16.50 72.82 -26.20
C ARG B 243 -16.37 73.83 -25.07
N VAL B 244 -17.44 73.95 -24.28
CA VAL B 244 -17.48 74.85 -23.14
C VAL B 244 -17.99 74.09 -21.92
N GLY B 245 -17.06 73.49 -21.18
CA GLY B 245 -17.39 72.72 -19.98
C GLY B 245 -18.30 71.55 -20.29
N SER B 246 -19.30 71.32 -19.44
CA SER B 246 -20.36 70.36 -19.73
C SER B 246 -21.60 71.07 -20.28
N LEU B 247 -21.58 72.40 -20.26
CA LEU B 247 -22.72 73.23 -20.67
C LEU B 247 -23.09 73.06 -22.14
N GLY B 248 -22.07 72.87 -22.98
CA GLY B 248 -22.26 72.71 -24.42
C GLY B 248 -21.09 73.24 -25.23
N TRP B 249 -21.39 73.99 -26.29
CA TRP B 249 -20.36 74.61 -27.12
C TRP B 249 -20.47 76.14 -27.08
N ALA B 250 -19.49 76.81 -27.69
CA ALA B 250 -19.48 78.26 -27.77
C ALA B 250 -19.99 78.71 -29.14
N ASN B 251 -21.12 79.44 -29.14
CA ASN B 251 -21.68 80.04 -30.37
C ASN B 251 -20.59 80.67 -31.22
N LYS B 252 -19.64 81.33 -30.57
CA LYS B 252 -18.44 81.84 -31.21
C LYS B 252 -17.30 81.78 -30.19
N ALA B 253 -16.13 81.36 -30.64
CA ALA B 253 -14.95 81.30 -29.80
C ALA B 253 -13.76 81.85 -30.57
N GLN B 254 -13.00 82.76 -29.93
CA GLN B 254 -11.78 83.30 -30.51
C GLN B 254 -10.57 82.75 -29.77
N ASN B 255 -9.90 81.77 -30.39
CA ASN B 255 -8.81 81.03 -29.75
C ASN B 255 -7.44 81.44 -30.30
N PHE B 256 -6.47 81.60 -29.39
CA PHE B 256 -5.12 81.98 -29.76
C PHE B 256 -4.08 81.36 -28.82
N GLU B 257 -3.09 80.71 -29.42
CA GLU B 257 -1.99 80.09 -28.68
C GLU B 257 -0.67 80.62 -29.25
N ALA B 258 0.32 80.85 -28.38
CA ALA B 258 1.64 81.32 -28.81
C ALA B 258 2.74 80.67 -27.97
N VAL B 259 3.81 80.22 -28.63
CA VAL B 259 4.89 79.47 -27.97
C VAL B 259 6.27 79.95 -28.40
N ALA B 260 7.20 79.99 -27.45
CA ALA B 260 8.59 80.32 -27.75
C ALA B 260 9.52 79.38 -27.01
N GLN B 261 10.32 78.64 -27.78
CA GLN B 261 11.25 77.65 -27.23
C GLN B 261 12.66 77.84 -27.77
N TYR B 262 13.64 77.62 -26.90
CA TYR B 262 15.05 77.61 -27.30
C TYR B 262 15.72 76.31 -26.86
N GLN B 263 16.50 75.72 -27.77
CA GLN B 263 17.17 74.45 -27.49
C GLN B 263 18.64 74.70 -27.17
N PHE B 264 19.01 74.53 -25.91
CA PHE B 264 20.40 74.59 -25.50
C PHE B 264 21.10 73.29 -25.90
N ASP B 265 22.40 73.40 -26.18
CA ASP B 265 23.16 72.28 -26.74
C ASP B 265 23.31 71.08 -25.79
N PHE B 266 23.47 71.35 -24.50
CA PHE B 266 23.66 70.28 -23.52
C PHE B 266 22.40 69.42 -23.30
N GLY B 267 21.21 70.01 -23.48
CA GLY B 267 19.97 69.25 -23.37
C GLY B 267 18.69 70.01 -23.01
N LEU B 268 18.84 71.15 -22.34
CA LEU B 268 17.70 71.91 -21.83
C LEU B 268 16.96 72.66 -22.93
N ARG B 269 15.63 72.61 -22.88
CA ARG B 269 14.78 73.30 -23.85
C ARG B 269 13.64 74.01 -23.10
N PRO B 270 13.91 75.21 -22.55
CA PRO B 270 12.87 75.95 -21.87
C PRO B 270 11.83 76.51 -22.82
N PHE B 271 10.62 76.74 -22.31
CA PHE B 271 9.53 77.27 -23.11
C PHE B 271 8.73 78.30 -22.36
N LEU B 272 8.01 79.12 -23.11
CA LEU B 272 7.17 80.17 -22.54
C LEU B 272 5.96 80.32 -23.45
N ALA B 273 4.90 79.60 -23.12
CA ALA B 273 3.70 79.57 -23.95
C ALA B 273 2.58 80.42 -23.35
N TYR B 274 1.59 80.72 -24.18
CA TYR B 274 0.42 81.47 -23.75
C TYR B 274 -0.80 81.04 -24.56
N LEU B 275 -1.90 80.81 -23.86
CA LEU B 275 -3.15 80.38 -24.49
C LEU B 275 -4.32 81.28 -24.12
N GLN B 276 -5.37 81.18 -24.92
CA GLN B 276 -6.55 82.04 -24.78
C GLN B 276 -7.69 81.44 -25.60
N SER B 277 -8.89 81.42 -25.01
CA SER B 277 -10.09 80.96 -25.71
C SER B 277 -11.27 81.84 -25.32
N LYS B 278 -11.33 83.05 -25.90
CA LYS B 278 -12.39 84.00 -25.61
C LYS B 278 -13.70 83.58 -26.29
N GLY B 279 -14.72 83.29 -25.48
CA GLY B 279 -16.03 82.91 -25.99
C GLY B 279 -16.98 84.09 -26.06
N LYS B 280 -17.39 84.46 -27.27
CA LYS B 280 -18.24 85.64 -27.51
C LYS B 280 -19.73 85.27 -27.44
N ASN B 281 -20.55 86.26 -27.10
CA ASN B 281 -21.98 86.08 -26.76
C ASN B 281 -22.49 84.64 -26.87
N LEU B 282 -22.27 83.89 -25.80
CA LEU B 282 -22.61 82.46 -25.73
C LEU B 282 -24.10 82.24 -25.51
N GLY B 283 -24.74 83.21 -24.86
CA GLY B 283 -26.17 83.15 -24.57
C GLY B 283 -26.46 82.39 -23.29
N ARG B 284 -27.73 82.39 -22.89
CA ARG B 284 -28.18 81.67 -21.68
C ARG B 284 -27.57 82.27 -20.41
N GLY B 285 -27.46 83.61 -20.37
CA GLY B 285 -27.04 84.33 -19.18
C GLY B 285 -25.56 84.17 -18.82
N TYR B 286 -24.69 84.36 -19.81
CA TYR B 286 -23.23 84.32 -19.60
C TYR B 286 -22.56 85.45 -20.39
N ASP B 287 -22.78 85.45 -21.70
CA ASP B 287 -22.24 86.45 -22.63
C ASP B 287 -20.72 86.27 -22.78
N ASP B 288 -19.99 87.36 -23.03
CA ASP B 288 -18.57 87.27 -23.36
C ASP B 288 -17.70 86.86 -22.18
N GLU B 289 -17.45 85.56 -22.06
CA GLU B 289 -16.60 85.01 -21.00
C GLU B 289 -15.45 84.24 -21.62
N ASP B 290 -14.38 84.06 -20.85
CA ASP B 290 -13.20 83.32 -21.30
C ASP B 290 -13.38 81.83 -21.00
N ILE B 291 -13.24 81.00 -22.03
CA ILE B 291 -13.34 79.53 -21.90
C ILE B 291 -12.03 78.93 -21.39
N LEU B 292 -10.91 79.56 -21.75
CA LEU B 292 -9.60 79.16 -21.26
C LEU B 292 -8.58 80.28 -21.42
N LYS B 293 -7.66 80.35 -20.47
CA LYS B 293 -6.61 81.36 -20.48
C LYS B 293 -5.54 80.97 -19.47
N TYR B 294 -4.33 80.70 -19.96
CA TYR B 294 -3.19 80.47 -19.07
C TYR B 294 -1.85 80.73 -19.74
N VAL B 295 -0.91 81.20 -18.94
CA VAL B 295 0.49 81.28 -19.32
C VAL B 295 1.15 79.98 -18.84
N ASP B 296 2.06 79.44 -19.65
CA ASP B 296 2.68 78.14 -19.37
C ASP B 296 4.20 78.19 -19.56
N VAL B 297 4.95 77.95 -18.49
CA VAL B 297 6.41 78.02 -18.54
C VAL B 297 7.06 76.87 -17.79
N GLY B 298 8.01 76.19 -18.44
CA GLY B 298 8.78 75.12 -17.83
C GLY B 298 10.06 74.85 -18.61
N ALA B 299 10.42 73.58 -18.75
CA ALA B 299 11.57 73.19 -19.56
C ALA B 299 11.71 71.68 -19.65
N THR B 300 11.94 71.17 -20.86
CA THR B 300 12.29 69.77 -21.07
C THR B 300 13.80 69.66 -21.09
N TYR B 301 14.34 68.65 -20.41
CA TYR B 301 15.74 68.30 -20.54
C TYR B 301 15.82 67.00 -21.33
N TYR B 302 16.72 66.96 -22.31
CA TYR B 302 16.88 65.78 -23.14
C TYR B 302 18.23 65.13 -22.87
N PHE B 303 18.18 64.01 -22.15
CA PHE B 303 19.37 63.18 -21.98
C PHE B 303 19.80 62.75 -23.37
N ASN B 304 18.86 62.19 -24.12
CA ASN B 304 19.07 61.83 -25.50
C ASN B 304 17.69 61.59 -26.17
N LYS B 305 17.69 60.94 -27.33
CA LYS B 305 16.44 60.69 -28.05
C LYS B 305 15.59 59.56 -27.46
N ASN B 306 16.09 58.91 -26.40
CA ASN B 306 15.35 57.82 -25.74
C ASN B 306 14.87 58.16 -24.34
N MET B 307 15.65 58.96 -23.62
CA MET B 307 15.29 59.37 -22.27
C MET B 307 15.13 60.87 -22.21
N SER B 308 14.15 61.33 -21.44
CA SER B 308 13.93 62.75 -21.22
C SER B 308 13.24 62.97 -19.88
N THR B 309 13.33 64.20 -19.37
CA THR B 309 12.61 64.57 -18.17
C THR B 309 12.25 66.04 -18.23
N TYR B 310 11.15 66.43 -17.58
CA TYR B 310 10.66 67.80 -17.69
C TYR B 310 9.79 68.30 -16.54
N VAL B 311 9.74 69.63 -16.41
CA VAL B 311 8.77 70.31 -15.57
C VAL B 311 7.90 71.16 -16.49
N ASP B 312 6.63 71.25 -16.15
CA ASP B 312 5.66 72.01 -16.93
C ASP B 312 4.67 72.72 -15.98
N TYR B 313 4.66 74.05 -16.00
CA TYR B 313 3.93 74.86 -15.03
C TYR B 313 2.76 75.58 -15.70
N LYS B 314 1.55 75.08 -15.50
CA LYS B 314 0.33 75.78 -15.95
C LYS B 314 -0.02 76.88 -14.95
N ILE B 315 0.11 78.15 -15.38
CA ILE B 315 -0.30 79.30 -14.58
C ILE B 315 -1.69 79.76 -15.05
N ASN B 316 -2.73 79.22 -14.43
CA ASN B 316 -4.11 79.43 -14.90
C ASN B 316 -4.62 80.82 -14.54
N LEU B 317 -4.80 81.66 -15.55
CA LEU B 317 -5.22 83.04 -15.35
C LEU B 317 -6.73 83.21 -15.21
N LEU B 318 -7.48 82.11 -15.35
CA LEU B 318 -8.94 82.14 -15.18
C LEU B 318 -9.33 82.43 -13.74
N ASP B 319 -10.32 83.31 -13.57
CA ASP B 319 -10.90 83.60 -12.27
C ASP B 319 -12.02 82.62 -11.97
N ASP B 320 -12.28 82.39 -10.69
CA ASP B 320 -13.36 81.51 -10.28
C ASP B 320 -14.68 82.27 -10.27
N ASN B 321 -15.64 81.80 -11.06
CA ASN B 321 -16.95 82.44 -11.14
C ASN B 321 -18.00 81.46 -11.66
N ARG B 322 -19.26 81.91 -11.76
CA ARG B 322 -20.37 81.05 -12.14
C ARG B 322 -20.12 80.31 -13.46
N PHE B 323 -19.68 81.03 -14.48
CA PHE B 323 -19.37 80.44 -15.78
C PHE B 323 -18.28 79.37 -15.65
N THR B 324 -17.26 79.67 -14.84
CA THR B 324 -16.14 78.75 -14.61
C THR B 324 -16.45 77.70 -13.53
N ARG B 325 -17.69 77.66 -13.06
CA ARG B 325 -18.15 76.65 -12.10
C ARG B 325 -19.29 75.82 -12.70
N ASP B 326 -20.32 76.48 -13.23
CA ASP B 326 -21.40 75.80 -13.94
C ASP B 326 -20.84 74.94 -15.05
N ALA B 327 -19.92 75.48 -15.83
CA ALA B 327 -19.23 74.73 -16.88
C ALA B 327 -18.29 73.69 -16.28
N GLY B 328 -17.74 74.01 -15.11
CA GLY B 328 -16.82 73.11 -14.41
C GLY B 328 -15.43 73.15 -15.00
N ILE B 329 -14.95 74.36 -15.29
CA ILE B 329 -13.65 74.56 -15.89
C ILE B 329 -12.60 74.88 -14.83
N ASN B 330 -11.64 73.97 -14.68
CA ASN B 330 -10.54 74.16 -13.73
C ASN B 330 -9.93 75.56 -13.79
N THR B 331 -10.08 76.30 -12.70
CA THR B 331 -9.50 77.64 -12.56
C THR B 331 -8.16 77.61 -11.81
N ASP B 332 -7.74 76.41 -11.38
CA ASP B 332 -6.55 76.24 -10.55
C ASP B 332 -5.31 75.98 -11.39
N ASP B 333 -4.15 76.16 -10.75
CA ASP B 333 -2.87 75.89 -11.37
C ASP B 333 -2.59 74.39 -11.37
N ILE B 334 -1.73 73.97 -12.31
CA ILE B 334 -1.20 72.61 -12.33
C ILE B 334 0.29 72.63 -12.70
N VAL B 335 1.05 71.77 -12.05
CA VAL B 335 2.45 71.59 -12.38
C VAL B 335 2.72 70.11 -12.61
N ALA B 336 3.29 69.79 -13.78
CA ALA B 336 3.59 68.42 -14.16
C ALA B 336 5.09 68.12 -14.06
N LEU B 337 5.43 66.98 -13.49
CA LEU B 337 6.83 66.53 -13.42
C LEU B 337 6.95 65.21 -14.18
N GLY B 338 7.46 65.29 -15.40
CA GLY B 338 7.59 64.11 -16.26
C GLY B 338 8.99 63.54 -16.28
N LEU B 339 9.08 62.22 -16.38
CA LEU B 339 10.34 61.50 -16.58
C LEU B 339 10.00 60.38 -17.55
N VAL B 340 10.57 60.42 -18.76
CA VAL B 340 10.06 59.60 -19.87
C VAL B 340 11.14 58.83 -20.63
N TYR B 341 11.06 57.50 -20.55
CA TYR B 341 11.80 56.63 -21.47
C TYR B 341 10.94 56.39 -22.71
N GLN B 342 11.59 56.23 -23.85
CA GLN B 342 10.88 55.85 -25.08
C GLN B 342 11.79 55.12 -26.05
N PHE B 343 11.18 54.62 -27.12
CA PHE B 343 11.90 53.79 -28.07
C PHE B 343 11.21 53.84 -29.42
N ALA C 1 12.38 38.78 -25.28
CA ALA C 1 13.54 38.50 -26.14
C ALA C 1 13.98 39.79 -26.83
N GLU C 2 15.25 40.13 -26.64
CA GLU C 2 15.82 41.39 -27.14
C GLU C 2 15.73 41.49 -28.66
N ILE C 3 14.83 42.32 -29.16
CA ILE C 3 14.61 42.41 -30.59
C ILE C 3 15.20 43.68 -31.16
N TYR C 4 15.85 44.48 -30.34
CA TYR C 4 16.48 45.71 -30.82
C TYR C 4 17.67 46.05 -29.98
N ASN C 5 18.81 46.23 -30.62
CA ASN C 5 20.03 46.62 -29.93
C ASN C 5 20.93 47.35 -30.90
N LYS C 6 21.01 48.67 -30.72
CA LYS C 6 21.58 49.54 -31.72
C LYS C 6 21.79 50.93 -31.16
N ASP C 7 22.96 51.49 -31.46
CA ASP C 7 23.34 52.81 -30.99
C ASP C 7 22.94 53.01 -29.52
N GLY C 8 23.31 52.05 -28.67
CA GLY C 8 23.17 52.22 -27.22
C GLY C 8 21.78 52.05 -26.61
N ASN C 9 20.73 52.30 -27.38
CA ASN C 9 19.41 51.89 -26.95
C ASN C 9 19.24 50.41 -27.26
N LYS C 10 18.68 49.68 -26.30
CA LYS C 10 18.23 48.30 -26.55
C LYS C 10 16.83 48.05 -25.98
N LEU C 11 16.05 47.25 -26.70
CA LEU C 11 14.67 46.98 -26.34
C LEU C 11 14.40 45.48 -26.36
N ASP C 12 13.97 44.97 -25.22
CA ASP C 12 13.58 43.57 -25.08
C ASP C 12 12.07 43.50 -24.95
N LEU C 13 11.44 42.81 -25.91
CA LEU C 13 10.00 42.64 -25.98
C LEU C 13 9.67 41.21 -25.57
N TYR C 14 8.91 41.06 -24.49
CA TYR C 14 8.77 39.76 -23.82
C TYR C 14 7.36 39.49 -23.40
N GLY C 15 7.03 38.21 -23.26
CA GLY C 15 5.70 37.81 -22.84
C GLY C 15 5.53 36.31 -22.75
N LYS C 16 4.31 35.87 -22.41
CA LYS C 16 4.00 34.44 -22.35
C LYS C 16 2.53 34.15 -22.53
N VAL C 17 2.25 32.94 -23.02
CA VAL C 17 0.90 32.40 -23.04
C VAL C 17 0.89 31.25 -22.05
N GLU C 18 0.11 31.40 -20.99
CA GLU C 18 0.01 30.41 -19.94
C GLU C 18 -1.31 29.67 -20.08
N GLY C 19 -1.26 28.49 -20.67
CA GLY C 19 -2.43 27.63 -20.79
C GLY C 19 -2.73 26.99 -19.45
N LEU C 20 -3.61 27.62 -18.70
CA LEU C 20 -3.82 27.28 -17.31
C LEU C 20 -5.24 26.80 -17.10
N HIS C 21 -5.41 25.82 -16.24
CA HIS C 21 -6.74 25.32 -15.88
C HIS C 21 -6.83 24.93 -14.40
N TYR C 22 -7.74 25.56 -13.69
CA TYR C 22 -7.95 25.27 -12.29
C TYR C 22 -8.93 24.11 -12.14
N PHE C 23 -8.61 23.21 -11.21
CA PHE C 23 -9.55 22.19 -10.76
C PHE C 23 -9.83 22.45 -9.29
N SER C 24 -11.09 22.30 -8.88
CA SER C 24 -11.49 22.59 -7.50
C SER C 24 -12.90 22.10 -7.22
N ASP C 25 -13.19 21.87 -5.94
CA ASP C 25 -14.57 21.66 -5.50
C ASP C 25 -15.33 22.99 -5.58
N ASN C 26 -14.62 24.10 -5.35
CA ASN C 26 -15.20 25.44 -5.49
C ASN C 26 -15.45 25.76 -6.96
N ASP C 27 -16.71 26.05 -7.30
CA ASP C 27 -17.10 26.38 -8.68
C ASP C 27 -16.55 27.74 -9.11
N SER C 28 -16.40 28.67 -8.17
CA SER C 28 -15.86 30.00 -8.46
C SER C 28 -14.35 29.96 -8.74
N LYS C 29 -13.67 28.95 -8.23
CA LYS C 29 -12.24 28.76 -8.44
C LYS C 29 -12.00 27.50 -9.28
N ASP C 30 -12.82 27.30 -10.31
CA ASP C 30 -12.73 26.13 -11.18
C ASP C 30 -13.05 26.51 -12.63
N GLY C 31 -12.19 26.09 -13.56
CA GLY C 31 -12.38 26.35 -14.98
C GLY C 31 -11.09 26.79 -15.68
N ASP C 32 -11.25 27.31 -16.89
CA ASP C 32 -10.13 27.85 -17.66
C ASP C 32 -9.63 29.13 -16.99
N LYS C 33 -8.33 29.18 -16.72
CA LYS C 33 -7.70 30.39 -16.18
C LYS C 33 -6.60 30.86 -17.12
N THR C 34 -6.78 30.60 -18.42
CA THR C 34 -5.79 30.92 -19.43
C THR C 34 -5.60 32.43 -19.54
N TYR C 35 -4.34 32.87 -19.52
CA TYR C 35 -4.02 34.28 -19.63
C TYR C 35 -2.72 34.46 -20.37
N MET C 36 -2.39 35.71 -20.63
CA MET C 36 -1.26 36.06 -21.45
C MET C 36 -0.68 37.38 -20.94
N ARG C 37 0.63 37.52 -21.02
CA ARG C 37 1.31 38.76 -20.67
C ARG C 37 2.19 39.23 -21.81
N LEU C 38 2.44 40.53 -21.83
CA LEU C 38 3.24 41.17 -22.87
C LEU C 38 3.82 42.41 -22.23
N GLY C 39 5.13 42.58 -22.38
CA GLY C 39 5.80 43.77 -21.86
C GLY C 39 7.05 44.14 -22.63
N PHE C 40 7.68 45.24 -22.24
CA PHE C 40 9.03 45.50 -22.70
C PHE C 40 9.88 46.08 -21.59
N LYS C 41 11.12 45.61 -21.49
CA LYS C 41 12.13 46.28 -20.71
C LYS C 41 12.94 47.07 -21.74
N GLY C 42 13.15 48.36 -21.46
CA GLY C 42 13.93 49.23 -22.33
C GLY C 42 15.13 49.77 -21.59
N GLU C 43 16.09 50.28 -22.34
CA GLU C 43 17.35 50.72 -21.76
C GLU C 43 18.12 51.58 -22.75
N THR C 44 18.70 52.68 -22.28
CA THR C 44 19.56 53.52 -23.12
C THR C 44 20.79 53.97 -22.34
N GLN C 45 21.96 53.88 -22.97
CA GLN C 45 23.17 54.47 -22.42
C GLN C 45 23.17 55.97 -22.67
N VAL C 46 23.33 56.74 -21.60
CA VAL C 46 23.46 58.20 -21.71
C VAL C 46 24.95 58.53 -21.60
N THR C 47 25.63 57.91 -20.64
CA THR C 47 27.07 58.06 -20.44
C THR C 47 27.68 56.75 -19.93
N ASP C 48 28.99 56.78 -19.67
CA ASP C 48 29.67 55.71 -18.93
C ASP C 48 28.90 55.32 -17.69
N GLN C 49 28.48 56.33 -16.96
CA GLN C 49 27.93 56.17 -15.64
C GLN C 49 26.41 56.10 -15.72
N LEU C 50 25.82 57.10 -16.37
CA LEU C 50 24.36 57.22 -16.40
C LEU C 50 23.73 56.33 -17.46
N THR C 51 22.68 55.63 -17.07
CA THR C 51 21.88 54.80 -17.96
C THR C 51 20.42 55.03 -17.66
N GLY C 52 19.60 55.22 -18.68
CA GLY C 52 18.17 55.46 -18.50
C GLY C 52 17.36 54.28 -18.99
N TYR C 53 16.23 54.01 -18.34
CA TYR C 53 15.43 52.83 -18.66
C TYR C 53 13.92 53.04 -18.55
N GLY C 54 13.19 52.23 -19.31
CA GLY C 54 11.74 52.13 -19.18
C GLY C 54 11.35 50.68 -18.98
N GLN C 55 10.12 50.45 -18.54
CA GLN C 55 9.59 49.09 -18.44
C GLN C 55 8.07 49.06 -18.35
N TRP C 56 7.48 48.13 -19.09
CA TRP C 56 6.03 47.95 -19.19
C TRP C 56 5.66 46.47 -19.13
N GLU C 57 4.47 46.15 -18.64
CA GLU C 57 3.97 44.79 -18.65
C GLU C 57 2.47 44.78 -18.47
N TYR C 58 1.79 44.19 -19.45
CA TYR C 58 0.32 44.09 -19.45
C TYR C 58 -0.04 42.63 -19.23
N GLN C 59 -1.24 42.41 -18.71
CA GLN C 59 -1.79 41.06 -18.61
C GLN C 59 -3.18 41.07 -19.20
N ILE C 60 -3.46 40.10 -20.06
CA ILE C 60 -4.73 40.01 -20.77
C ILE C 60 -5.30 38.62 -20.63
N GLN C 61 -6.48 38.50 -20.03
CA GLN C 61 -7.09 37.19 -19.84
C GLN C 61 -7.52 36.54 -21.17
N GLY C 62 -7.28 35.24 -21.29
CA GLY C 62 -7.70 34.46 -22.45
C GLY C 62 -8.66 33.35 -22.11
N ASN C 63 -9.37 33.53 -21.00
CA ASN C 63 -10.43 32.61 -20.58
C ASN C 63 -11.80 33.22 -20.82
N GLU C 64 -11.82 34.41 -21.42
CA GLU C 64 -13.04 35.19 -21.58
C GLU C 64 -13.40 35.38 -23.06
N PRO C 65 -14.72 35.55 -23.35
CA PRO C 65 -15.30 35.60 -24.69
C PRO C 65 -15.25 36.98 -25.34
N GLU C 66 -15.73 37.08 -26.57
CA GLU C 66 -15.52 38.29 -27.37
C GLU C 66 -16.09 39.59 -26.80
N SER C 67 -17.06 39.50 -25.90
CA SER C 67 -17.63 40.71 -25.29
C SER C 67 -16.68 41.32 -24.25
N ASP C 68 -16.79 40.89 -23.00
CA ASP C 68 -15.85 41.34 -21.96
C ASP C 68 -14.52 40.64 -22.16
N ASN C 69 -13.43 41.38 -21.98
CA ASN C 69 -12.10 40.80 -21.95
C ASN C 69 -11.20 41.61 -21.02
N SER C 70 -11.25 41.24 -19.75
CA SER C 70 -10.52 41.96 -18.71
C SER C 70 -9.00 41.82 -18.85
N SER C 71 -8.30 42.92 -18.59
CA SER C 71 -6.86 43.03 -18.83
C SER C 71 -6.33 44.31 -18.17
N TRP C 72 -5.07 44.32 -17.77
CA TRP C 72 -4.56 45.46 -16.99
C TRP C 72 -3.04 45.63 -17.03
N THR C 73 -2.60 46.84 -16.76
CA THR C 73 -1.17 47.13 -16.62
C THR C 73 -0.72 46.56 -15.30
N ARG C 74 0.46 45.94 -15.29
CA ARG C 74 1.03 45.35 -14.08
C ARG C 74 2.12 46.25 -13.52
N VAL C 75 3.10 46.57 -14.36
CA VAL C 75 4.11 47.56 -14.02
C VAL C 75 4.34 48.47 -15.21
N ALA C 76 4.51 49.75 -14.93
CA ALA C 76 4.81 50.74 -15.94
C ALA C 76 5.60 51.87 -15.31
N PHE C 77 6.89 51.94 -15.59
CA PHE C 77 7.74 52.97 -14.98
C PHE C 77 8.94 53.35 -15.82
N ALA C 78 9.37 54.60 -15.65
CA ALA C 78 10.56 55.14 -16.28
C ALA C 78 11.52 55.62 -15.18
N GLY C 79 12.81 55.66 -15.51
CA GLY C 79 13.81 56.07 -14.53
C GLY C 79 15.26 56.04 -14.99
N LEU C 80 16.12 56.71 -14.20
CA LEU C 80 17.55 56.82 -14.46
C LEU C 80 18.36 55.99 -13.49
N LYS C 81 19.63 55.76 -13.83
CA LYS C 81 20.55 54.99 -12.99
C LYS C 81 22.00 55.44 -13.22
N PHE C 82 22.64 55.88 -12.13
CA PHE C 82 24.04 56.31 -12.18
C PHE C 82 24.93 55.33 -11.41
N GLN C 83 26.06 54.98 -12.03
CA GLN C 83 27.00 53.99 -11.50
C GLN C 83 27.38 54.33 -10.05
N ASP C 84 27.34 53.32 -9.18
CA ASP C 84 27.81 53.45 -7.79
C ASP C 84 27.12 54.53 -6.94
N VAL C 85 26.00 55.07 -7.42
CA VAL C 85 25.24 56.08 -6.68
C VAL C 85 23.85 55.53 -6.36
N GLY C 86 23.12 55.13 -7.40
CA GLY C 86 21.80 54.51 -7.23
C GLY C 86 20.92 54.58 -8.46
N SER C 87 19.61 54.43 -8.24
CA SER C 87 18.62 54.47 -9.31
C SER C 87 17.28 54.97 -8.80
N PHE C 88 16.52 55.65 -9.66
CA PHE C 88 15.26 56.26 -9.27
C PHE C 88 14.21 56.12 -10.36
N ASP C 89 13.08 55.48 -10.04
CA ASP C 89 12.06 55.19 -11.06
C ASP C 89 10.62 55.41 -10.57
N TYR C 90 9.93 56.32 -11.24
CA TYR C 90 8.54 56.68 -10.90
C TYR C 90 7.50 56.04 -11.83
N GLY C 91 6.48 55.43 -11.24
CA GLY C 91 5.38 54.81 -11.99
C GLY C 91 4.81 53.62 -11.24
N ARG C 92 3.89 52.91 -11.87
CA ARG C 92 3.39 51.65 -11.31
C ARG C 92 4.51 50.62 -11.30
N ASN C 93 4.84 50.14 -10.10
CA ASN C 93 5.99 49.29 -9.89
C ASN C 93 5.66 48.33 -8.74
N TYR C 94 6.67 47.63 -8.21
CA TYR C 94 6.49 46.86 -6.98
C TYR C 94 6.80 47.76 -5.77
N GLY C 95 5.96 47.67 -4.74
CA GLY C 95 6.25 48.28 -3.45
C GLY C 95 7.52 47.70 -2.84
N VAL C 96 8.15 48.47 -1.96
CA VAL C 96 9.47 48.13 -1.44
C VAL C 96 9.46 46.89 -0.55
N VAL C 97 8.33 46.64 0.11
CA VAL C 97 8.18 45.43 0.93
C VAL C 97 8.51 44.19 0.12
N TYR C 98 8.01 44.15 -1.11
CA TYR C 98 8.21 42.99 -1.99
C TYR C 98 9.66 42.53 -2.03
N ASP C 99 10.59 43.48 -1.96
CA ASP C 99 12.02 43.18 -1.93
C ASP C 99 12.33 41.94 -1.10
N VAL C 100 11.75 41.87 0.09
CA VAL C 100 11.97 40.73 0.96
C VAL C 100 10.91 39.64 0.71
N THR C 101 9.64 40.00 0.85
CA THR C 101 8.52 39.05 0.81
C THR C 101 8.40 38.23 -0.50
N SER C 102 8.98 38.76 -1.57
CA SER C 102 8.99 38.07 -2.87
C SER C 102 9.80 36.78 -2.87
N TRP C 103 10.70 36.62 -1.90
CA TRP C 103 11.54 35.42 -1.80
C TRP C 103 10.73 34.15 -1.57
N THR C 104 9.50 34.29 -1.12
CA THR C 104 8.58 33.17 -0.99
C THR C 104 7.57 33.09 -2.14
N ASP C 105 7.64 34.03 -3.08
CA ASP C 105 6.72 34.10 -4.21
C ASP C 105 7.32 33.35 -5.39
N VAL C 106 7.64 32.09 -5.18
CA VAL C 106 8.44 31.31 -6.12
C VAL C 106 7.68 30.10 -6.68
N LEU C 107 6.40 30.02 -6.36
CA LEU C 107 5.59 28.89 -6.76
C LEU C 107 5.01 29.20 -8.12
N PRO C 108 4.62 28.18 -8.89
CA PRO C 108 4.21 28.40 -10.29
C PRO C 108 2.86 29.11 -10.51
N GLU C 109 1.98 29.11 -9.50
CA GLU C 109 0.68 29.75 -9.65
C GLU C 109 0.16 30.33 -8.33
N PHE C 110 0.09 29.48 -7.32
CA PHE C 110 -0.36 29.92 -6.00
C PHE C 110 0.84 30.50 -5.24
N GLY C 111 0.70 30.68 -3.93
CA GLY C 111 1.78 31.24 -3.13
C GLY C 111 1.86 32.75 -3.27
N GLY C 112 2.65 33.38 -2.40
CA GLY C 112 2.78 34.84 -2.37
C GLY C 112 1.45 35.57 -2.38
N ASP C 113 0.54 35.14 -1.52
CA ASP C 113 -0.81 35.73 -1.45
C ASP C 113 -1.24 36.12 -0.01
N THR C 114 -0.27 36.51 0.82
CA THR C 114 -0.55 37.19 2.09
C THR C 114 -0.57 38.71 1.85
N TYR C 115 -0.43 39.10 0.59
CA TYR C 115 -0.57 40.47 0.11
C TYR C 115 -1.38 40.45 -1.18
N ASP C 116 -2.04 41.57 -1.49
CA ASP C 116 -2.83 41.70 -2.72
C ASP C 116 -2.19 42.75 -3.62
N SER C 117 -2.76 42.93 -4.81
CA SER C 117 -2.30 43.97 -5.72
C SER C 117 -2.93 45.31 -5.35
N ASP C 118 -2.15 46.38 -5.43
CA ASP C 118 -2.57 47.72 -4.98
C ASP C 118 -2.91 47.69 -3.49
N ASN C 119 -2.13 46.94 -2.72
CA ASN C 119 -2.40 46.76 -1.30
C ASN C 119 -1.42 47.57 -0.46
N PHE C 120 -1.46 48.89 -0.66
CA PHE C 120 -0.48 49.83 -0.10
C PHE C 120 0.90 49.57 -0.74
N MET C 121 1.97 49.55 0.07
CA MET C 121 3.33 49.32 -0.45
C MET C 121 3.76 47.85 -0.38
N GLN C 122 2.80 46.93 -0.39
CA GLN C 122 3.07 45.50 -0.16
C GLN C 122 3.45 44.69 -1.41
N GLN C 123 2.94 45.12 -2.57
CA GLN C 123 3.25 44.45 -3.83
C GLN C 123 3.13 45.43 -5.01
N HIS C 124 2.38 45.09 -6.06
CA HIS C 124 2.15 46.02 -7.15
C HIS C 124 1.51 47.29 -6.62
N GLY C 125 1.68 48.40 -7.33
CA GLY C 125 1.04 49.64 -6.94
C GLY C 125 1.38 50.83 -7.79
N ASN C 126 0.45 51.80 -7.84
CA ASN C 126 0.60 53.01 -8.64
C ASN C 126 1.37 54.10 -7.92
N GLY C 127 2.17 54.85 -8.68
CA GLY C 127 2.82 56.05 -8.16
C GLY C 127 3.87 55.83 -7.10
N PHE C 128 4.72 54.81 -7.28
CA PHE C 128 5.89 54.60 -6.43
C PHE C 128 7.07 55.42 -6.95
N ALA C 129 7.59 56.32 -6.11
CA ALA C 129 8.92 56.89 -6.34
C ALA C 129 9.90 56.06 -5.51
N THR C 130 10.89 55.48 -6.17
CA THR C 130 11.74 54.46 -5.56
C THR C 130 13.24 54.74 -5.78
N TYR C 131 13.97 55.07 -4.71
CA TYR C 131 15.44 55.05 -4.75
C TYR C 131 15.90 53.66 -4.42
N ARG C 132 16.93 53.22 -5.11
CA ARG C 132 17.58 51.95 -4.80
C ARG C 132 19.09 52.13 -4.90
N ASN C 133 19.83 51.28 -4.18
CA ASN C 133 21.28 51.35 -4.20
C ASN C 133 21.90 49.95 -4.09
N THR C 134 22.48 49.48 -5.19
CA THR C 134 23.06 48.14 -5.27
C THR C 134 24.52 48.16 -4.81
N ASP C 135 24.89 47.12 -4.06
CA ASP C 135 26.25 46.94 -3.54
C ASP C 135 26.74 48.12 -2.70
N PHE C 136 25.81 48.79 -2.02
CA PHE C 136 26.12 49.93 -1.16
C PHE C 136 27.20 50.86 -1.73
N PHE C 137 26.83 51.59 -2.78
CA PHE C 137 27.72 52.54 -3.44
C PHE C 137 29.01 51.87 -3.97
N GLY C 138 28.89 50.61 -4.37
CA GLY C 138 30.02 49.84 -4.89
C GLY C 138 31.11 49.51 -3.89
N LEU C 139 30.78 49.57 -2.60
CA LEU C 139 31.74 49.36 -1.53
C LEU C 139 31.56 47.96 -0.93
N VAL C 140 30.34 47.65 -0.52
CA VAL C 140 30.02 46.33 0.02
C VAL C 140 29.33 45.48 -1.06
N ASP C 141 30.09 44.59 -1.69
CA ASP C 141 29.56 43.73 -2.73
C ASP C 141 28.56 42.74 -2.12
N GLY C 142 27.29 43.11 -2.12
CA GLY C 142 26.24 42.26 -1.55
C GLY C 142 25.08 43.02 -0.90
N LEU C 143 25.40 44.16 -0.28
CA LEU C 143 24.40 44.94 0.47
C LEU C 143 23.62 45.90 -0.42
N ASP C 144 22.37 45.55 -0.70
CA ASP C 144 21.47 46.41 -1.48
C ASP C 144 20.40 46.99 -0.56
N PHE C 145 19.87 48.16 -0.91
CA PHE C 145 18.77 48.77 -0.14
C PHE C 145 17.91 49.71 -0.98
N ALA C 146 16.83 50.19 -0.38
CA ALA C 146 15.90 51.09 -1.07
C ALA C 146 15.12 52.02 -0.12
N VAL C 147 14.75 53.19 -0.63
CA VAL C 147 13.96 54.17 0.11
C VAL C 147 12.77 54.62 -0.77
N GLN C 148 11.57 54.15 -0.45
CA GLN C 148 10.42 54.29 -1.35
C GLN C 148 9.34 55.20 -0.79
N TYR C 149 8.71 55.98 -1.67
CA TYR C 149 7.58 56.83 -1.33
C TYR C 149 6.42 56.51 -2.27
N GLN C 150 5.20 56.55 -1.75
CA GLN C 150 4.00 56.31 -2.57
C GLN C 150 3.00 57.43 -2.31
N GLY C 151 2.61 58.15 -3.36
CA GLY C 151 1.65 59.24 -3.25
C GLY C 151 0.24 58.76 -2.95
N LYS C 152 -0.57 59.65 -2.37
CA LYS C 152 -1.95 59.32 -2.00
C LYS C 152 -2.73 58.87 -3.25
N ASN C 153 -3.48 57.78 -3.11
CA ASN C 153 -4.29 57.22 -4.19
C ASN C 153 -5.69 56.93 -3.65
N GLY C 154 -6.53 57.98 -3.60
CA GLY C 154 -7.82 57.92 -2.95
C GLY C 154 -8.97 57.58 -3.88
N SER C 155 -10.11 58.25 -3.69
CA SER C 155 -11.34 57.93 -4.43
C SER C 155 -11.62 58.93 -5.54
N ALA C 156 -12.64 58.62 -6.35
CA ALA C 156 -13.05 59.47 -7.47
C ALA C 156 -14.09 60.51 -7.06
N HIS C 157 -14.70 60.35 -5.89
CA HIS C 157 -15.80 61.21 -5.46
C HIS C 157 -15.39 62.20 -4.38
N GLY C 158 -15.07 63.43 -4.78
CA GLY C 158 -14.92 64.57 -3.87
C GLY C 158 -13.98 64.42 -2.67
N GLU C 159 -14.48 63.75 -1.64
CA GLU C 159 -13.77 63.65 -0.34
C GLU C 159 -12.63 62.62 -0.38
N GLY C 160 -11.40 63.09 -0.20
CA GLY C 160 -10.20 62.24 -0.25
C GLY C 160 -9.86 61.84 -1.68
N MET C 161 -9.91 62.81 -2.59
CA MET C 161 -9.87 62.53 -4.02
C MET C 161 -8.48 62.77 -4.62
N THR C 162 -8.16 61.94 -5.62
CA THR C 162 -7.00 62.12 -6.49
C THR C 162 -7.47 62.02 -7.95
N THR C 163 -6.60 62.44 -8.88
CA THR C 163 -6.92 62.39 -10.31
C THR C 163 -7.07 60.95 -10.81
N ASN C 164 -6.38 60.02 -10.16
CA ASN C 164 -6.40 58.60 -10.51
C ASN C 164 -7.26 57.75 -9.57
N GLY C 165 -8.12 58.41 -8.80
CA GLY C 165 -8.85 57.77 -7.72
C GLY C 165 -9.68 56.58 -8.13
N ARG C 166 -9.77 55.60 -7.23
CA ARG C 166 -10.53 54.36 -7.47
C ARG C 166 -11.67 54.24 -6.45
N ASP C 167 -12.85 53.84 -6.91
CA ASP C 167 -14.01 53.72 -6.01
C ASP C 167 -13.94 52.44 -5.16
N ASP C 168 -13.04 51.53 -5.50
CA ASP C 168 -12.72 50.39 -4.63
C ASP C 168 -11.88 50.91 -3.47
N VAL C 169 -12.10 50.34 -2.28
CA VAL C 169 -11.48 50.84 -1.05
C VAL C 169 -10.16 50.13 -0.72
N PHE C 170 -10.06 48.84 -1.04
CA PHE C 170 -8.86 48.06 -0.76
C PHE C 170 -7.70 48.45 -1.68
N GLU C 171 -8.04 48.92 -2.87
CA GLU C 171 -7.06 49.41 -3.83
C GLU C 171 -6.54 50.79 -3.43
N GLN C 172 -7.27 51.53 -2.61
CA GLN C 172 -6.85 52.86 -2.19
C GLN C 172 -5.65 52.83 -1.25
N ASN C 173 -4.98 53.97 -1.17
CA ASN C 173 -3.89 54.16 -0.21
C ASN C 173 -3.59 55.63 -0.02
N GLY C 174 -2.85 55.95 1.02
CA GLY C 174 -2.40 57.32 1.30
C GLY C 174 -0.91 57.44 1.10
N ASP C 175 -0.35 58.55 1.61
CA ASP C 175 1.10 58.77 1.54
C ASP C 175 1.81 57.79 2.46
N GLY C 176 2.82 57.10 1.92
CA GLY C 176 3.58 56.12 2.69
C GLY C 176 5.05 56.15 2.36
N VAL C 177 5.87 55.80 3.36
CA VAL C 177 7.29 55.60 3.17
C VAL C 177 7.62 54.17 3.56
N GLY C 178 8.57 53.58 2.84
CA GLY C 178 9.03 52.23 3.11
C GLY C 178 10.50 52.07 2.81
N GLY C 179 11.11 51.06 3.44
CA GLY C 179 12.52 50.77 3.26
C GLY C 179 12.78 49.30 3.11
N SER C 180 13.99 48.97 2.66
CA SER C 180 14.42 47.60 2.50
C SER C 180 15.94 47.53 2.59
N ILE C 181 16.45 46.46 3.20
CA ILE C 181 17.88 46.20 3.21
C ILE C 181 18.09 44.70 3.03
N THR C 182 18.72 44.32 1.92
CA THR C 182 19.02 42.93 1.64
C THR C 182 20.53 42.75 1.50
N TYR C 183 21.01 41.58 1.94
CA TYR C 183 22.41 41.23 1.85
C TYR C 183 22.53 39.79 1.36
N ASN C 184 23.27 39.59 0.28
CA ASN C 184 23.55 38.24 -0.26
C ASN C 184 25.04 37.93 -0.27
N TYR C 185 25.36 36.66 -0.01
CA TYR C 185 26.74 36.20 0.09
C TYR C 185 26.78 34.67 0.09
N GLU C 186 27.38 34.09 -0.94
CA GLU C 186 27.49 32.64 -1.09
C GLU C 186 26.14 31.90 -1.09
N GLY C 187 25.12 32.57 -1.63
CA GLY C 187 23.78 31.99 -1.69
C GLY C 187 22.87 32.48 -0.56
N PHE C 188 23.38 32.45 0.67
CA PHE C 188 22.61 32.86 1.85
C PHE C 188 22.20 34.34 1.73
N GLY C 189 21.02 34.68 2.27
CA GLY C 189 20.48 36.04 2.15
C GLY C 189 19.57 36.51 3.28
N ILE C 190 20.06 37.46 4.08
CA ILE C 190 19.25 38.16 5.08
C ILE C 190 18.47 39.29 4.41
N GLY C 191 17.29 39.61 4.95
CA GLY C 191 16.44 40.66 4.38
C GLY C 191 15.42 41.27 5.33
N ALA C 192 15.59 42.56 5.64
CA ALA C 192 14.64 43.34 6.44
C ALA C 192 13.94 44.37 5.57
N ALA C 193 12.70 44.69 5.90
CA ALA C 193 11.92 45.67 5.12
C ALA C 193 10.70 46.20 5.88
N VAL C 194 10.62 47.52 5.97
CA VAL C 194 9.63 48.18 6.81
C VAL C 194 8.89 49.26 6.02
N SER C 195 7.56 49.16 5.94
CA SER C 195 6.73 50.20 5.31
C SER C 195 5.78 50.83 6.34
N SER C 196 5.27 52.01 6.00
CA SER C 196 4.29 52.71 6.84
C SER C 196 3.52 53.73 6.02
N SER C 197 2.22 53.48 5.81
CA SER C 197 1.40 54.30 4.93
C SER C 197 0.22 54.95 5.66
N LYS C 198 -0.08 56.19 5.27
CA LYS C 198 -1.30 56.88 5.68
C LYS C 198 -2.50 56.17 5.04
N ARG C 199 -3.69 56.41 5.58
CA ARG C 199 -4.91 55.79 5.05
C ARG C 199 -5.94 56.83 4.61
N THR C 200 -6.84 56.41 3.72
CA THR C 200 -7.84 57.32 3.15
C THR C 200 -9.01 57.48 4.11
N TRP C 201 -9.72 58.59 3.96
CA TRP C 201 -10.95 58.84 4.70
C TRP C 201 -11.98 57.72 4.46
N ASP C 202 -12.11 57.30 3.21
CA ASP C 202 -13.00 56.21 2.83
C ASP C 202 -12.66 54.90 3.53
N GLN C 203 -11.37 54.59 3.64
CA GLN C 203 -10.90 53.33 4.23
C GLN C 203 -11.37 53.14 5.67
N ASN C 204 -11.35 54.22 6.45
CA ASN C 204 -11.78 54.18 7.84
C ASN C 204 -13.30 54.28 7.98
N ASN C 205 -13.90 55.05 7.08
CA ASN C 205 -15.30 55.47 7.20
C ASN C 205 -16.22 54.83 6.16
N THR C 206 -15.90 53.59 5.77
CA THR C 206 -16.83 52.70 5.12
C THR C 206 -17.37 51.69 6.15
N GLY C 207 -16.91 51.81 7.40
CA GLY C 207 -17.38 50.95 8.50
C GLY C 207 -16.79 49.54 8.49
N LEU C 208 -15.67 49.36 7.82
CA LEU C 208 -15.01 48.05 7.74
C LEU C 208 -14.11 47.83 8.95
N ILE C 209 -13.78 46.56 9.23
CA ILE C 209 -12.92 46.22 10.38
C ILE C 209 -11.46 46.57 10.13
N GLY C 210 -10.69 46.58 11.22
CA GLY C 210 -9.26 46.85 11.16
C GLY C 210 -8.93 48.22 10.60
N THR C 211 -9.58 49.24 11.13
CA THR C 211 -9.38 50.62 10.67
C THR C 211 -8.46 51.39 11.61
N GLY C 212 -7.71 52.34 11.05
CA GLY C 212 -6.83 53.20 11.83
C GLY C 212 -6.32 54.36 11.01
N ASP C 213 -5.37 55.10 11.56
CA ASP C 213 -4.73 56.20 10.84
C ASP C 213 -3.74 55.65 9.82
N ARG C 214 -2.95 54.65 10.22
CA ARG C 214 -1.86 54.14 9.40
C ARG C 214 -1.87 52.61 9.23
N ALA C 215 -1.58 52.17 8.00
CA ALA C 215 -1.26 50.78 7.71
C ALA C 215 0.27 50.66 7.78
N GLU C 216 0.77 49.69 8.53
CA GLU C 216 2.21 49.52 8.72
C GLU C 216 2.60 48.06 8.54
N THR C 217 3.81 47.84 8.03
CA THR C 217 4.31 46.49 7.76
C THR C 217 5.73 46.31 8.28
N TYR C 218 5.99 45.14 8.83
CA TYR C 218 7.33 44.71 9.21
C TYR C 218 7.63 43.39 8.54
N THR C 219 8.84 43.22 8.04
CA THR C 219 9.17 42.06 7.24
C THR C 219 10.60 41.59 7.41
N GLY C 220 10.74 40.36 7.88
CA GLY C 220 12.02 39.66 7.87
C GLY C 220 11.95 38.55 6.84
N GLY C 221 13.09 38.22 6.25
CA GLY C 221 13.16 37.18 5.23
C GLY C 221 14.56 36.59 5.08
N LEU C 222 14.61 35.27 4.91
CA LEU C 222 15.87 34.55 4.74
C LEU C 222 15.76 33.62 3.54
N LYS C 223 16.83 33.49 2.77
CA LYS C 223 16.84 32.58 1.62
C LYS C 223 18.21 31.98 1.38
N TYR C 224 18.22 30.78 0.79
CA TYR C 224 19.44 30.12 0.34
C TYR C 224 19.25 29.63 -1.10
N ASP C 225 20.11 30.10 -1.99
CA ASP C 225 19.95 29.90 -3.43
C ASP C 225 21.25 29.36 -4.04
N ALA C 226 21.47 28.05 -3.92
CA ALA C 226 22.70 27.42 -4.45
C ALA C 226 22.60 25.90 -4.50
N ASN C 227 23.42 25.30 -5.37
CA ASN C 227 23.51 23.84 -5.52
C ASN C 227 22.17 23.17 -5.84
N ASN C 228 21.49 23.70 -6.86
CA ASN C 228 20.16 23.25 -7.28
C ASN C 228 19.06 23.46 -6.24
N ILE C 229 19.38 24.13 -5.12
CA ILE C 229 18.47 24.25 -4.00
C ILE C 229 18.00 25.69 -3.82
N TYR C 230 16.69 25.84 -3.58
CA TYR C 230 16.12 27.12 -3.15
C TYR C 230 15.32 26.90 -1.88
N LEU C 231 15.90 27.29 -0.75
CA LEU C 231 15.18 27.32 0.52
C LEU C 231 14.97 28.77 0.90
N ALA C 232 13.75 29.12 1.28
CA ALA C 232 13.43 30.48 1.68
C ALA C 232 12.12 30.55 2.48
N ALA C 233 12.14 31.34 3.56
CA ALA C 233 10.95 31.64 4.34
C ALA C 233 10.96 33.10 4.73
N GLN C 234 9.86 33.59 5.31
CA GLN C 234 9.75 35.01 5.66
C GLN C 234 8.66 35.27 6.68
N TYR C 235 8.91 36.26 7.55
CA TYR C 235 7.93 36.71 8.52
C TYR C 235 7.50 38.12 8.14
N THR C 236 6.17 38.32 8.07
CA THR C 236 5.61 39.64 7.79
C THR C 236 4.50 39.94 8.79
N GLN C 237 4.75 40.91 9.68
CA GLN C 237 3.75 41.35 10.63
C GLN C 237 3.17 42.70 10.20
N THR C 238 1.85 42.83 10.31
CA THR C 238 1.14 44.01 9.80
C THR C 238 0.14 44.55 10.81
N TYR C 239 0.04 45.88 10.89
CA TYR C 239 -1.05 46.53 11.61
C TYR C 239 -2.00 47.18 10.60
N ASN C 240 -3.26 46.74 10.60
CA ASN C 240 -4.32 47.37 9.80
C ASN C 240 -3.99 47.42 8.30
N ALA C 241 -3.26 46.42 7.81
CA ALA C 241 -2.74 46.43 6.43
C ALA C 241 -3.17 45.22 5.59
N THR C 242 -3.17 44.04 6.21
CA THR C 242 -3.58 42.81 5.52
C THR C 242 -5.09 42.79 5.30
N ARG C 243 -5.51 42.48 4.08
CA ARG C 243 -6.94 42.38 3.75
C ARG C 243 -7.53 41.11 4.37
N VAL C 244 -8.80 41.22 4.80
CA VAL C 244 -9.52 40.11 5.41
C VAL C 244 -10.90 39.96 4.74
N GLY C 245 -10.94 39.19 3.66
CA GLY C 245 -12.17 38.99 2.91
C GLY C 245 -12.71 40.30 2.35
N SER C 246 -14.03 40.47 2.43
CA SER C 246 -14.66 41.75 2.10
C SER C 246 -14.94 42.55 3.37
N LEU C 247 -14.71 41.92 4.52
CA LEU C 247 -15.02 42.52 5.83
C LEU C 247 -14.18 43.77 6.11
N GLY C 248 -12.93 43.76 5.67
CA GLY C 248 -12.02 44.88 5.89
C GLY C 248 -10.58 44.42 5.99
N TRP C 249 -9.85 44.93 6.98
CA TRP C 249 -8.46 44.56 7.23
C TRP C 249 -8.30 43.90 8.59
N ALA C 250 -7.11 43.38 8.84
CA ALA C 250 -6.80 42.77 10.13
C ALA C 250 -6.04 43.76 11.03
N ASN C 251 -6.64 44.12 12.16
CA ASN C 251 -5.99 44.98 13.17
C ASN C 251 -4.54 44.56 13.41
N LYS C 252 -4.31 43.25 13.45
CA LYS C 252 -2.97 42.69 13.46
C LYS C 252 -2.99 41.36 12.71
N ALA C 253 -1.98 41.11 11.89
CA ALA C 253 -1.85 39.87 11.16
C ALA C 253 -0.42 39.36 11.25
N GLN C 254 -0.26 38.09 11.58
CA GLN C 254 1.06 37.44 11.63
C GLN C 254 1.21 36.46 10.47
N ASN C 255 1.94 36.90 9.44
CA ASN C 255 2.05 36.15 8.18
C ASN C 255 3.40 35.46 8.02
N PHE C 256 3.37 34.22 7.56
CA PHE C 256 4.60 33.44 7.37
C PHE C 256 4.47 32.47 6.20
N GLU C 257 5.45 32.53 5.30
CA GLU C 257 5.51 31.66 4.13
C GLU C 257 6.87 30.96 4.12
N ALA C 258 6.90 29.69 3.72
CA ALA C 258 8.16 28.94 3.63
C ALA C 258 8.13 28.01 2.42
N VAL C 259 9.24 27.95 1.69
CA VAL C 259 9.33 27.20 0.43
C VAL C 259 10.63 26.40 0.31
N ALA C 260 10.53 25.18 -0.23
CA ALA C 260 11.71 24.36 -0.50
C ALA C 260 11.59 23.75 -1.89
N GLN C 261 12.55 24.08 -2.76
CA GLN C 261 12.58 23.61 -4.14
C GLN C 261 13.91 22.98 -4.49
N TYR C 262 13.88 21.90 -5.28
CA TYR C 262 15.08 21.31 -5.83
C TYR C 262 14.97 21.18 -7.34
N GLN C 263 16.04 21.55 -8.04
CA GLN C 263 16.07 21.52 -9.50
C GLN C 263 16.82 20.28 -9.99
N PHE C 264 16.08 19.32 -10.54
CA PHE C 264 16.71 18.17 -11.19
C PHE C 264 17.23 18.57 -12.57
N ASP C 265 18.29 17.90 -13.01
CA ASP C 265 19.02 18.29 -14.22
C ASP C 265 18.22 18.13 -15.50
N PHE C 266 17.40 17.07 -15.58
CA PHE C 266 16.59 16.81 -16.78
C PHE C 266 15.48 17.83 -17.02
N GLY C 267 14.94 18.42 -15.95
CA GLY C 267 13.93 19.48 -16.07
C GLY C 267 12.98 19.69 -14.91
N LEU C 268 12.78 18.65 -14.10
CA LEU C 268 11.77 18.70 -13.04
C LEU C 268 12.24 19.52 -11.83
N ARG C 269 11.34 20.32 -11.29
CA ARG C 269 11.62 21.17 -10.13
C ARG C 269 10.45 21.09 -9.14
N PRO C 270 10.42 20.03 -8.31
CA PRO C 270 9.36 19.90 -7.33
C PRO C 270 9.48 20.92 -6.21
N PHE C 271 8.35 21.24 -5.57
CA PHE C 271 8.33 22.20 -4.47
C PHE C 271 7.42 21.73 -3.34
N LEU C 272 7.65 22.29 -2.17
CA LEU C 272 6.86 21.99 -0.99
C LEU C 272 6.78 23.25 -0.16
N ALA C 273 5.74 24.03 -0.39
CA ALA C 273 5.58 25.32 0.27
C ALA C 273 4.55 25.25 1.39
N TYR C 274 4.56 26.26 2.26
CA TYR C 274 3.61 26.37 3.35
C TYR C 274 3.36 27.84 3.66
N LEU C 275 2.09 28.19 3.82
CA LEU C 275 1.68 29.56 4.11
C LEU C 275 0.80 29.65 5.35
N GLN C 276 0.70 30.85 5.89
CA GLN C 276 -0.02 31.10 7.12
C GLN C 276 -0.27 32.61 7.26
N SER C 277 -1.47 32.99 7.66
CA SER C 277 -1.81 34.38 7.93
C SER C 277 -2.71 34.47 9.15
N LYS C 278 -2.12 34.32 10.33
CA LYS C 278 -2.86 34.37 11.58
C LYS C 278 -3.27 35.81 11.93
N GLY C 279 -4.58 36.05 11.98
CA GLY C 279 -5.12 37.37 12.32
C GLY C 279 -5.49 37.46 13.79
N LYS C 280 -4.78 38.32 14.52
CA LYS C 280 -4.97 38.46 15.97
C LYS C 280 -6.03 39.50 16.31
N ASN C 281 -6.65 39.35 17.48
CA ASN C 281 -7.85 40.10 17.89
C ASN C 281 -8.33 41.14 16.87
N LEU C 282 -9.12 40.66 15.90
CA LEU C 282 -9.63 41.48 14.81
C LEU C 282 -10.79 42.37 15.25
N GLY C 283 -11.53 41.90 16.25
CA GLY C 283 -12.68 42.63 16.79
C GLY C 283 -13.95 42.35 16.01
N ARG C 284 -15.07 42.87 16.49
CA ARG C 284 -16.38 42.72 15.83
C ARG C 284 -16.85 41.25 15.86
N GLY C 285 -16.58 40.56 16.96
CA GLY C 285 -17.07 39.19 17.17
C GLY C 285 -16.41 38.13 16.31
N TYR C 286 -15.08 38.13 16.29
CA TYR C 286 -14.31 37.10 15.58
C TYR C 286 -13.10 36.69 16.41
N ASP C 287 -12.26 37.67 16.76
CA ASP C 287 -11.05 37.47 17.55
C ASP C 287 -9.99 36.69 16.75
N ASP C 288 -9.14 35.91 17.42
CA ASP C 288 -7.99 35.28 16.77
C ASP C 288 -8.38 34.16 15.80
N GLU C 289 -8.53 34.52 14.54
CA GLU C 289 -8.86 33.57 13.47
C GLU C 289 -7.78 33.60 12.40
N ASP C 290 -7.69 32.52 11.63
CA ASP C 290 -6.72 32.41 10.54
C ASP C 290 -7.30 33.01 9.26
N ILE C 291 -6.58 33.96 8.66
CA ILE C 291 -6.99 34.59 7.40
C ILE C 291 -6.62 33.73 6.20
N LEU C 292 -5.52 33.00 6.32
CA LEU C 292 -5.11 32.04 5.29
C LEU C 292 -4.14 31.01 5.85
N LYS C 293 -4.23 29.78 5.32
CA LYS C 293 -3.38 28.68 5.75
C LYS C 293 -3.52 27.55 4.74
N TYR C 294 -2.41 27.24 4.07
CA TYR C 294 -2.37 26.06 3.20
C TYR C 294 -0.96 25.55 2.95
N VAL C 295 -0.87 24.22 2.80
CA VAL C 295 0.33 23.57 2.30
C VAL C 295 0.17 23.46 0.78
N ASP C 296 1.28 23.63 0.06
CA ASP C 296 1.26 23.66 -1.40
C ASP C 296 2.40 22.80 -1.98
N VAL C 297 2.04 21.74 -2.71
CA VAL C 297 3.04 20.84 -3.28
C VAL C 297 2.70 20.48 -4.73
N GLY C 298 3.69 20.61 -5.61
CA GLY C 298 3.56 20.23 -7.02
C GLY C 298 4.92 20.05 -7.67
N ALA C 299 5.05 20.49 -8.92
CA ALA C 299 6.33 20.45 -9.61
C ALA C 299 6.24 21.11 -10.99
N THR C 300 7.20 21.98 -11.30
CA THR C 300 7.34 22.52 -12.65
C THR C 300 8.32 21.64 -13.41
N TYR C 301 8.00 21.33 -14.66
CA TYR C 301 8.96 20.73 -15.57
C TYR C 301 9.38 21.78 -16.58
N TYR C 302 10.68 21.87 -16.83
CA TYR C 302 11.22 22.83 -17.77
C TYR C 302 11.77 22.11 -19.00
N PHE C 303 11.03 22.17 -20.09
CA PHE C 303 11.53 21.71 -21.38
C PHE C 303 12.78 22.52 -21.68
N ASN C 304 12.64 23.85 -21.61
CA ASN C 304 13.75 24.77 -21.74
C ASN C 304 13.33 26.15 -21.22
N LYS C 305 14.09 27.19 -21.55
CA LYS C 305 13.78 28.54 -21.07
C LYS C 305 12.61 29.21 -21.81
N ASN C 306 12.04 28.53 -22.80
CA ASN C 306 10.90 29.06 -23.54
C ASN C 306 9.59 28.31 -23.29
N MET C 307 9.68 27.01 -23.08
CA MET C 307 8.50 26.18 -22.84
C MET C 307 8.59 25.56 -21.46
N SER C 308 7.46 25.47 -20.78
CA SER C 308 7.38 24.81 -19.48
C SER C 308 5.97 24.28 -19.24
N THR C 309 5.86 23.34 -18.31
CA THR C 309 4.54 22.84 -17.90
C THR C 309 4.60 22.44 -16.43
N TYR C 310 3.46 22.52 -15.75
CA TYR C 310 3.45 22.27 -14.30
C TYR C 310 2.11 21.85 -13.71
N VAL C 311 2.20 21.20 -12.56
CA VAL C 311 1.06 20.93 -11.68
C VAL C 311 1.32 21.65 -10.35
N ASP C 312 0.26 22.20 -9.77
CA ASP C 312 0.34 22.97 -8.54
C ASP C 312 -0.88 22.66 -7.67
N TYR C 313 -0.65 22.09 -6.49
CA TYR C 313 -1.72 21.55 -5.64
C TYR C 313 -1.87 22.38 -4.36
N LYS C 314 -2.89 23.24 -4.29
CA LYS C 314 -3.21 23.97 -3.06
C LYS C 314 -4.00 23.07 -2.12
N ILE C 315 -3.39 22.70 -1.00
CA ILE C 315 -4.05 21.92 0.04
C ILE C 315 -4.52 22.87 1.14
N ASN C 316 -5.75 23.37 1.02
CA ASN C 316 -6.26 24.44 1.90
C ASN C 316 -6.63 23.90 3.26
N LEU C 317 -5.84 24.27 4.27
CA LEU C 317 -6.04 23.78 5.64
C LEU C 317 -7.10 24.56 6.43
N LEU C 318 -7.66 25.61 5.82
CA LEU C 318 -8.71 26.40 6.44
C LEU C 318 -10.00 25.60 6.62
N ASP C 319 -10.61 25.72 7.79
CA ASP C 319 -11.91 25.11 8.09
C ASP C 319 -13.02 26.05 7.67
N ASP C 320 -14.18 25.49 7.35
CA ASP C 320 -15.33 26.29 6.97
C ASP C 320 -16.06 26.76 8.22
N ASN C 321 -16.17 28.07 8.39
CA ASN C 321 -16.86 28.67 9.53
C ASN C 321 -17.31 30.10 9.24
N ARG C 322 -17.98 30.73 10.20
CA ARG C 322 -18.57 32.06 10.01
C ARG C 322 -17.55 33.09 9.52
N PHE C 323 -16.38 33.13 10.15
CA PHE C 323 -15.30 34.03 9.73
C PHE C 323 -14.86 33.76 8.28
N THR C 324 -14.76 32.47 7.92
CA THR C 324 -14.37 32.05 6.58
C THR C 324 -15.54 32.02 5.59
N ARG C 325 -16.70 32.52 6.02
CA ARG C 325 -17.88 32.64 5.16
C ARG C 325 -18.30 34.11 5.05
N ASP C 326 -18.47 34.78 6.19
CA ASP C 326 -18.76 36.22 6.21
C ASP C 326 -17.70 36.99 5.42
N ALA C 327 -16.43 36.66 5.65
CA ALA C 327 -15.34 37.24 4.88
C ALA C 327 -15.35 36.74 3.43
N GLY C 328 -15.81 35.51 3.24
CA GLY C 328 -15.90 34.90 1.92
C GLY C 328 -14.55 34.39 1.45
N ILE C 329 -13.82 33.72 2.35
CA ILE C 329 -12.49 33.20 2.06
C ILE C 329 -12.56 31.71 1.67
N ASN C 330 -12.19 31.43 0.42
CA ASN C 330 -12.17 30.06 -0.10
C ASN C 330 -11.50 29.09 0.87
N THR C 331 -12.29 28.14 1.38
CA THR C 331 -11.79 27.09 2.27
C THR C 331 -11.49 25.79 1.50
N ASP C 332 -11.73 25.80 0.19
CA ASP C 332 -11.60 24.60 -0.64
C ASP C 332 -10.23 24.47 -1.27
N ASP C 333 -9.92 23.26 -1.75
CA ASP C 333 -8.67 22.99 -2.43
C ASP C 333 -8.73 23.49 -3.86
N ILE C 334 -7.55 23.73 -4.44
CA ILE C 334 -7.42 24.02 -5.86
C ILE C 334 -6.18 23.30 -6.42
N VAL C 335 -6.31 22.79 -7.64
CA VAL C 335 -5.17 22.23 -8.37
C VAL C 335 -5.07 22.91 -9.73
N ALA C 336 -3.91 23.46 -10.03
CA ALA C 336 -3.66 24.14 -11.31
C ALA C 336 -2.80 23.27 -12.24
N LEU C 337 -3.19 23.21 -13.51
CA LEU C 337 -2.43 22.50 -14.54
C LEU C 337 -1.99 23.50 -15.62
N GLY C 338 -0.74 23.94 -15.53
CA GLY C 338 -0.21 24.93 -16.45
C GLY C 338 0.64 24.34 -17.56
N LEU C 339 0.56 24.96 -18.74
CA LEU C 339 1.40 24.63 -19.89
C LEU C 339 1.71 25.96 -20.55
N VAL C 340 2.98 26.36 -20.52
CA VAL C 340 3.35 27.75 -20.77
C VAL C 340 4.50 27.94 -21.77
N TYR C 341 4.19 28.54 -22.91
CA TYR C 341 5.21 29.08 -23.83
C TYR C 341 5.54 30.51 -23.41
N GLN C 342 6.80 30.90 -23.60
CA GLN C 342 7.19 32.29 -23.37
C GLN C 342 8.38 32.70 -24.22
N PHE C 343 8.71 33.98 -24.20
CA PHE C 343 9.73 34.53 -25.06
C PHE C 343 10.30 35.80 -24.46
N ALA D 1 15.84 -52.99 9.79
CA ALA D 1 17.16 -52.85 9.13
C ALA D 1 18.22 -53.33 10.08
N GLU D 2 18.96 -54.36 9.66
CA GLU D 2 19.91 -55.05 10.53
C GLU D 2 21.03 -54.12 10.97
N ILE D 3 21.00 -53.72 12.23
CA ILE D 3 21.98 -52.77 12.73
C ILE D 3 23.00 -53.42 13.64
N TYR D 4 22.93 -54.74 13.78
CA TYR D 4 23.92 -55.46 14.56
C TYR D 4 24.07 -56.87 14.05
N ASN D 5 25.30 -57.26 13.72
CA ASN D 5 25.57 -58.61 13.26
C ASN D 5 27.01 -58.94 13.55
N LYS D 6 27.21 -59.80 14.54
CA LYS D 6 28.52 -60.00 15.11
C LYS D 6 28.50 -61.22 16.00
N ASP D 7 29.52 -62.05 15.82
CA ASP D 7 29.68 -63.28 16.58
C ASP D 7 28.35 -64.00 16.72
N GLY D 8 27.64 -64.19 15.61
CA GLY D 8 26.47 -65.05 15.59
C GLY D 8 25.14 -64.50 16.13
N ASN D 9 25.19 -63.55 17.05
CA ASN D 9 24.01 -62.79 17.38
C ASN D 9 23.82 -61.73 16.29
N LYS D 10 22.60 -61.58 15.81
CA LYS D 10 22.23 -60.46 14.95
C LYS D 10 20.89 -59.83 15.34
N LEU D 11 20.80 -58.51 15.20
CA LEU D 11 19.62 -57.75 15.61
C LEU D 11 19.19 -56.82 14.50
N ASP D 12 17.95 -57.00 14.05
CA ASP D 12 17.36 -56.14 13.05
C ASP D 12 16.29 -55.27 13.71
N LEU D 13 16.51 -53.96 13.66
CA LEU D 13 15.61 -52.97 14.26
C LEU D 13 14.84 -52.28 13.14
N TYR D 14 13.52 -52.42 13.15
CA TYR D 14 12.70 -52.07 11.97
C TYR D 14 11.43 -51.35 12.35
N GLY D 15 10.91 -50.58 11.40
CA GLY D 15 9.67 -49.83 11.65
C GLY D 15 9.23 -49.00 10.47
N LYS D 16 8.14 -48.26 10.64
CA LYS D 16 7.64 -47.36 9.57
C LYS D 16 6.79 -46.23 10.09
N VAL D 17 6.77 -45.16 9.33
CA VAL D 17 5.85 -44.06 9.55
C VAL D 17 4.90 -44.07 8.37
N GLU D 18 3.63 -44.32 8.66
CA GLU D 18 2.60 -44.39 7.64
C GLU D 18 1.76 -43.14 7.72
N GLY D 19 2.04 -42.21 6.82
CA GLY D 19 1.23 -40.99 6.70
C GLY D 19 -0.09 -41.32 6.01
N LEU D 20 -1.13 -41.56 6.82
CA LEU D 20 -2.37 -42.12 6.32
C LEU D 20 -3.49 -41.16 6.58
N HIS D 21 -4.42 -41.09 5.64
CA HIS D 21 -5.62 -40.24 5.79
C HIS D 21 -6.86 -40.88 5.18
N TYR D 22 -7.88 -41.08 6.01
CA TYR D 22 -9.13 -41.68 5.54
C TYR D 22 -10.05 -40.60 5.03
N PHE D 23 -10.70 -40.89 3.91
CA PHE D 23 -11.80 -40.08 3.42
C PHE D 23 -13.05 -40.94 3.45
N SER D 24 -14.18 -40.36 3.85
CA SER D 24 -15.43 -41.11 3.98
C SER D 24 -16.62 -40.18 4.21
N ASP D 25 -17.81 -40.68 3.87
CA ASP D 25 -19.04 -40.02 4.30
C ASP D 25 -19.24 -40.21 5.80
N ASN D 26 -18.79 -41.34 6.34
CA ASN D 26 -18.81 -41.60 7.78
C ASN D 26 -17.80 -40.72 8.50
N ASP D 27 -18.29 -39.91 9.45
CA ASP D 27 -17.43 -39.00 10.21
C ASP D 27 -16.51 -39.77 11.17
N SER D 28 -16.97 -40.92 11.66
CA SER D 28 -16.18 -41.75 12.58
C SER D 28 -15.03 -42.46 11.87
N LYS D 29 -15.17 -42.65 10.56
CA LYS D 29 -14.13 -43.28 9.75
C LYS D 29 -13.57 -42.26 8.76
N ASP D 30 -13.33 -41.04 9.24
CA ASP D 30 -12.82 -39.95 8.40
C ASP D 30 -11.85 -39.06 9.20
N GLY D 31 -10.68 -38.79 8.62
CA GLY D 31 -9.66 -37.95 9.24
C GLY D 31 -8.27 -38.52 9.14
N ASP D 32 -7.34 -37.95 9.91
CA ASP D 32 -5.97 -38.43 9.98
C ASP D 32 -5.95 -39.79 10.66
N LYS D 33 -5.34 -40.77 10.00
CA LYS D 33 -5.12 -42.10 10.57
C LYS D 33 -3.62 -42.42 10.63
N THR D 34 -2.81 -41.39 10.79
CA THR D 34 -1.36 -41.52 10.81
C THR D 34 -0.91 -42.34 12.00
N TYR D 35 -0.05 -43.32 11.74
CA TYR D 35 0.50 -44.18 12.79
C TYR D 35 1.91 -44.59 12.47
N MET D 36 2.54 -45.27 13.41
CA MET D 36 3.94 -45.63 13.34
C MET D 36 4.15 -46.95 14.05
N ARG D 37 5.07 -47.76 13.52
CA ARG D 37 5.42 -49.01 14.15
C ARG D 37 6.92 -49.09 14.35
N LEU D 38 7.31 -49.89 15.33
CA LEU D 38 8.72 -50.07 15.68
C LEU D 38 8.84 -51.45 16.29
N GLY D 39 9.82 -52.23 15.83
CA GLY D 39 10.04 -53.56 16.38
C GLY D 39 11.47 -54.02 16.26
N PHE D 40 11.78 -55.20 16.78
CA PHE D 40 13.02 -55.86 16.44
C PHE D 40 12.81 -57.36 16.26
N LYS D 41 13.46 -57.91 15.24
CA LYS D 41 13.61 -59.35 15.10
C LYS D 41 15.02 -59.59 15.59
N GLY D 42 15.18 -60.55 16.51
CA GLY D 42 16.49 -60.91 17.05
C GLY D 42 16.80 -62.35 16.78
N GLU D 43 18.07 -62.73 16.90
CA GLU D 43 18.48 -64.08 16.53
C GLU D 43 19.87 -64.36 17.07
N THR D 44 20.07 -65.57 17.59
CA THR D 44 21.40 -66.02 18.04
C THR D 44 21.66 -67.48 17.67
N GLN D 45 22.86 -67.77 17.15
CA GLN D 45 23.28 -69.16 16.95
C GLN D 45 23.71 -69.77 18.28
N VAL D 46 23.12 -70.93 18.61
CA VAL D 46 23.50 -71.69 19.78
C VAL D 46 24.40 -72.85 19.36
N THR D 47 23.99 -73.53 18.29
CA THR D 47 24.76 -74.63 17.69
C THR D 47 24.60 -74.65 16.16
N ASP D 48 25.23 -75.61 15.50
CA ASP D 48 24.96 -75.93 14.10
C ASP D 48 23.48 -75.98 13.82
N GLN D 49 22.78 -76.68 14.70
CA GLN D 49 21.39 -77.04 14.48
C GLN D 49 20.48 -76.02 15.17
N LEU D 50 20.75 -75.78 16.45
CA LEU D 50 19.87 -74.94 17.25
C LEU D 50 20.17 -73.46 17.05
N THR D 51 19.12 -72.66 16.85
CA THR D 51 19.20 -71.17 16.80
C THR D 51 18.03 -70.63 17.61
N GLY D 52 18.32 -69.63 18.43
CA GLY D 52 17.30 -69.03 19.31
C GLY D 52 16.97 -67.62 18.83
N TYR D 53 15.72 -67.20 19.04
CA TYR D 53 15.26 -65.91 18.52
C TYR D 53 14.28 -65.19 19.42
N GLY D 54 14.25 -63.87 19.28
CA GLY D 54 13.21 -63.03 19.86
C GLY D 54 12.57 -62.15 18.81
N GLN D 55 11.41 -61.59 19.13
CA GLN D 55 10.77 -60.66 18.22
C GLN D 55 9.72 -59.80 18.92
N TRP D 56 9.75 -58.51 18.59
CA TRP D 56 8.88 -57.50 19.17
C TRP D 56 8.34 -56.56 18.08
N GLU D 57 7.16 -55.99 18.31
CA GLU D 57 6.62 -54.96 17.41
C GLU D 57 5.54 -54.16 18.11
N TYR D 58 5.75 -52.85 18.18
CA TYR D 58 4.82 -51.93 18.83
C TYR D 58 4.17 -51.08 17.75
N GLN D 59 2.99 -50.56 18.04
CA GLN D 59 2.32 -49.62 17.16
C GLN D 59 1.89 -48.43 17.98
N ILE D 60 2.21 -47.24 17.49
CA ILE D 60 1.93 -46.00 18.21
C ILE D 60 1.21 -45.03 17.28
N GLN D 61 0.00 -44.63 17.65
CA GLN D 61 -0.76 -43.71 16.81
C GLN D 61 -0.13 -42.32 16.77
N GLY D 62 -0.12 -41.72 15.59
CA GLY D 62 0.36 -40.35 15.39
C GLY D 62 -0.73 -39.41 14.85
N ASN D 63 -1.98 -39.76 15.12
CA ASN D 63 -3.10 -38.92 14.77
C ASN D 63 -3.69 -38.27 16.02
N GLU D 64 -3.05 -38.49 17.16
CA GLU D 64 -3.56 -38.06 18.45
C GLU D 64 -2.64 -37.01 19.10
N PRO D 65 -3.22 -36.14 19.97
CA PRO D 65 -2.57 -34.99 20.58
C PRO D 65 -1.80 -35.32 21.87
N GLU D 66 -1.16 -34.31 22.45
CA GLU D 66 -0.21 -34.54 23.55
C GLU D 66 -0.78 -35.23 24.79
N SER D 67 -2.08 -35.18 25.00
CA SER D 67 -2.68 -35.83 26.18
C SER D 67 -2.75 -37.35 25.99
N ASP D 68 -3.83 -37.85 25.42
CA ASP D 68 -3.94 -39.28 25.09
C ASP D 68 -3.07 -39.59 23.89
N ASN D 69 -2.37 -40.72 23.93
CA ASN D 69 -1.65 -41.23 22.76
C ASN D 69 -1.63 -42.77 22.77
N SER D 70 -2.70 -43.35 22.22
CA SER D 70 -2.92 -44.80 22.27
C SER D 70 -1.90 -45.56 21.41
N SER D 71 -1.45 -46.70 21.93
CA SER D 71 -0.34 -47.47 21.37
C SER D 71 -0.27 -48.84 22.05
N TRP D 72 0.22 -49.85 21.35
CA TRP D 72 0.15 -51.21 21.88
C TRP D 72 1.15 -52.18 21.27
N THR D 73 1.45 -53.24 22.01
CA THR D 73 2.28 -54.32 21.50
C THR D 73 1.45 -55.12 20.51
N ARG D 74 2.08 -55.50 19.40
CA ARG D 74 1.41 -56.27 18.35
C ARG D 74 1.83 -57.74 18.42
N VAL D 75 3.13 -57.98 18.38
CA VAL D 75 3.67 -59.30 18.65
C VAL D 75 4.91 -59.18 19.56
N ALA D 76 5.02 -60.11 20.51
CA ALA D 76 6.15 -60.16 21.44
C ALA D 76 6.36 -61.60 21.86
N PHE D 77 7.41 -62.24 21.33
CA PHE D 77 7.64 -63.65 21.63
C PHE D 77 9.10 -64.05 21.53
N ALA D 78 9.44 -65.05 22.32
CA ALA D 78 10.76 -65.66 22.32
C ALA D 78 10.63 -67.14 21.99
N GLY D 79 11.69 -67.75 21.45
CA GLY D 79 11.65 -69.16 21.07
C GLY D 79 12.91 -69.72 20.42
N LEU D 80 12.96 -71.05 20.37
CA LEU D 80 14.08 -71.81 19.79
C LEU D 80 13.71 -72.45 18.46
N LYS D 81 14.73 -72.88 17.71
CA LYS D 81 14.55 -73.53 16.42
C LYS D 81 15.70 -74.49 16.12
N PHE D 82 15.35 -75.76 15.91
CA PHE D 82 16.32 -76.80 15.64
C PHE D 82 16.17 -77.29 14.20
N GLN D 83 17.30 -77.43 13.50
CA GLN D 83 17.33 -77.82 12.09
C GLN D 83 16.51 -79.08 11.84
N ASP D 84 15.66 -79.06 10.81
CA ASP D 84 14.90 -80.23 10.35
C ASP D 84 13.99 -80.89 11.40
N VAL D 85 13.74 -80.21 12.52
CA VAL D 85 12.84 -80.72 13.57
C VAL D 85 11.64 -79.79 13.69
N GLY D 86 11.90 -78.52 13.95
CA GLY D 86 10.85 -77.50 14.03
C GLY D 86 11.24 -76.26 14.82
N SER D 87 10.24 -75.54 15.31
CA SER D 87 10.44 -74.33 16.09
C SER D 87 9.29 -74.11 17.07
N PHE D 88 9.59 -73.51 18.22
CA PHE D 88 8.59 -73.33 19.27
C PHE D 88 8.75 -71.97 19.95
N ASP D 89 7.69 -71.16 19.91
CA ASP D 89 7.76 -69.78 20.40
C ASP D 89 6.52 -69.33 21.19
N TYR D 90 6.75 -68.99 22.46
CA TYR D 90 5.67 -68.56 23.35
C TYR D 90 5.62 -67.05 23.56
N GLY D 91 4.42 -66.49 23.42
CA GLY D 91 4.19 -65.06 23.61
C GLY D 91 3.07 -64.55 22.72
N ARG D 92 2.84 -63.24 22.73
CA ARG D 92 1.88 -62.63 21.81
C ARG D 92 2.39 -62.77 20.38
N ASN D 93 1.60 -63.46 19.56
CA ASN D 93 2.02 -63.84 18.21
C ASN D 93 0.77 -63.87 17.32
N TYR D 94 0.88 -64.42 16.12
CA TYR D 94 -0.30 -64.67 15.29
C TYR D 94 -0.86 -66.04 15.61
N GLY D 95 -2.18 -66.12 15.72
CA GLY D 95 -2.87 -67.41 15.78
C GLY D 95 -2.61 -68.24 14.54
N VAL D 96 -2.75 -69.56 14.67
CA VAL D 96 -2.37 -70.48 13.59
C VAL D 96 -3.28 -70.38 12.37
N VAL D 97 -4.54 -70.01 12.58
CA VAL D 97 -5.48 -69.81 11.47
C VAL D 97 -4.86 -68.85 10.44
N TYR D 98 -4.26 -67.78 10.92
CA TYR D 98 -3.67 -66.75 10.05
C TYR D 98 -2.80 -67.33 8.94
N ASP D 99 -2.11 -68.43 9.27
CA ASP D 99 -1.28 -69.15 8.29
C ASP D 99 -1.94 -69.22 6.91
N VAL D 100 -3.22 -69.57 6.88
CA VAL D 100 -3.94 -69.64 5.62
C VAL D 100 -4.61 -68.29 5.30
N THR D 101 -5.46 -67.83 6.20
CA THR D 101 -6.28 -66.63 5.97
C THR D 101 -5.51 -65.34 5.64
N SER D 102 -4.23 -65.29 6.03
CA SER D 102 -3.37 -64.15 5.72
C SER D 102 -3.08 -63.97 4.23
N TRP D 103 -3.28 -65.02 3.44
CA TRP D 103 -3.03 -64.96 2.00
C TRP D 103 -3.94 -63.97 1.28
N THR D 104 -5.04 -63.58 1.91
CA THR D 104 -5.90 -62.53 1.38
C THR D 104 -5.66 -61.17 2.07
N ASP D 105 -4.75 -61.13 3.04
CA ASP D 105 -4.46 -59.92 3.81
C ASP D 105 -3.31 -59.18 3.14
N VAL D 106 -3.49 -58.86 1.87
CA VAL D 106 -2.40 -58.34 1.05
C VAL D 106 -2.69 -56.94 0.52
N LEU D 107 -3.76 -56.32 1.02
CA LEU D 107 -4.15 -55.00 0.57
C LEU D 107 -3.43 -53.99 1.46
N PRO D 108 -3.29 -52.74 0.99
CA PRO D 108 -2.44 -51.77 1.68
C PRO D 108 -3.00 -51.21 3.00
N GLU D 109 -4.31 -51.30 3.21
CA GLU D 109 -4.91 -50.77 4.43
C GLU D 109 -6.14 -51.56 4.86
N PHE D 110 -7.11 -51.69 3.96
CA PHE D 110 -8.30 -52.47 4.25
C PHE D 110 -8.02 -53.94 3.96
N GLY D 111 -9.07 -54.75 3.90
CA GLY D 111 -8.90 -56.17 3.65
C GLY D 111 -8.47 -56.91 4.90
N GLY D 112 -8.52 -58.24 4.84
CA GLY D 112 -8.19 -59.09 5.99
C GLY D 112 -8.90 -58.65 7.27
N ASP D 113 -10.21 -58.42 7.18
CA ASP D 113 -11.01 -57.97 8.32
C ASP D 113 -12.30 -58.79 8.54
N THR D 114 -12.26 -60.08 8.19
CA THR D 114 -13.28 -61.04 8.62
C THR D 114 -12.85 -61.67 9.96
N TYR D 115 -11.73 -61.16 10.51
CA TYR D 115 -11.23 -61.50 11.83
C TYR D 115 -10.76 -60.21 12.50
N ASP D 116 -10.76 -60.20 13.83
CA ASP D 116 -10.29 -59.04 14.60
C ASP D 116 -9.00 -59.41 15.37
N SER D 117 -8.43 -58.43 16.06
CA SER D 117 -7.27 -58.70 16.91
C SER D 117 -7.72 -59.22 18.27
N ASP D 118 -6.98 -60.19 18.81
CA ASP D 118 -7.37 -60.90 20.03
C ASP D 118 -8.73 -61.59 19.85
N ASN D 119 -8.94 -62.16 18.65
CA ASN D 119 -10.22 -62.77 18.31
C ASN D 119 -10.10 -64.29 18.33
N PHE D 120 -9.75 -64.82 19.49
CA PHE D 120 -9.41 -66.23 19.66
C PHE D 120 -8.09 -66.54 18.91
N MET D 121 -8.03 -67.65 18.18
CA MET D 121 -6.82 -68.05 17.44
C MET D 121 -6.85 -67.58 15.98
N GLN D 122 -7.60 -66.51 15.68
CA GLN D 122 -7.84 -66.08 14.29
C GLN D 122 -6.80 -65.14 13.72
N GLN D 123 -6.17 -64.33 14.58
CA GLN D 123 -5.13 -63.40 14.15
C GLN D 123 -4.15 -63.11 15.29
N HIS D 124 -3.89 -61.85 15.62
CA HIS D 124 -3.03 -61.53 16.77
C HIS D 124 -3.63 -62.12 18.03
N GLY D 125 -2.78 -62.35 19.03
CA GLY D 125 -3.28 -62.86 20.31
C GLY D 125 -2.21 -63.15 21.35
N ASN D 126 -2.59 -63.06 22.62
CA ASN D 126 -1.68 -63.29 23.74
C ASN D 126 -1.55 -64.77 24.10
N GLY D 127 -0.34 -65.16 24.49
CA GLY D 127 -0.11 -66.49 25.05
C GLY D 127 -0.31 -67.66 24.10
N PHE D 128 0.20 -67.52 22.87
CA PHE D 128 0.25 -68.63 21.92
C PHE D 128 1.53 -69.44 22.10
N ALA D 129 1.37 -70.72 22.41
CA ALA D 129 2.47 -71.67 22.29
C ALA D 129 2.32 -72.31 20.92
N THR D 130 3.35 -72.18 20.09
CA THR D 130 3.25 -72.53 18.68
C THR D 130 4.41 -73.42 18.21
N TYR D 131 4.11 -74.67 17.87
CA TYR D 131 5.07 -75.51 17.17
C TYR D 131 4.87 -75.31 15.67
N ARG D 132 5.98 -75.24 14.93
CA ARG D 132 5.95 -75.14 13.47
C ARG D 132 7.00 -76.06 12.87
N ASN D 133 6.76 -76.50 11.64
CA ASN D 133 7.70 -77.40 10.96
C ASN D 133 7.75 -77.12 9.46
N THR D 134 8.86 -76.55 9.02
CA THR D 134 9.05 -76.18 7.61
C THR D 134 9.61 -77.35 6.80
N ASP D 135 9.10 -77.50 5.58
CA ASP D 135 9.52 -78.54 4.64
C ASP D 135 9.42 -79.96 5.20
N PHE D 136 8.44 -80.17 6.09
CA PHE D 136 8.17 -81.46 6.72
C PHE D 136 9.46 -82.23 7.10
N PHE D 137 10.14 -81.73 8.12
CA PHE D 137 11.38 -82.33 8.63
C PHE D 137 12.47 -82.44 7.55
N GLY D 138 12.48 -81.47 6.64
CA GLY D 138 13.46 -81.42 5.56
C GLY D 138 13.32 -82.50 4.50
N LEU D 139 12.14 -83.13 4.43
CA LEU D 139 11.92 -84.26 3.53
C LEU D 139 11.10 -83.82 2.32
N VAL D 140 9.95 -83.21 2.58
CA VAL D 140 9.09 -82.71 1.51
C VAL D 140 9.31 -81.20 1.35
N ASP D 141 10.11 -80.82 0.35
CA ASP D 141 10.42 -79.41 0.11
C ASP D 141 9.14 -78.69 -0.35
N GLY D 142 8.41 -78.12 0.59
CA GLY D 142 7.16 -77.41 0.29
C GLY D 142 6.08 -77.51 1.36
N LEU D 143 6.01 -78.65 2.04
CA LEU D 143 4.96 -78.92 3.02
C LEU D 143 5.32 -78.39 4.41
N ASP D 144 4.68 -77.28 4.80
CA ASP D 144 4.86 -76.69 6.12
C ASP D 144 3.60 -76.90 6.96
N PHE D 145 3.74 -76.96 8.28
CA PHE D 145 2.58 -77.11 9.17
C PHE D 145 2.83 -76.56 10.57
N ALA D 146 1.78 -76.54 11.39
CA ALA D 146 1.88 -76.03 12.76
C ALA D 146 0.84 -76.63 13.72
N VAL D 147 1.20 -76.68 15.00
CA VAL D 147 0.30 -77.18 16.05
C VAL D 147 0.32 -76.19 17.22
N GLN D 148 -0.78 -75.44 17.38
CA GLN D 148 -0.80 -74.29 18.26
C GLN D 148 -1.76 -74.45 19.45
N TYR D 149 -1.35 -73.95 20.60
CA TYR D 149 -2.18 -73.91 21.81
C TYR D 149 -2.26 -72.48 22.33
N GLN D 150 -3.41 -72.08 22.86
CA GLN D 150 -3.57 -70.75 23.43
C GLN D 150 -4.21 -70.86 24.80
N GLY D 151 -3.54 -70.36 25.83
CA GLY D 151 -4.06 -70.42 27.20
C GLY D 151 -5.27 -69.52 27.44
N LYS D 152 -6.06 -69.84 28.46
CA LYS D 152 -7.27 -69.07 28.77
C LYS D 152 -6.89 -67.61 29.07
N ASN D 153 -7.67 -66.70 28.49
CA ASN D 153 -7.47 -65.26 28.68
C ASN D 153 -8.81 -64.60 29.01
N GLY D 154 -9.18 -64.67 30.29
CA GLY D 154 -10.51 -64.27 30.74
C GLY D 154 -10.59 -62.82 31.22
N SER D 155 -11.34 -62.60 32.30
CA SER D 155 -11.60 -61.25 32.80
C SER D 155 -10.77 -60.91 34.03
N ALA D 156 -10.85 -59.65 34.45
CA ALA D 156 -10.12 -59.16 35.61
C ALA D 156 -10.90 -59.30 36.91
N HIS D 157 -12.21 -59.59 36.82
CA HIS D 157 -13.08 -59.64 38.00
C HIS D 157 -13.48 -61.07 38.39
N GLY D 158 -12.75 -61.63 39.35
CA GLY D 158 -13.14 -62.87 40.03
C GLY D 158 -13.49 -64.09 39.18
N GLU D 159 -14.70 -64.09 38.62
CA GLU D 159 -15.25 -65.25 37.90
C GLU D 159 -14.69 -65.39 36.49
N GLY D 160 -13.96 -66.48 36.24
CA GLY D 160 -13.31 -66.72 34.93
C GLY D 160 -12.07 -65.85 34.74
N MET D 161 -11.26 -65.75 35.79
CA MET D 161 -10.19 -64.76 35.86
C MET D 161 -8.83 -65.32 35.51
N THR D 162 -8.01 -64.47 34.88
CA THR D 162 -6.59 -64.72 34.66
C THR D 162 -5.80 -63.49 35.11
N THR D 163 -4.48 -63.65 35.25
CA THR D 163 -3.59 -62.55 35.68
C THR D 163 -3.56 -61.42 34.65
N ASN D 164 -3.77 -61.76 33.38
CA ASN D 164 -3.76 -60.79 32.28
C ASN D 164 -5.17 -60.42 31.79
N GLY D 165 -6.18 -60.72 32.61
CA GLY D 165 -7.57 -60.63 32.19
C GLY D 165 -8.01 -59.26 31.70
N ARG D 166 -8.92 -59.26 30.73
CA ARG D 166 -9.43 -58.03 30.11
C ARG D 166 -10.93 -57.92 30.33
N ASP D 167 -11.40 -56.73 30.67
CA ASP D 167 -12.83 -56.53 30.93
C ASP D 167 -13.64 -56.44 29.63
N ASP D 168 -12.97 -56.28 28.50
CA ASP D 168 -13.62 -56.42 27.20
C ASP D 168 -13.87 -57.90 26.96
N VAL D 169 -15.00 -58.21 26.33
CA VAL D 169 -15.43 -59.59 26.17
C VAL D 169 -14.97 -60.22 24.86
N PHE D 170 -14.89 -59.43 23.80
CA PHE D 170 -14.49 -59.92 22.47
C PHE D 170 -12.99 -60.25 22.43
N GLU D 171 -12.23 -59.55 23.27
CA GLU D 171 -10.80 -59.80 23.39
C GLU D 171 -10.52 -61.06 24.22
N GLN D 172 -11.49 -61.50 25.02
CA GLN D 172 -11.33 -62.70 25.84
C GLN D 172 -11.27 -63.98 25.00
N ASN D 173 -10.72 -65.03 25.60
CA ASN D 173 -10.73 -66.37 25.01
C ASN D 173 -10.43 -67.42 26.06
N GLY D 174 -10.71 -68.67 25.72
CA GLY D 174 -10.40 -69.80 26.58
C GLY D 174 -9.29 -70.64 25.99
N ASP D 175 -9.13 -71.85 26.52
CA ASP D 175 -8.13 -72.78 26.01
C ASP D 175 -8.53 -73.28 24.64
N GLY D 176 -7.61 -73.20 23.68
CA GLY D 176 -7.87 -73.62 22.31
C GLY D 176 -6.69 -74.31 21.66
N VAL D 177 -6.99 -75.24 20.75
CA VAL D 177 -5.97 -75.86 19.91
C VAL D 177 -6.32 -75.55 18.46
N GLY D 178 -5.28 -75.36 17.65
CA GLY D 178 -5.43 -75.12 16.24
C GLY D 178 -4.30 -75.73 15.43
N GLY D 179 -4.58 -75.95 14.15
CA GLY D 179 -3.60 -76.53 13.25
C GLY D 179 -3.58 -75.83 11.90
N SER D 180 -2.54 -76.14 11.13
CA SER D 180 -2.39 -75.58 9.79
C SER D 180 -1.52 -76.52 8.96
N ILE D 181 -1.85 -76.64 7.68
CA ILE D 181 -0.98 -77.35 6.74
C ILE D 181 -0.98 -76.59 5.42
N THR D 182 0.18 -76.09 5.03
CA THR D 182 0.35 -75.38 3.76
C THR D 182 1.36 -76.11 2.88
N TYR D 183 1.11 -76.07 1.57
CA TYR D 183 2.00 -76.69 0.60
C TYR D 183 2.19 -75.72 -0.56
N ASN D 184 3.44 -75.40 -0.87
CA ASN D 184 3.77 -74.55 -2.02
C ASN D 184 4.66 -75.27 -3.03
N TYR D 185 4.43 -74.97 -4.30
CA TYR D 185 5.13 -75.64 -5.41
C TYR D 185 4.87 -74.87 -6.70
N GLU D 186 5.94 -74.31 -7.26
CA GLU D 186 5.88 -73.54 -8.52
C GLU D 186 4.93 -72.35 -8.45
N GLY D 187 4.81 -71.74 -7.27
CA GLY D 187 3.92 -70.60 -7.07
C GLY D 187 2.58 -70.99 -6.44
N PHE D 188 1.95 -72.03 -6.98
CA PHE D 188 0.65 -72.49 -6.50
C PHE D 188 0.72 -72.93 -5.05
N GLY D 189 -0.36 -72.73 -4.29
CA GLY D 189 -0.36 -73.04 -2.85
C GLY D 189 -1.70 -73.43 -2.25
N ILE D 190 -1.84 -74.70 -1.87
CA ILE D 190 -2.98 -75.20 -1.10
C ILE D 190 -2.76 -74.90 0.38
N GLY D 191 -3.84 -74.68 1.12
CA GLY D 191 -3.76 -74.38 2.55
C GLY D 191 -5.02 -74.67 3.37
N ALA D 192 -4.91 -75.62 4.30
CA ALA D 192 -5.98 -75.93 5.24
C ALA D 192 -5.57 -75.52 6.66
N ALA D 193 -6.56 -75.14 7.47
CA ALA D 193 -6.30 -74.68 8.84
C ALA D 193 -7.55 -74.73 9.71
N VAL D 194 -7.45 -75.41 10.85
CA VAL D 194 -8.59 -75.66 11.74
C VAL D 194 -8.26 -75.30 13.19
N SER D 195 -9.07 -74.40 13.78
CA SER D 195 -8.92 -74.06 15.20
C SER D 195 -10.17 -74.45 15.96
N SER D 196 -10.05 -74.53 17.28
CA SER D 196 -11.18 -74.83 18.16
C SER D 196 -10.85 -74.39 19.58
N SER D 197 -11.55 -73.36 20.06
CA SER D 197 -11.27 -72.75 21.36
C SER D 197 -12.45 -72.82 22.33
N LYS D 198 -12.11 -73.02 23.60
CA LYS D 198 -13.07 -72.91 24.70
C LYS D 198 -13.47 -71.45 24.85
N ARG D 199 -14.60 -71.19 25.52
CA ARG D 199 -15.08 -69.83 25.71
C ARG D 199 -15.21 -69.47 27.19
N THR D 200 -15.18 -68.17 27.49
CA THR D 200 -15.24 -67.69 28.87
C THR D 200 -16.66 -67.66 29.37
N TRP D 201 -16.81 -67.72 30.69
CA TRP D 201 -18.11 -67.58 31.34
C TRP D 201 -18.77 -66.25 30.96
N ASP D 202 -17.98 -65.17 30.96
CA ASP D 202 -18.46 -63.85 30.57
C ASP D 202 -18.99 -63.80 29.15
N GLN D 203 -18.30 -64.48 28.22
CA GLN D 203 -18.67 -64.48 26.80
C GLN D 203 -20.10 -64.98 26.56
N ASN D 204 -20.48 -66.03 27.28
CA ASN D 204 -21.82 -66.61 27.14
C ASN D 204 -22.86 -65.84 27.95
N ASN D 205 -22.43 -65.32 29.10
CA ASN D 205 -23.34 -64.80 30.11
C ASN D 205 -23.25 -63.27 30.27
N THR D 206 -22.95 -62.59 29.16
CA THR D 206 -23.20 -61.15 29.02
C THR D 206 -24.49 -60.95 28.22
N GLY D 207 -25.12 -62.04 27.80
CA GLY D 207 -26.39 -61.99 27.07
C GLY D 207 -26.26 -61.61 25.60
N LEU D 208 -25.08 -61.79 25.04
CA LEU D 208 -24.82 -61.45 23.63
C LEU D 208 -25.21 -62.61 22.73
N ILE D 209 -25.43 -62.34 21.45
CA ILE D 209 -25.81 -63.37 20.48
C ILE D 209 -24.64 -64.27 20.09
N GLY D 210 -24.98 -65.41 19.48
CA GLY D 210 -23.99 -66.36 19.01
C GLY D 210 -23.12 -66.93 20.12
N THR D 211 -23.76 -67.39 21.19
CA THR D 211 -23.04 -67.95 22.34
C THR D 211 -23.04 -69.47 22.32
N GLY D 212 -21.98 -70.06 22.87
CA GLY D 212 -21.87 -71.50 22.97
C GLY D 212 -20.71 -71.90 23.87
N ASP D 213 -20.40 -73.19 23.90
CA ASP D 213 -19.27 -73.70 24.68
C ASP D 213 -17.96 -73.39 23.96
N ARG D 214 -17.95 -73.57 22.64
CA ARG D 214 -16.73 -73.45 21.85
C ARG D 214 -16.87 -72.55 20.63
N ALA D 215 -15.84 -71.74 20.37
CA ALA D 215 -15.67 -71.06 19.10
C ALA D 215 -14.78 -71.94 18.23
N GLU D 216 -15.20 -72.22 17.00
CA GLU D 216 -14.47 -73.10 16.10
C GLU D 216 -14.33 -72.47 14.73
N THR D 217 -13.22 -72.76 14.06
CA THR D 217 -12.93 -72.19 12.75
C THR D 217 -12.46 -73.27 11.77
N TYR D 218 -12.93 -73.16 10.53
CA TYR D 218 -12.44 -73.99 9.43
C TYR D 218 -11.98 -73.06 8.33
N THR D 219 -10.86 -73.39 7.69
CA THR D 219 -10.26 -72.49 6.73
C THR D 219 -9.56 -73.22 5.58
N GLY D 220 -10.05 -72.97 4.37
CA GLY D 220 -9.37 -73.37 3.16
C GLY D 220 -8.82 -72.11 2.49
N GLY D 221 -7.71 -72.27 1.76
CA GLY D 221 -7.07 -71.15 1.09
C GLY D 221 -6.19 -71.58 -0.07
N LEU D 222 -6.26 -70.82 -1.16
CA LEU D 222 -5.47 -71.09 -2.35
C LEU D 222 -4.78 -69.80 -2.81
N LYS D 223 -3.53 -69.92 -3.28
CA LYS D 223 -2.82 -68.75 -3.80
C LYS D 223 -1.88 -69.12 -4.94
N TYR D 224 -1.64 -68.13 -5.81
CA TYR D 224 -0.65 -68.25 -6.89
C TYR D 224 0.24 -67.02 -6.89
N ASP D 225 1.55 -67.23 -6.74
CA ASP D 225 2.51 -66.15 -6.50
C ASP D 225 3.70 -66.27 -7.45
N ALA D 226 3.52 -65.79 -8.68
CA ALA D 226 4.60 -65.86 -9.69
C ALA D 226 4.32 -64.99 -10.90
N ASN D 227 5.37 -64.63 -11.63
CA ASN D 227 5.29 -63.84 -12.88
C ASN D 227 4.57 -62.50 -12.68
N ASN D 228 5.01 -61.76 -11.65
CA ASN D 228 4.42 -60.47 -11.27
C ASN D 228 2.97 -60.55 -10.77
N ILE D 229 2.45 -61.76 -10.63
CA ILE D 229 1.04 -61.97 -10.33
C ILE D 229 0.85 -62.55 -8.93
N TYR D 230 -0.11 -62.00 -8.19
CA TYR D 230 -0.58 -62.59 -6.93
C TYR D 230 -2.08 -62.77 -6.99
N LEU D 231 -2.51 -64.00 -7.21
CA LEU D 231 -3.92 -64.36 -7.11
C LEU D 231 -4.08 -65.22 -5.88
N ALA D 232 -5.07 -64.89 -5.04
CA ALA D 232 -5.34 -65.66 -3.84
C ALA D 232 -6.74 -65.39 -3.29
N ALA D 233 -7.43 -66.46 -2.87
CA ALA D 233 -8.70 -66.36 -2.19
C ALA D 233 -8.74 -67.38 -1.06
N GLN D 234 -9.79 -67.35 -0.26
CA GLN D 234 -9.90 -68.24 0.89
C GLN D 234 -11.31 -68.35 1.44
N TYR D 235 -11.64 -69.54 1.94
CA TYR D 235 -12.92 -69.79 2.59
C TYR D 235 -12.67 -70.02 4.07
N THR D 236 -13.40 -69.30 4.91
CA THR D 236 -13.33 -69.47 6.35
C THR D 236 -14.73 -69.58 6.93
N GLN D 237 -15.08 -70.77 7.41
CA GLN D 237 -16.37 -70.99 8.07
C GLN D 237 -16.17 -71.06 9.59
N THR D 238 -17.06 -70.41 10.33
CA THR D 238 -16.92 -70.29 11.77
C THR D 238 -18.22 -70.58 12.51
N TYR D 239 -18.12 -71.26 13.65
CA TYR D 239 -19.24 -71.38 14.58
C TYR D 239 -18.96 -70.53 15.82
N ASN D 240 -19.82 -69.55 16.08
CA ASN D 240 -19.76 -68.75 17.30
C ASN D 240 -18.42 -68.06 17.51
N ALA D 241 -17.75 -67.68 16.42
CA ALA D 241 -16.38 -67.15 16.49
C ALA D 241 -16.22 -65.77 15.85
N THR D 242 -16.90 -65.52 14.73
CA THR D 242 -16.84 -64.23 14.05
C THR D 242 -17.62 -63.18 14.84
N ARG D 243 -17.02 -62.01 15.06
CA ARG D 243 -17.69 -60.91 15.75
C ARG D 243 -18.76 -60.27 14.85
N VAL D 244 -19.86 -59.84 15.48
CA VAL D 244 -20.97 -59.19 14.78
C VAL D 244 -21.34 -57.90 15.50
N GLY D 245 -20.68 -56.80 15.11
CA GLY D 245 -20.93 -55.50 15.72
C GLY D 245 -20.61 -55.51 17.21
N SER D 246 -21.47 -54.87 17.99
CA SER D 246 -21.40 -54.96 19.45
C SER D 246 -22.41 -55.98 19.97
N LEU D 247 -23.25 -56.49 19.07
CA LEU D 247 -24.32 -57.42 19.44
C LEU D 247 -23.80 -58.74 19.99
N GLY D 248 -22.68 -59.22 19.46
CA GLY D 248 -22.07 -60.47 19.90
C GLY D 248 -21.31 -61.15 18.78
N TRP D 249 -21.53 -62.46 18.64
CA TRP D 249 -20.91 -63.25 17.58
C TRP D 249 -21.96 -63.84 16.64
N ALA D 250 -21.51 -64.45 15.55
CA ALA D 250 -22.40 -65.11 14.60
C ALA D 250 -22.40 -66.61 14.85
N ASN D 251 -23.58 -67.14 15.20
CA ASN D 251 -23.78 -68.58 15.36
C ASN D 251 -23.12 -69.38 14.25
N LYS D 252 -23.25 -68.87 13.03
CA LYS D 252 -22.51 -69.40 11.89
C LYS D 252 -22.19 -68.24 10.96
N ALA D 253 -20.97 -68.22 10.43
CA ALA D 253 -20.54 -67.19 9.49
C ALA D 253 -19.79 -67.84 8.34
N GLN D 254 -20.16 -67.48 7.11
CA GLN D 254 -19.48 -67.97 5.91
C GLN D 254 -18.67 -66.85 5.28
N ASN D 255 -17.36 -66.87 5.51
CA ASN D 255 -16.48 -65.77 5.11
C ASN D 255 -15.62 -66.14 3.89
N PHE D 256 -15.49 -65.19 2.96
CA PHE D 256 -14.72 -65.40 1.74
C PHE D 256 -14.07 -64.10 1.26
N GLU D 257 -12.77 -64.18 1.03
CA GLU D 257 -12.00 -63.05 0.53
C GLU D 257 -11.26 -63.51 -0.74
N ALA D 258 -11.14 -62.62 -1.73
CA ALA D 258 -10.39 -62.93 -2.96
C ALA D 258 -9.67 -61.68 -3.47
N VAL D 259 -8.42 -61.86 -3.91
CA VAL D 259 -7.56 -60.76 -4.28
C VAL D 259 -6.78 -61.04 -5.56
N ALA D 260 -6.63 -60.02 -6.40
CA ALA D 260 -5.82 -60.12 -7.62
C ALA D 260 -4.96 -58.89 -7.78
N GLN D 261 -3.64 -59.11 -7.80
CA GLN D 261 -2.66 -58.03 -7.91
C GLN D 261 -1.67 -58.30 -9.02
N TYR D 262 -1.27 -57.23 -9.71
CA TYR D 262 -0.20 -57.31 -10.69
C TYR D 262 0.87 -56.25 -10.39
N GLN D 263 2.13 -56.65 -10.45
CA GLN D 263 3.24 -55.76 -10.17
C GLN D 263 3.87 -55.27 -11.46
N PHE D 264 3.67 -53.99 -11.79
CA PHE D 264 4.35 -53.36 -12.90
C PHE D 264 5.79 -53.04 -12.53
N ASP D 265 6.68 -53.07 -13.51
CA ASP D 265 8.12 -52.97 -13.27
C ASP D 265 8.56 -51.62 -12.70
N PHE D 266 7.94 -50.55 -13.17
CA PHE D 266 8.30 -49.19 -12.72
C PHE D 266 7.95 -48.91 -11.25
N GLY D 267 6.90 -49.56 -10.75
CA GLY D 267 6.54 -49.42 -9.34
C GLY D 267 5.08 -49.66 -8.95
N LEU D 268 4.16 -49.50 -9.89
CA LEU D 268 2.74 -49.57 -9.59
C LEU D 268 2.26 -51.01 -9.41
N ARG D 269 1.42 -51.22 -8.41
CA ARG D 269 0.86 -52.54 -8.11
C ARG D 269 -0.63 -52.39 -7.82
N PRO D 270 -1.46 -52.31 -8.87
CA PRO D 270 -2.90 -52.23 -8.67
C PRO D 270 -3.50 -53.52 -8.13
N PHE D 271 -4.63 -53.41 -7.45
CA PHE D 271 -5.31 -54.57 -6.88
C PHE D 271 -6.82 -54.46 -7.04
N LEU D 272 -7.47 -55.62 -6.95
CA LEU D 272 -8.91 -55.70 -7.08
C LEU D 272 -9.36 -56.83 -6.17
N ALA D 273 -9.71 -56.48 -4.95
CA ALA D 273 -10.10 -57.46 -3.93
C ALA D 273 -11.61 -57.49 -3.74
N TYR D 274 -12.08 -58.55 -3.09
CA TYR D 274 -13.49 -58.71 -2.78
C TYR D 274 -13.64 -59.51 -1.49
N LEU D 275 -14.50 -59.03 -0.61
CA LEU D 275 -14.74 -59.66 0.67
C LEU D 275 -16.22 -59.95 0.90
N GLN D 276 -16.49 -60.85 1.84
CA GLN D 276 -17.84 -61.30 2.14
C GLN D 276 -17.83 -62.02 3.49
N SER D 277 -18.84 -61.74 4.32
CA SER D 277 -19.02 -62.43 5.60
C SER D 277 -20.49 -62.67 5.84
N LYS D 278 -21.04 -63.68 5.16
CA LYS D 278 -22.45 -64.03 5.29
C LYS D 278 -22.74 -64.73 6.61
N GLY D 279 -23.55 -64.11 7.46
CA GLY D 279 -23.92 -64.68 8.76
C GLY D 279 -25.26 -65.41 8.69
N LYS D 280 -25.21 -66.73 8.89
CA LYS D 280 -26.40 -67.58 8.78
C LYS D 280 -27.14 -67.67 10.11
N ASN D 281 -28.45 -67.96 10.03
CA ASN D 281 -29.38 -67.88 11.16
C ASN D 281 -28.73 -67.50 12.50
N LEU D 282 -28.58 -66.19 12.70
CA LEU D 282 -27.93 -65.63 13.89
C LEU D 282 -28.84 -65.66 15.11
N GLY D 283 -30.14 -65.59 14.87
CA GLY D 283 -31.15 -65.62 15.93
C GLY D 283 -31.41 -64.24 16.49
N ARG D 284 -32.39 -64.13 17.39
CA ARG D 284 -32.75 -62.87 18.05
C ARG D 284 -33.30 -61.85 17.04
N GLY D 285 -34.09 -62.33 16.09
CA GLY D 285 -34.80 -61.47 15.14
C GLY D 285 -33.91 -60.78 14.11
N TYR D 286 -33.05 -61.56 13.46
CA TYR D 286 -32.20 -61.06 12.37
C TYR D 286 -32.15 -62.08 11.22
N ASP D 287 -31.71 -63.29 11.56
CA ASP D 287 -31.60 -64.40 10.61
C ASP D 287 -30.46 -64.14 9.61
N ASP D 288 -30.58 -64.65 8.39
CA ASP D 288 -29.46 -64.62 7.43
C ASP D 288 -29.17 -63.21 6.90
N GLU D 289 -28.24 -62.54 7.56
CA GLU D 289 -27.79 -61.19 7.17
C GLU D 289 -26.29 -61.19 6.90
N ASP D 290 -25.84 -60.22 6.12
CA ASP D 290 -24.42 -60.07 5.80
C ASP D 290 -23.72 -59.24 6.87
N ILE D 291 -22.64 -59.80 7.45
CA ILE D 291 -21.84 -59.11 8.47
C ILE D 291 -20.84 -58.15 7.83
N LEU D 292 -20.38 -58.50 6.63
CA LEU D 292 -19.51 -57.63 5.86
C LEU D 292 -19.49 -58.01 4.39
N LYS D 293 -19.36 -57.01 3.54
CA LYS D 293 -19.33 -57.21 2.09
C LYS D 293 -18.84 -55.93 1.44
N TYR D 294 -17.67 -56.00 0.78
CA TYR D 294 -17.19 -54.88 -0.03
C TYR D 294 -16.19 -55.30 -1.11
N VAL D 295 -16.25 -54.57 -2.23
CA VAL D 295 -15.23 -54.65 -3.25
C VAL D 295 -14.22 -53.58 -2.94
N ASP D 296 -12.94 -53.89 -3.17
CA ASP D 296 -11.84 -53.01 -2.81
C ASP D 296 -10.82 -52.87 -3.96
N VAL D 297 -10.68 -51.66 -4.50
CA VAL D 297 -9.77 -51.44 -5.62
C VAL D 297 -8.95 -50.17 -5.44
N GLY D 298 -7.63 -50.28 -5.62
CA GLY D 298 -6.72 -49.14 -5.57
C GLY D 298 -5.40 -49.47 -6.25
N ALA D 299 -4.31 -49.00 -5.67
CA ALA D 299 -2.97 -49.33 -6.17
C ALA D 299 -1.89 -48.78 -5.26
N THR D 300 -0.90 -49.61 -4.95
CA THR D 300 0.32 -49.15 -4.27
C THR D 300 1.37 -48.81 -5.32
N TYR D 301 2.05 -47.69 -5.14
CA TYR D 301 3.24 -47.40 -5.92
C TYR D 301 4.45 -47.57 -5.03
N TYR D 302 5.46 -48.25 -5.56
CA TYR D 302 6.68 -48.49 -4.81
C TYR D 302 7.82 -47.69 -5.40
N PHE D 303 8.19 -46.62 -4.73
CA PHE D 303 9.42 -45.89 -5.06
C PHE D 303 10.58 -46.88 -4.93
N ASN D 304 10.66 -47.52 -3.77
CA ASN D 304 11.61 -48.58 -3.52
C ASN D 304 11.19 -49.38 -2.27
N LYS D 305 12.08 -50.17 -1.71
CA LYS D 305 11.76 -50.97 -0.53
C LYS D 305 11.68 -50.16 0.76
N ASN D 306 11.98 -48.86 0.70
CA ASN D 306 11.93 -48.00 1.88
C ASN D 306 10.78 -46.99 1.86
N MET D 307 10.45 -46.50 0.67
CA MET D 307 9.38 -45.52 0.52
C MET D 307 8.29 -46.10 -0.37
N SER D 308 7.04 -45.80 -0.03
CA SER D 308 5.90 -46.20 -0.84
C SER D 308 4.75 -45.22 -0.64
N THR D 309 3.81 -45.22 -1.58
CA THR D 309 2.60 -44.44 -1.44
C THR D 309 1.45 -45.15 -2.14
N TYR D 310 0.22 -44.94 -1.66
CA TYR D 310 -0.93 -45.69 -2.17
C TYR D 310 -2.29 -45.03 -2.00
N VAL D 311 -3.22 -45.45 -2.86
CA VAL D 311 -4.65 -45.18 -2.70
C VAL D 311 -5.36 -46.52 -2.50
N ASP D 312 -6.38 -46.52 -1.66
CA ASP D 312 -7.13 -47.73 -1.33
C ASP D 312 -8.61 -47.37 -1.17
N TYR D 313 -9.46 -47.94 -2.03
CA TYR D 313 -10.88 -47.54 -2.15
C TYR D 313 -11.79 -48.66 -1.67
N LYS D 314 -12.33 -48.54 -0.45
CA LYS D 314 -13.33 -49.48 0.04
C LYS D 314 -14.70 -49.11 -0.53
N ILE D 315 -15.23 -49.97 -1.40
CA ILE D 315 -16.57 -49.81 -1.95
C ILE D 315 -17.52 -50.70 -1.16
N ASN D 316 -18.11 -50.15 -0.10
CA ASN D 316 -18.93 -50.93 0.84
C ASN D 316 -20.30 -51.28 0.25
N LEU D 317 -20.50 -52.55 -0.05
CA LEU D 317 -21.75 -53.02 -0.67
C LEU D 317 -22.88 -53.27 0.34
N LEU D 318 -22.59 -53.11 1.63
CA LEU D 318 -23.60 -53.28 2.67
C LEU D 318 -24.68 -52.21 2.59
N ASP D 319 -25.93 -52.64 2.73
CA ASP D 319 -27.07 -51.72 2.80
C ASP D 319 -27.29 -51.28 4.23
N ASP D 320 -27.89 -50.11 4.40
CA ASP D 320 -28.19 -49.58 5.73
C ASP D 320 -29.52 -50.15 6.21
N ASN D 321 -29.49 -50.86 7.33
CA ASN D 321 -30.69 -51.46 7.91
C ASN D 321 -30.50 -51.74 9.41
N ARG D 322 -31.55 -52.26 10.04
CA ARG D 322 -31.54 -52.49 11.49
C ARG D 322 -30.33 -53.31 11.95
N PHE D 323 -30.07 -54.42 11.27
CA PHE D 323 -28.92 -55.28 11.59
C PHE D 323 -27.61 -54.52 11.46
N THR D 324 -27.51 -53.69 10.42
CA THR D 324 -26.30 -52.88 10.17
C THR D 324 -26.29 -51.57 10.95
N ARG D 325 -27.27 -51.39 11.84
CA ARG D 325 -27.33 -50.23 12.73
C ARG D 325 -27.26 -50.67 14.19
N ASP D 326 -28.12 -51.61 14.58
CA ASP D 326 -28.07 -52.19 15.93
C ASP D 326 -26.67 -52.72 16.22
N ALA D 327 -26.10 -53.45 15.26
CA ALA D 327 -24.72 -53.94 15.39
C ALA D 327 -23.72 -52.79 15.28
N GLY D 328 -24.09 -51.75 14.52
CA GLY D 328 -23.24 -50.58 14.35
C GLY D 328 -22.13 -50.83 13.36
N ILE D 329 -22.47 -51.47 12.25
CA ILE D 329 -21.50 -51.84 11.21
C ILE D 329 -21.49 -50.79 10.10
N ASN D 330 -20.36 -50.10 9.95
CA ASN D 330 -20.18 -49.09 8.91
C ASN D 330 -20.66 -49.58 7.55
N THR D 331 -21.71 -48.93 7.04
CA THR D 331 -22.25 -49.23 5.70
C THR D 331 -21.71 -48.28 4.64
N ASP D 332 -20.86 -47.33 5.07
CA ASP D 332 -20.36 -46.28 4.18
C ASP D 332 -19.04 -46.65 3.53
N ASP D 333 -18.70 -45.93 2.47
CA ASP D 333 -17.43 -46.10 1.79
C ASP D 333 -16.30 -45.45 2.56
N ILE D 334 -15.07 -45.93 2.30
CA ILE D 334 -13.86 -45.29 2.81
C ILE D 334 -12.78 -45.32 1.72
N VAL D 335 -12.02 -44.22 1.63
CA VAL D 335 -10.87 -44.15 0.74
C VAL D 335 -9.65 -43.71 1.55
N ALA D 336 -8.59 -44.53 1.49
CA ALA D 336 -7.36 -44.25 2.23
C ALA D 336 -6.26 -43.74 1.29
N LEU D 337 -5.54 -42.71 1.72
CA LEU D 337 -4.41 -42.17 0.99
C LEU D 337 -3.15 -42.30 1.87
N GLY D 338 -2.35 -43.33 1.60
CA GLY D 338 -1.15 -43.59 2.38
C GLY D 338 0.13 -43.09 1.70
N LEU D 339 1.08 -42.65 2.53
CA LEU D 339 2.41 -42.29 2.09
C LEU D 339 3.32 -42.78 3.20
N VAL D 340 4.16 -43.75 2.89
CA VAL D 340 4.84 -44.55 3.93
C VAL D 340 6.36 -44.71 3.74
N TYR D 341 7.14 -44.11 4.65
CA TYR D 341 8.58 -44.44 4.80
C TYR D 341 8.74 -45.61 5.75
N GLN D 342 9.74 -46.44 5.51
CA GLN D 342 10.06 -47.53 6.42
C GLN D 342 11.52 -47.92 6.35
N PHE D 343 11.92 -48.80 7.26
CA PHE D 343 13.31 -49.15 7.38
C PHE D 343 13.45 -50.52 8.03
N ALA E 1 21.90 -40.38 16.54
CA ALA E 1 23.18 -40.90 15.98
C ALA E 1 22.96 -41.98 14.89
N GLU E 2 23.47 -41.72 13.69
CA GLU E 2 23.24 -42.55 12.51
C GLU E 2 23.78 -43.96 12.70
N ILE E 3 22.88 -44.91 12.89
CA ILE E 3 23.28 -46.27 13.19
C ILE E 3 23.06 -47.20 12.03
N TYR E 4 22.64 -46.65 10.90
CA TYR E 4 22.47 -47.46 9.69
C TYR E 4 22.66 -46.62 8.46
N ASN E 5 23.55 -47.02 7.58
CA ASN E 5 23.75 -46.32 6.34
C ASN E 5 24.28 -47.29 5.31
N LYS E 6 23.42 -47.66 4.37
CA LYS E 6 23.67 -48.79 3.51
C LYS E 6 22.68 -48.82 2.38
N ASP E 7 23.20 -49.09 1.19
CA ASP E 7 22.39 -49.13 0.00
C ASP E 7 21.38 -47.99 -0.03
N GLY E 8 21.86 -46.77 0.21
CA GLY E 8 21.05 -45.57 0.00
C GLY E 8 20.00 -45.22 1.04
N ASN E 9 19.50 -46.23 1.77
CA ASN E 9 18.73 -45.92 2.96
C ASN E 9 19.68 -45.63 4.09
N LYS E 10 19.39 -44.58 4.86
CA LYS E 10 20.09 -44.33 6.12
C LYS E 10 19.13 -43.99 7.24
N LEU E 11 19.46 -44.46 8.43
CA LEU E 11 18.58 -44.31 9.60
C LEU E 11 19.37 -43.79 10.78
N ASP E 12 18.94 -42.63 11.29
CA ASP E 12 19.55 -42.03 12.45
C ASP E 12 18.59 -42.19 13.59
N LEU E 13 19.05 -42.90 14.64
CA LEU E 13 18.25 -43.16 15.84
C LEU E 13 18.76 -42.30 16.98
N TYR E 14 17.92 -41.42 17.49
CA TYR E 14 18.38 -40.34 18.35
C TYR E 14 17.45 -40.13 19.51
N GLY E 15 18.01 -39.54 20.57
CA GLY E 15 17.24 -39.28 21.77
C GLY E 15 18.05 -38.64 22.87
N LYS E 16 17.41 -38.39 24.01
CA LYS E 16 18.11 -37.81 25.15
C LYS E 16 17.44 -38.15 26.46
N VAL E 17 18.25 -38.13 27.52
CA VAL E 17 17.75 -38.17 28.88
C VAL E 17 18.05 -36.81 29.49
N GLU E 18 16.99 -36.08 29.83
CA GLU E 18 17.11 -34.76 30.38
C GLU E 18 16.81 -34.84 31.87
N GLY E 19 17.86 -34.86 32.68
CA GLY E 19 17.72 -34.83 34.14
C GLY E 19 17.34 -33.42 34.58
N LEU E 20 16.04 -33.18 34.72
CA LEU E 20 15.52 -31.83 34.91
C LEU E 20 14.84 -31.74 36.26
N HIS E 21 15.01 -30.59 36.91
CA HIS E 21 14.33 -30.33 38.18
C HIS E 21 13.89 -28.87 38.28
N TYR E 22 12.58 -28.67 38.47
CA TYR E 22 12.03 -27.33 38.63
C TYR E 22 12.09 -26.90 40.08
N PHE E 23 12.48 -25.66 40.31
CA PHE E 23 12.35 -25.02 41.60
C PHE E 23 11.37 -23.87 41.44
N SER E 24 10.48 -23.69 42.43
CA SER E 24 9.45 -22.66 42.36
C SER E 24 8.75 -22.46 43.69
N ASP E 25 8.15 -21.29 43.87
CA ASP E 25 7.22 -21.09 44.97
C ASP E 25 5.91 -21.85 44.70
N ASN E 26 5.55 -21.95 43.42
CA ASN E 26 4.39 -22.75 43.00
C ASN E 26 4.65 -24.25 43.19
N ASP E 27 3.81 -24.90 43.98
CA ASP E 27 3.94 -26.33 44.25
C ASP E 27 3.62 -27.18 43.02
N SER E 28 2.71 -26.68 42.17
CA SER E 28 2.34 -27.39 40.93
C SER E 28 3.44 -27.35 39.87
N LYS E 29 4.30 -26.34 39.95
CA LYS E 29 5.42 -26.18 39.04
C LYS E 29 6.74 -26.35 39.80
N ASP E 30 6.78 -27.35 40.68
CA ASP E 30 7.97 -27.62 41.49
C ASP E 30 8.15 -29.13 41.69
N GLY E 31 9.38 -29.61 41.43
CA GLY E 31 9.71 -31.03 41.60
C GLY E 31 10.55 -31.58 40.46
N ASP E 32 10.63 -32.90 40.41
CA ASP E 32 11.32 -33.59 39.32
C ASP E 32 10.52 -33.42 38.04
N LYS E 33 11.19 -32.94 36.99
CA LYS E 33 10.60 -32.85 35.66
C LYS E 33 11.41 -33.68 34.64
N THR E 34 12.03 -34.75 35.14
CA THR E 34 12.88 -35.61 34.32
C THR E 34 12.08 -36.29 33.22
N TYR E 35 12.59 -36.23 32.00
CA TYR E 35 11.94 -36.83 30.86
C TYR E 35 12.98 -37.32 29.87
N MET E 36 12.49 -38.01 28.85
CA MET E 36 13.35 -38.67 27.87
C MET E 36 12.65 -38.64 26.53
N ARG E 37 13.44 -38.53 25.46
CA ARG E 37 12.90 -38.58 24.12
C ARG E 37 13.65 -39.63 23.34
N LEU E 38 12.97 -40.14 22.31
CA LEU E 38 13.52 -41.15 21.42
C LEU E 38 12.84 -40.97 20.08
N GLY E 39 13.64 -40.91 19.01
CA GLY E 39 13.07 -40.78 17.67
C GLY E 39 13.97 -41.37 16.60
N PHE E 40 13.50 -41.35 15.36
CA PHE E 40 14.39 -41.60 14.25
C PHE E 40 14.07 -40.67 13.09
N LYS E 41 15.12 -40.15 12.46
CA LYS E 41 15.00 -39.51 11.16
C LYS E 41 15.45 -40.59 10.19
N GLY E 42 14.66 -40.82 9.16
CA GLY E 42 14.97 -41.80 8.13
C GLY E 42 15.08 -41.11 6.79
N GLU E 43 15.69 -41.79 5.83
CA GLU E 43 15.95 -41.20 4.53
C GLU E 43 16.31 -42.29 3.53
N THR E 44 15.79 -42.20 2.31
CA THR E 44 16.14 -43.12 1.23
C THR E 44 16.32 -42.38 -0.08
N GLN E 45 17.39 -42.70 -0.81
CA GLN E 45 17.54 -42.20 -2.17
C GLN E 45 16.68 -43.02 -3.10
N VAL E 46 15.84 -42.35 -3.88
CA VAL E 46 15.04 -43.00 -4.91
C VAL E 46 15.70 -42.75 -6.25
N THR E 47 16.09 -41.50 -6.48
CA THR E 47 16.80 -41.08 -7.70
C THR E 47 17.82 -39.98 -7.40
N ASP E 48 18.50 -39.51 -8.46
CA ASP E 48 19.33 -38.29 -8.40
C ASP E 48 18.58 -37.17 -7.72
N GLN E 49 17.33 -37.01 -8.13
CA GLN E 49 16.53 -35.87 -7.77
C GLN E 49 15.67 -36.22 -6.56
N LEU E 50 14.94 -37.33 -6.66
CA LEU E 50 13.95 -37.70 -5.65
C LEU E 50 14.58 -38.40 -4.46
N THR E 51 14.19 -37.97 -3.27
CA THR E 51 14.61 -38.58 -2.02
C THR E 51 13.42 -38.67 -1.11
N GLY E 52 13.21 -39.83 -0.49
CA GLY E 52 12.06 -40.05 0.40
C GLY E 52 12.52 -40.17 1.83
N TYR E 53 11.69 -39.71 2.76
CA TYR E 53 12.07 -39.66 4.18
C TYR E 53 10.93 -39.96 5.12
N GLY E 54 11.30 -40.46 6.30
CA GLY E 54 10.37 -40.62 7.43
C GLY E 54 10.96 -39.94 8.66
N GLN E 55 10.13 -39.69 9.65
CA GLN E 55 10.62 -39.16 10.90
C GLN E 55 9.63 -39.35 12.04
N TRP E 56 10.18 -39.74 13.19
CA TRP E 56 9.40 -40.04 14.39
C TRP E 56 10.09 -39.44 15.63
N GLU E 57 9.31 -39.12 16.65
CA GLU E 57 9.89 -38.68 17.92
C GLU E 57 8.85 -38.82 19.03
N TYR E 58 9.21 -39.61 20.05
CA TYR E 58 8.34 -39.85 21.19
C TYR E 58 8.95 -39.15 22.40
N GLN E 59 8.11 -38.81 23.37
CA GLN E 59 8.58 -38.26 24.65
C GLN E 59 7.95 -39.06 25.76
N ILE E 60 8.77 -39.49 26.71
CA ILE E 60 8.32 -40.32 27.80
C ILE E 60 8.78 -39.73 29.12
N GLN E 61 7.84 -39.39 29.99
CA GLN E 61 8.20 -38.80 31.27
C GLN E 61 8.94 -39.80 32.18
N GLY E 62 9.98 -39.33 32.87
CA GLY E 62 10.72 -40.12 33.85
C GLY E 62 10.66 -39.53 35.24
N ASN E 63 9.61 -38.75 35.51
CA ASN E 63 9.35 -38.20 36.83
C ASN E 63 8.18 -38.94 37.48
N GLU E 64 7.68 -39.97 36.80
CA GLU E 64 6.49 -40.69 37.24
C GLU E 64 6.78 -42.15 37.58
N PRO E 65 5.98 -42.75 38.48
CA PRO E 65 6.18 -44.08 39.05
C PRO E 65 5.62 -45.21 38.19
N GLU E 66 5.82 -46.44 38.64
CA GLU E 66 5.53 -47.61 37.80
C GLU E 66 4.08 -47.76 37.33
N SER E 67 3.13 -47.12 37.99
CA SER E 67 1.72 -47.21 37.57
C SER E 67 1.45 -46.34 36.33
N ASP E 68 1.11 -45.08 36.53
CA ASP E 68 0.95 -44.14 35.41
C ASP E 68 2.33 -43.75 34.88
N ASN E 69 2.46 -43.69 33.56
CA ASN E 69 3.67 -43.15 32.95
C ASN E 69 3.30 -42.47 31.62
N SER E 70 2.95 -41.19 31.73
CA SER E 70 2.48 -40.42 30.58
C SER E 70 3.61 -40.17 29.55
N SER E 71 3.24 -40.25 28.28
CA SER E 71 4.18 -40.25 27.15
C SER E 71 3.42 -40.08 25.86
N TRP E 72 4.02 -39.49 24.85
CA TRP E 72 3.30 -39.18 23.62
C TRP E 72 4.17 -38.97 22.39
N THR E 73 3.56 -39.15 21.22
CA THR E 73 4.24 -38.86 19.95
C THR E 73 4.31 -37.35 19.81
N ARG E 74 5.45 -36.86 19.33
CA ARG E 74 5.66 -35.43 19.14
C ARG E 74 5.55 -35.08 17.66
N VAL E 75 6.32 -35.76 16.83
CA VAL E 75 6.17 -35.68 15.38
C VAL E 75 6.26 -37.07 14.79
N ALA E 76 5.42 -37.32 13.78
CA ALA E 76 5.43 -38.58 13.06
C ALA E 76 4.95 -38.29 11.64
N PHE E 77 5.86 -38.31 10.67
CA PHE E 77 5.49 -38.03 9.28
C PHE E 77 6.37 -38.69 8.26
N ALA E 78 5.78 -38.95 7.10
CA ALA E 78 6.47 -39.46 5.93
C ALA E 78 6.30 -38.48 4.78
N GLY E 79 7.24 -38.52 3.84
CA GLY E 79 7.20 -37.63 2.69
C GLY E 79 8.35 -37.72 1.69
N LEU E 80 8.12 -37.13 0.52
CA LEU E 80 9.07 -37.13 -0.58
C LEU E 80 9.69 -35.76 -0.78
N LYS E 81 10.79 -35.72 -1.53
CA LYS E 81 11.51 -34.48 -1.82
C LYS E 81 12.25 -34.57 -3.15
N PHE E 82 11.92 -33.65 -4.07
CA PHE E 82 12.52 -33.59 -5.39
C PHE E 82 13.38 -32.35 -5.52
N GLN E 83 14.58 -32.53 -6.06
CA GLN E 83 15.56 -31.47 -6.21
C GLN E 83 14.96 -30.25 -6.91
N ASP E 84 15.20 -29.06 -6.35
CA ASP E 84 14.81 -27.77 -6.96
C ASP E 84 13.31 -27.61 -7.26
N VAL E 85 12.47 -28.48 -6.71
CA VAL E 85 11.02 -28.39 -6.88
C VAL E 85 10.36 -28.14 -5.53
N GLY E 86 10.61 -29.05 -4.58
CA GLY E 86 10.10 -28.89 -3.22
C GLY E 86 10.02 -30.20 -2.44
N SER E 87 9.20 -30.21 -1.40
CA SER E 87 9.01 -31.38 -0.55
C SER E 87 7.61 -31.40 0.06
N PHE E 88 7.08 -32.59 0.29
CA PHE E 88 5.70 -32.75 0.78
C PHE E 88 5.60 -33.88 1.79
N ASP E 89 5.14 -33.57 3.01
CA ASP E 89 5.11 -34.55 4.09
C ASP E 89 3.85 -34.49 4.96
N TYR E 90 3.12 -35.60 4.97
CA TYR E 90 1.87 -35.72 5.72
C TYR E 90 2.01 -36.51 7.02
N GLY E 91 1.50 -35.92 8.10
CA GLY E 91 1.51 -36.56 9.42
C GLY E 91 1.60 -35.52 10.53
N ARG E 92 1.73 -35.97 11.77
CA ARG E 92 1.97 -35.07 12.89
C ARG E 92 3.33 -34.40 12.72
N ASN E 93 3.32 -33.08 12.63
CA ASN E 93 4.51 -32.30 12.29
C ASN E 93 4.41 -30.95 13.00
N TYR E 94 5.26 -30.00 12.63
CA TYR E 94 5.12 -28.63 13.09
C TYR E 94 4.22 -27.85 12.13
N GLY E 95 3.29 -27.07 12.67
CA GLY E 95 2.53 -26.12 11.87
C GLY E 95 3.46 -25.11 11.20
N VAL E 96 2.99 -24.52 10.12
CA VAL E 96 3.82 -23.64 9.28
C VAL E 96 4.21 -22.33 9.98
N VAL E 97 3.37 -21.85 10.89
CA VAL E 97 3.68 -20.66 11.67
C VAL E 97 5.02 -20.81 12.36
N TYR E 98 5.26 -21.98 12.94
CA TYR E 98 6.52 -22.25 13.65
C TYR E 98 7.76 -21.83 12.88
N ASP E 99 7.71 -21.98 11.56
CA ASP E 99 8.80 -21.55 10.68
C ASP E 99 9.44 -20.23 11.13
N VAL E 100 8.60 -19.24 11.45
CA VAL E 100 9.09 -17.95 11.90
C VAL E 100 9.21 -17.94 13.42
N THR E 101 8.11 -18.21 14.11
CA THR E 101 8.04 -18.09 15.59
C THR E 101 9.03 -18.94 16.37
N SER E 102 9.55 -20.01 15.75
CA SER E 102 10.55 -20.87 16.36
C SER E 102 11.90 -20.18 16.58
N TRP E 103 12.15 -19.08 15.88
CA TRP E 103 13.40 -18.33 16.02
C TRP E 103 13.61 -17.75 17.43
N THR E 104 12.53 -17.66 18.20
CA THR E 104 12.61 -17.27 19.60
C THR E 104 12.53 -18.46 20.57
N ASP E 105 12.37 -19.66 20.02
CA ASP E 105 12.23 -20.88 20.82
C ASP E 105 13.60 -21.52 21.01
N VAL E 106 14.52 -20.74 21.57
CA VAL E 106 15.93 -21.13 21.60
C VAL E 106 16.47 -21.26 23.03
N LEU E 107 15.56 -21.20 24.00
CA LEU E 107 15.95 -21.27 25.40
C LEU E 107 15.94 -22.74 25.81
N PRO E 108 16.68 -23.08 26.88
CA PRO E 108 16.89 -24.50 27.22
C PRO E 108 15.67 -25.23 27.81
N GLU E 109 14.68 -24.52 28.32
CA GLU E 109 13.50 -25.16 28.90
C GLU E 109 12.25 -24.32 28.74
N PHE E 110 12.30 -23.08 29.20
CA PHE E 110 11.18 -22.17 29.07
C PHE E 110 11.24 -21.50 27.70
N GLY E 111 10.47 -20.43 27.50
CA GLY E 111 10.45 -19.74 26.22
C GLY E 111 9.61 -20.47 25.20
N GLY E 112 9.32 -19.79 24.09
CA GLY E 112 8.47 -20.33 23.03
C GLY E 112 7.16 -20.90 23.56
N ASP E 113 6.47 -20.13 24.41
CA ASP E 113 5.22 -20.58 25.01
C ASP E 113 4.08 -19.55 24.88
N THR E 114 4.09 -18.77 23.80
CA THR E 114 2.92 -17.97 23.39
C THR E 114 2.03 -18.81 22.47
N TYR E 115 2.41 -20.07 22.28
CA TYR E 115 1.64 -21.07 21.55
C TYR E 115 1.70 -22.38 22.34
N ASP E 116 0.70 -23.23 22.16
CA ASP E 116 0.66 -24.53 22.83
C ASP E 116 0.79 -25.65 21.80
N SER E 117 0.83 -26.89 22.27
CA SER E 117 0.85 -28.05 21.37
C SER E 117 -0.58 -28.39 20.93
N ASP E 118 -0.74 -28.75 19.66
CA ASP E 118 -2.06 -28.99 19.04
C ASP E 118 -2.90 -27.71 19.11
N ASN E 119 -2.27 -26.56 18.90
CA ASN E 119 -2.92 -25.27 19.04
C ASN E 119 -3.17 -24.67 17.66
N PHE E 120 -3.96 -25.40 16.85
CA PHE E 120 -4.19 -25.08 15.44
C PHE E 120 -2.86 -25.27 14.67
N MET E 121 -2.52 -24.34 13.79
CA MET E 121 -1.30 -24.43 12.98
C MET E 121 -0.12 -23.68 13.61
N GLN E 122 -0.13 -23.51 14.93
CA GLN E 122 0.86 -22.65 15.62
C GLN E 122 2.15 -23.36 16.04
N GLN E 123 2.06 -24.67 16.31
CA GLN E 123 3.24 -25.47 16.67
C GLN E 123 3.03 -26.95 16.28
N HIS E 124 3.23 -27.89 17.21
CA HIS E 124 2.97 -29.29 16.91
C HIS E 124 1.52 -29.46 16.49
N GLY E 125 1.23 -30.52 15.75
CA GLY E 125 -0.14 -30.81 15.36
C GLY E 125 -0.31 -31.99 14.45
N ASN E 126 -1.49 -32.61 14.53
CA ASN E 126 -1.82 -33.79 13.73
C ASN E 126 -2.32 -33.42 12.33
N GLY E 127 -1.96 -34.24 11.36
CA GLY E 127 -2.54 -34.15 10.02
C GLY E 127 -2.20 -32.90 9.24
N PHE E 128 -0.94 -32.49 9.30
CA PHE E 128 -0.44 -31.42 8.43
C PHE E 128 0.03 -31.97 7.09
N ALA E 129 -0.57 -31.51 6.01
CA ALA E 129 -0.01 -31.68 4.69
C ALA E 129 0.79 -30.40 4.40
N THR E 130 2.09 -30.56 4.15
CA THR E 130 3.01 -29.42 4.09
C THR E 130 3.88 -29.45 2.81
N TYR E 131 3.67 -28.49 1.92
CA TYR E 131 4.62 -28.24 0.84
C TYR E 131 5.66 -27.25 1.31
N ARG E 132 6.93 -27.48 0.95
CA ARG E 132 8.03 -26.55 1.26
C ARG E 132 8.93 -26.42 0.05
N ASN E 133 9.61 -25.28 -0.05
CA ASN E 133 10.50 -25.02 -1.19
C ASN E 133 11.73 -24.22 -0.77
N THR E 134 12.88 -24.89 -0.76
CA THR E 134 14.14 -24.27 -0.34
C THR E 134 14.84 -23.57 -1.50
N ASP E 135 15.41 -22.40 -1.22
CA ASP E 135 16.15 -21.58 -2.20
C ASP E 135 15.35 -21.24 -3.44
N PHE E 136 14.03 -21.11 -3.27
CA PHE E 136 13.10 -20.76 -4.35
C PHE E 136 13.43 -21.45 -5.68
N PHE E 137 13.20 -22.75 -5.72
CA PHE E 137 13.44 -23.57 -6.92
C PHE E 137 14.90 -23.49 -7.40
N GLY E 138 15.82 -23.34 -6.44
CA GLY E 138 17.25 -23.27 -6.71
C GLY E 138 17.71 -22.02 -7.46
N LEU E 139 16.88 -20.98 -7.42
CA LEU E 139 17.16 -19.74 -8.15
C LEU E 139 17.67 -18.66 -7.20
N VAL E 140 16.93 -18.41 -6.13
CA VAL E 140 17.35 -17.45 -5.13
C VAL E 140 17.92 -18.17 -3.92
N ASP E 141 19.25 -18.19 -3.84
CA ASP E 141 19.94 -18.87 -2.74
C ASP E 141 19.67 -18.10 -1.44
N GLY E 142 18.62 -18.52 -0.71
CA GLY E 142 18.26 -17.88 0.55
C GLY E 142 16.77 -17.84 0.83
N LEU E 143 15.96 -17.71 -0.21
CA LEU E 143 14.51 -17.57 -0.07
C LEU E 143 13.79 -18.92 0.02
N ASP E 144 13.34 -19.28 1.23
CA ASP E 144 12.57 -20.50 1.46
C ASP E 144 11.11 -20.14 1.76
N PHE E 145 10.19 -21.05 1.45
CA PHE E 145 8.77 -20.84 1.76
C PHE E 145 7.98 -22.15 1.92
N ALA E 146 6.72 -22.04 2.33
CA ALA E 146 5.86 -23.21 2.54
C ALA E 146 4.37 -22.90 2.38
N VAL E 147 3.60 -23.92 1.98
CA VAL E 147 2.13 -23.82 1.85
C VAL E 147 1.50 -25.03 2.55
N GLN E 148 0.88 -24.79 3.70
CA GLN E 148 0.44 -25.86 4.59
C GLN E 148 -1.08 -25.96 4.71
N TYR E 149 -1.58 -27.19 4.79
CA TYR E 149 -2.99 -27.46 5.02
C TYR E 149 -3.12 -28.39 6.23
N GLN E 150 -4.15 -28.20 7.05
CA GLN E 150 -4.40 -29.06 8.20
C GLN E 150 -5.85 -29.50 8.19
N GLY E 151 -6.09 -30.80 8.16
CA GLY E 151 -7.46 -31.34 8.14
C GLY E 151 -8.19 -31.15 9.47
N LYS E 152 -9.52 -31.18 9.42
CA LYS E 152 -10.35 -30.97 10.62
C LYS E 152 -10.02 -32.05 11.66
N ASN E 153 -9.86 -31.62 12.91
CA ASN E 153 -9.55 -32.51 14.03
C ASN E 153 -10.49 -32.19 15.18
N GLY E 154 -11.69 -32.75 15.12
CA GLY E 154 -12.78 -32.40 16.04
C GLY E 154 -12.88 -33.31 17.25
N SER E 155 -14.11 -33.65 17.64
CA SER E 155 -14.36 -34.42 18.86
C SER E 155 -14.68 -35.88 18.57
N ALA E 156 -14.76 -36.67 19.64
CA ALA E 156 -15.08 -38.09 19.54
C ALA E 156 -16.58 -38.37 19.61
N HIS E 157 -17.39 -37.38 20.00
CA HIS E 157 -18.83 -37.58 20.20
C HIS E 157 -19.68 -36.93 19.10
N GLY E 158 -20.08 -37.74 18.11
CA GLY E 158 -21.10 -37.37 17.13
C GLY E 158 -20.94 -36.06 16.37
N GLU E 159 -21.28 -34.95 17.03
CA GLU E 159 -21.33 -33.63 16.40
C GLU E 159 -19.94 -33.01 16.22
N GLY E 160 -19.54 -32.80 14.96
CA GLY E 160 -18.21 -32.25 14.64
C GLY E 160 -17.12 -33.28 14.84
N MET E 161 -17.37 -34.50 14.38
CA MET E 161 -16.54 -35.66 14.70
C MET E 161 -15.55 -36.01 13.61
N THR E 162 -14.38 -36.50 14.04
CA THR E 162 -13.39 -37.14 13.18
C THR E 162 -12.98 -38.48 13.79
N THR E 163 -12.30 -39.30 12.99
CA THR E 163 -11.84 -40.62 13.45
C THR E 163 -10.78 -40.51 14.58
N ASN E 164 -10.04 -39.40 14.57
CA ASN E 164 -8.99 -39.14 15.57
C ASN E 164 -9.41 -38.13 16.64
N GLY E 165 -10.71 -37.88 16.74
CA GLY E 165 -11.23 -36.79 17.56
C GLY E 165 -10.83 -36.83 19.02
N ARG E 166 -10.66 -35.65 19.60
CA ARG E 166 -10.26 -35.50 20.99
C ARG E 166 -11.34 -34.77 21.77
N ASP E 167 -11.64 -35.24 22.98
CA ASP E 167 -12.67 -34.62 23.81
C ASP E 167 -12.19 -33.32 24.48
N ASP E 168 -10.89 -33.07 24.45
CA ASP E 168 -10.35 -31.76 24.82
C ASP E 168 -10.66 -30.77 23.70
N VAL E 169 -10.96 -29.53 24.08
CA VAL E 169 -11.40 -28.52 23.11
C VAL E 169 -10.26 -27.69 22.53
N PHE E 170 -9.24 -27.42 23.35
CA PHE E 170 -8.10 -26.60 22.92
C PHE E 170 -7.22 -27.35 21.92
N GLU E 171 -7.21 -28.67 22.04
CA GLU E 171 -6.47 -29.53 21.12
C GLU E 171 -7.19 -29.65 19.78
N GLN E 172 -8.49 -29.36 19.74
CA GLN E 172 -9.27 -29.45 18.50
C GLN E 172 -8.88 -28.37 17.49
N ASN E 173 -9.22 -28.62 16.24
CA ASN E 173 -9.08 -27.64 15.17
C ASN E 173 -9.91 -28.02 13.97
N GLY E 174 -10.09 -27.06 13.06
CA GLY E 174 -10.80 -27.29 11.81
C GLY E 174 -9.85 -27.21 10.64
N ASP E 175 -10.40 -27.11 9.44
CA ASP E 175 -9.61 -26.99 8.21
C ASP E 175 -8.92 -25.62 8.18
N GLY E 176 -7.60 -25.63 7.96
CA GLY E 176 -6.84 -24.39 7.92
C GLY E 176 -5.77 -24.39 6.85
N VAL E 177 -5.47 -23.20 6.34
CA VAL E 177 -4.33 -23.01 5.46
C VAL E 177 -3.39 -22.01 6.09
N GLY E 178 -2.11 -22.22 5.85
CA GLY E 178 -1.07 -21.32 6.35
C GLY E 178 0.10 -21.22 5.41
N GLY E 179 0.87 -20.15 5.53
CA GLY E 179 2.03 -19.91 4.69
C GLY E 179 3.21 -19.38 5.49
N SER E 180 4.38 -19.41 4.84
CA SER E 180 5.61 -18.90 5.44
C SER E 180 6.56 -18.48 4.33
N ILE E 181 7.30 -17.41 4.56
CA ILE E 181 8.36 -16.99 3.65
C ILE E 181 9.53 -16.48 4.49
N THR E 182 10.66 -17.18 4.41
CA THR E 182 11.88 -16.80 5.11
C THR E 182 13.02 -16.55 4.13
N TYR E 183 13.89 -15.59 4.47
CA TYR E 183 15.03 -15.23 3.64
C TYR E 183 16.23 -15.05 4.55
N ASN E 184 17.31 -15.78 4.27
CA ASN E 184 18.57 -15.65 5.01
C ASN E 184 19.72 -15.23 4.10
N TYR E 185 20.62 -14.43 4.66
CA TYR E 185 21.74 -13.87 3.91
C TYR E 185 22.74 -13.23 4.88
N GLU E 186 23.94 -13.80 4.96
CA GLU E 186 25.02 -13.32 5.84
C GLU E 186 24.62 -13.31 7.32
N GLY E 187 23.78 -14.26 7.73
CA GLY E 187 23.31 -14.34 9.11
C GLY E 187 21.95 -13.73 9.32
N PHE E 188 21.76 -12.52 8.80
CA PHE E 188 20.49 -11.80 8.95
C PHE E 188 19.34 -12.57 8.32
N GLY E 189 18.14 -12.47 8.90
CA GLY E 189 16.97 -13.23 8.43
C GLY E 189 15.60 -12.61 8.66
N ILE E 190 14.95 -12.19 7.57
CA ILE E 190 13.56 -11.73 7.58
C ILE E 190 12.64 -12.95 7.52
N GLY E 191 11.46 -12.84 8.12
CA GLY E 191 10.49 -13.94 8.14
C GLY E 191 9.03 -13.56 8.38
N ALA E 192 8.18 -13.80 7.38
CA ALA E 192 6.72 -13.59 7.49
C ALA E 192 6.01 -14.95 7.46
N ALA E 193 4.87 -15.04 8.15
CA ALA E 193 4.10 -16.28 8.22
C ALA E 193 2.65 -16.04 8.66
N VAL E 194 1.71 -16.53 7.85
CA VAL E 194 0.29 -16.28 8.05
C VAL E 194 -0.53 -17.57 8.02
N SER E 195 -1.28 -17.85 9.07
CA SER E 195 -2.20 -18.98 9.10
C SER E 195 -3.64 -18.52 9.25
N SER E 196 -4.58 -19.41 8.91
CA SER E 196 -6.02 -19.13 9.06
C SER E 196 -6.80 -20.45 9.08
N SER E 197 -7.37 -20.78 10.24
CA SER E 197 -8.04 -22.07 10.43
C SER E 197 -9.52 -21.92 10.79
N LYS E 198 -10.33 -22.85 10.27
CA LYS E 198 -11.72 -23.01 10.66
C LYS E 198 -11.76 -23.52 12.11
N ARG E 199 -12.90 -23.37 12.77
CA ARG E 199 -13.05 -23.82 14.15
C ARG E 199 -14.17 -24.85 14.31
N THR E 200 -14.10 -25.65 15.37
CA THR E 200 -15.06 -26.72 15.61
C THR E 200 -16.31 -26.16 16.24
N TRP E 201 -17.41 -26.90 16.07
CA TRP E 201 -18.69 -26.58 16.73
C TRP E 201 -18.51 -26.53 18.25
N ASP E 202 -17.79 -27.50 18.80
CA ASP E 202 -17.49 -27.56 20.24
C ASP E 202 -16.74 -26.33 20.73
N GLN E 203 -15.77 -25.85 19.95
CA GLN E 203 -14.92 -24.72 20.34
C GLN E 203 -15.72 -23.45 20.63
N ASN E 204 -16.74 -23.21 19.80
CA ASN E 204 -17.60 -22.03 19.96
C ASN E 204 -18.69 -22.25 21.01
N ASN E 205 -19.18 -23.48 21.09
CA ASN E 205 -20.39 -23.80 21.84
C ASN E 205 -20.12 -24.63 23.09
N THR E 206 -18.95 -24.42 23.70
CA THR E 206 -18.67 -24.83 25.07
C THR E 206 -18.80 -23.62 25.98
N GLY E 207 -19.12 -22.47 25.38
CA GLY E 207 -19.34 -21.24 26.14
C GLY E 207 -18.07 -20.55 26.63
N LEU E 208 -16.95 -20.84 25.98
CA LEU E 208 -15.68 -20.25 26.36
C LEU E 208 -15.47 -18.91 25.68
N ILE E 209 -14.59 -18.07 26.22
CA ILE E 209 -14.32 -16.74 25.65
C ILE E 209 -13.52 -16.81 24.37
N GLY E 210 -13.51 -15.70 23.64
CA GLY E 210 -12.75 -15.57 22.40
C GLY E 210 -13.17 -16.56 21.33
N THR E 211 -14.47 -16.64 21.08
CA THR E 211 -15.02 -17.58 20.09
C THR E 211 -15.33 -16.86 18.78
N GLY E 212 -15.23 -17.61 17.69
CA GLY E 212 -15.56 -17.09 16.37
C GLY E 212 -15.62 -18.21 15.33
N ASP E 213 -15.72 -17.83 14.06
CA ASP E 213 -15.71 -18.80 12.98
C ASP E 213 -14.28 -19.29 12.72
N ARG E 214 -13.32 -18.37 12.75
CA ARG E 214 -11.94 -18.67 12.37
C ARG E 214 -10.91 -18.20 13.39
N ALA E 215 -9.91 -19.05 13.63
CA ALA E 215 -8.69 -18.65 14.33
C ALA E 215 -7.67 -18.26 13.26
N GLU E 216 -7.06 -17.08 13.42
CA GLU E 216 -6.12 -16.56 12.43
C GLU E 216 -4.86 -16.04 13.09
N THR E 217 -3.73 -16.17 12.42
CA THR E 217 -2.42 -15.77 12.96
C THR E 217 -1.63 -14.96 11.95
N TYR E 218 -0.95 -13.92 12.44
CA TYR E 218 0.00 -13.16 11.67
C TYR E 218 1.33 -13.15 12.40
N THR E 219 2.43 -13.30 11.68
CA THR E 219 3.73 -13.47 12.30
C THR E 219 4.88 -12.86 11.51
N GLY E 220 5.54 -11.88 12.13
CA GLY E 220 6.79 -11.33 11.62
C GLY E 220 7.91 -11.80 12.54
N GLY E 221 9.11 -11.93 11.97
CA GLY E 221 10.25 -12.41 12.74
C GLY E 221 11.59 -12.03 12.10
N LEU E 222 12.54 -11.65 12.94
CA LEU E 222 13.87 -11.26 12.51
C LEU E 222 14.91 -11.97 13.35
N LYS E 223 16.01 -12.40 12.73
CA LYS E 223 17.10 -13.03 13.47
C LYS E 223 18.47 -12.74 12.87
N TYR E 224 19.49 -12.78 13.72
CA TYR E 224 20.89 -12.66 13.30
C TYR E 224 21.71 -13.79 13.94
N ASP E 225 22.34 -14.60 13.10
CA ASP E 225 22.98 -15.85 13.54
C ASP E 225 24.41 -15.94 13.00
N ALA E 226 25.35 -15.29 13.69
CA ALA E 226 26.75 -15.29 13.26
C ALA E 226 27.68 -14.73 14.32
N ASN E 227 28.96 -15.09 14.22
CA ASN E 227 30.02 -14.60 15.11
C ASN E 227 29.73 -14.88 16.59
N ASN E 228 29.40 -16.14 16.89
CA ASN E 228 29.03 -16.59 18.24
C ASN E 228 27.74 -15.96 18.78
N ILE E 229 27.04 -15.18 17.96
CA ILE E 229 25.89 -14.39 18.41
C ILE E 229 24.59 -14.91 17.80
N TYR E 230 23.56 -15.02 18.63
CA TYR E 230 22.20 -15.26 18.18
C TYR E 230 21.28 -14.20 18.75
N LEU E 231 20.92 -13.22 17.92
CA LEU E 231 19.90 -12.23 18.27
C LEU E 231 18.67 -12.51 17.42
N ALA E 232 17.50 -12.56 18.07
CA ALA E 232 16.25 -12.79 17.34
C ALA E 232 15.03 -12.40 18.18
N ALA E 233 14.06 -11.76 17.52
CA ALA E 233 12.77 -11.44 18.12
C ALA E 233 11.68 -11.69 17.10
N GLN E 234 10.42 -11.59 17.53
CA GLN E 234 9.30 -11.86 16.63
C GLN E 234 7.99 -11.27 17.15
N TYR E 235 7.14 -10.86 16.21
CA TYR E 235 5.80 -10.36 16.51
C TYR E 235 4.80 -11.37 15.98
N THR E 236 3.85 -11.78 16.83
CA THR E 236 2.78 -12.68 16.44
C THR E 236 1.44 -12.12 16.92
N GLN E 237 0.60 -11.68 16.00
CA GLN E 237 -0.75 -11.20 16.32
C GLN E 237 -1.79 -12.26 15.94
N THR E 238 -2.75 -12.48 16.82
CA THR E 238 -3.73 -13.55 16.65
C THR E 238 -5.16 -13.08 16.91
N TYR E 239 -6.11 -13.57 16.12
CA TYR E 239 -7.54 -13.41 16.42
C TYR E 239 -8.11 -14.76 16.84
N ASN E 240 -8.63 -14.84 18.06
CA ASN E 240 -9.35 -16.02 18.55
C ASN E 240 -8.53 -17.31 18.46
N ALA E 241 -7.21 -17.19 18.62
CA ALA E 241 -6.29 -18.33 18.42
C ALA E 241 -5.41 -18.65 19.64
N THR E 242 -4.93 -17.62 20.34
CA THR E 242 -4.12 -17.80 21.55
C THR E 242 -4.97 -18.29 22.71
N ARG E 243 -4.50 -19.34 23.40
CA ARG E 243 -5.20 -19.87 24.57
C ARG E 243 -5.05 -18.93 25.75
N VAL E 244 -6.10 -18.84 26.57
CA VAL E 244 -6.12 -18.00 27.75
C VAL E 244 -6.60 -18.81 28.95
N GLY E 245 -5.67 -19.47 29.64
CA GLY E 245 -5.99 -20.31 30.79
C GLY E 245 -6.91 -21.45 30.43
N SER E 246 -7.90 -21.71 31.28
CA SER E 246 -8.99 -22.64 30.97
C SER E 246 -10.22 -21.88 30.49
N LEU E 247 -10.18 -20.55 30.57
CA LEU E 247 -11.33 -19.69 30.24
C LEU E 247 -11.71 -19.76 28.77
N GLY E 248 -10.72 -19.92 27.90
CA GLY E 248 -10.95 -20.00 26.45
C GLY E 248 -9.78 -19.44 25.65
N TRP E 249 -10.08 -18.63 24.63
CA TRP E 249 -9.07 -17.98 23.81
C TRP E 249 -9.14 -16.47 23.95
N ALA E 250 -8.17 -15.78 23.37
CA ALA E 250 -8.14 -14.32 23.35
C ALA E 250 -8.66 -13.79 22.02
N ASN E 251 -9.77 -13.04 22.07
CA ASN E 251 -10.32 -12.37 20.89
C ASN E 251 -9.25 -11.70 20.05
N LYS E 252 -8.29 -11.09 20.73
CA LYS E 252 -7.09 -10.57 20.08
C LYS E 252 -5.93 -10.70 21.07
N ALA E 253 -4.77 -11.12 20.58
CA ALA E 253 -3.57 -11.24 21.40
C ALA E 253 -2.38 -10.68 20.65
N GLN E 254 -1.60 -9.82 21.31
CA GLN E 254 -0.39 -9.25 20.74
C GLN E 254 0.84 -9.86 21.42
N ASN E 255 1.47 -10.81 20.74
CA ASN E 255 2.57 -11.59 21.31
C ASN E 255 3.94 -11.18 20.77
N PHE E 256 4.92 -11.09 21.66
CA PHE E 256 6.27 -10.71 21.28
C PHE E 256 7.32 -11.39 22.16
N GLU E 257 8.29 -12.02 21.51
CA GLU E 257 9.41 -12.69 22.18
C GLU E 257 10.71 -12.14 21.62
N ALA E 258 11.72 -11.98 22.48
CA ALA E 258 13.04 -11.49 22.05
C ALA E 258 14.15 -12.20 22.83
N VAL E 259 15.22 -12.61 22.13
CA VAL E 259 16.30 -13.41 22.72
C VAL E 259 17.68 -12.92 22.29
N ALA E 260 18.64 -12.95 23.22
CA ALA E 260 20.03 -12.63 22.91
C ALA E 260 20.96 -13.64 23.59
N GLN E 261 21.71 -14.35 22.77
CA GLN E 261 22.61 -15.40 23.24
C GLN E 261 24.02 -15.21 22.69
N TYR E 262 25.03 -15.48 23.53
CA TYR E 262 26.42 -15.49 23.10
C TYR E 262 27.07 -16.83 23.46
N GLN E 263 27.82 -17.39 22.52
CA GLN E 263 28.49 -18.67 22.72
C GLN E 263 29.97 -18.45 23.04
N PHE E 264 30.36 -18.68 24.29
CA PHE E 264 31.76 -18.67 24.66
C PHE E 264 32.44 -19.95 24.20
N ASP E 265 33.74 -19.85 23.90
CA ASP E 265 34.47 -20.94 23.27
C ASP E 265 34.62 -22.19 24.15
N PHE E 266 34.80 -21.98 25.45
CA PHE E 266 34.99 -23.10 26.39
C PHE E 266 33.72 -23.96 26.58
N GLY E 267 32.54 -23.35 26.45
CA GLY E 267 31.29 -24.09 26.54
C GLY E 267 30.04 -23.33 26.96
N LEU E 268 30.22 -22.23 27.68
CA LEU E 268 29.08 -21.49 28.24
C LEU E 268 28.35 -20.67 27.20
N ARG E 269 27.01 -20.70 27.28
CA ARG E 269 26.15 -19.95 26.36
C ARG E 269 25.03 -19.27 27.15
N PRO E 270 25.33 -18.10 27.75
CA PRO E 270 24.31 -17.38 28.50
C PRO E 270 23.27 -16.77 27.58
N PHE E 271 22.07 -16.55 28.14
CA PHE E 271 20.97 -15.97 27.38
C PHE E 271 20.20 -14.96 28.20
N LEU E 272 19.48 -14.09 27.51
CA LEU E 272 18.67 -13.07 28.14
C LEU E 272 17.46 -12.86 27.26
N ALA E 273 16.38 -13.59 27.57
CA ALA E 273 15.17 -13.55 26.76
C ALA E 273 14.08 -12.72 27.43
N TYR E 274 13.07 -12.36 26.64
CA TYR E 274 11.93 -11.61 27.14
C TYR E 274 10.69 -11.98 26.34
N LEU E 275 9.58 -12.23 27.05
CA LEU E 275 8.32 -12.62 26.42
C LEU E 275 7.18 -11.72 26.85
N GLN E 276 6.10 -11.75 26.06
CA GLN E 276 4.94 -10.89 26.27
C GLN E 276 3.77 -11.43 25.46
N SER E 277 2.59 -11.47 26.06
CA SER E 277 1.37 -11.86 25.36
C SER E 277 0.20 -10.98 25.83
N LYS E 278 0.16 -9.76 25.33
CA LYS E 278 -0.89 -8.81 25.67
C LYS E 278 -2.22 -9.17 25.00
N GLY E 279 -3.23 -9.50 25.81
CA GLY E 279 -4.57 -9.83 25.31
C GLY E 279 -5.50 -8.63 25.32
N LYS E 280 -5.93 -8.19 24.14
CA LYS E 280 -6.76 -7.00 23.98
C LYS E 280 -8.25 -7.34 24.06
N ASN E 281 -9.06 -6.35 24.46
CA ASN E 281 -10.48 -6.53 24.82
C ASN E 281 -11.01 -7.97 24.64
N LEU E 282 -10.78 -8.79 25.67
CA LEU E 282 -11.15 -10.20 25.66
C LEU E 282 -12.63 -10.41 25.89
N GLY E 283 -13.25 -9.46 26.62
CA GLY E 283 -14.68 -9.52 26.93
C GLY E 283 -14.96 -10.34 28.17
N ARG E 284 -16.22 -10.35 28.60
CA ARG E 284 -16.66 -11.13 29.77
C ARG E 284 -16.02 -10.60 31.06
N GLY E 285 -15.88 -9.28 31.15
CA GLY E 285 -15.42 -8.63 32.39
C GLY E 285 -13.95 -8.83 32.71
N TYR E 286 -13.10 -8.60 31.71
CA TYR E 286 -11.63 -8.66 31.89
C TYR E 286 -10.97 -7.51 31.15
N ASP E 287 -11.21 -7.44 29.85
CA ASP E 287 -10.67 -6.39 28.96
C ASP E 287 -9.15 -6.58 28.79
N ASP E 288 -8.41 -5.49 28.57
CA ASP E 288 -7.00 -5.59 28.21
C ASP E 288 -6.10 -6.06 29.36
N GLU E 289 -5.88 -7.37 29.41
CA GLU E 289 -5.02 -7.99 30.41
C GLU E 289 -3.87 -8.73 29.73
N ASP E 290 -2.79 -8.96 30.47
CA ASP E 290 -1.64 -9.70 29.96
C ASP E 290 -1.82 -11.20 30.18
N ILE E 291 -1.72 -11.98 29.10
CA ILE E 291 -1.83 -13.45 29.16
C ILE E 291 -0.52 -14.09 29.60
N LEU E 292 0.59 -13.46 29.26
CA LEU E 292 1.91 -13.90 29.70
C LEU E 292 2.94 -12.78 29.59
N LYS E 293 3.89 -12.78 30.51
CA LYS E 293 4.95 -11.78 30.53
C LYS E 293 6.03 -12.24 31.50
N TYR E 294 7.23 -12.49 30.98
CA TYR E 294 8.39 -12.79 31.83
C TYR E 294 9.72 -12.53 31.15
N VAL E 295 10.69 -12.10 31.96
CA VAL E 295 12.08 -12.05 31.54
C VAL E 295 12.71 -13.37 31.95
N ASP E 296 13.61 -13.88 31.10
CA ASP E 296 14.22 -15.20 31.29
C ASP E 296 15.73 -15.16 31.08
N VAL E 297 16.50 -15.46 32.12
CA VAL E 297 17.96 -15.40 32.04
C VAL E 297 18.61 -16.60 32.73
N GLY E 298 19.52 -17.24 32.03
CA GLY E 298 20.30 -18.36 32.57
C GLY E 298 21.56 -18.61 31.75
N ALA E 299 21.90 -19.88 31.55
CA ALA E 299 23.03 -20.24 30.70
C ALA E 299 23.14 -21.74 30.53
N THR E 300 23.33 -22.19 29.29
CA THR E 300 23.67 -23.59 29.02
C THR E 300 25.18 -23.72 28.95
N TYR E 301 25.71 -24.76 29.58
CA TYR E 301 27.10 -25.13 29.39
C TYR E 301 27.15 -26.39 28.55
N TYR E 302 28.02 -26.39 27.54
CA TYR E 302 28.16 -27.52 26.65
C TYR E 302 29.50 -28.21 26.88
N PHE E 303 29.46 -29.36 27.54
CA PHE E 303 30.62 -30.22 27.65
C PHE E 303 31.03 -30.60 26.23
N ASN E 304 30.06 -31.09 25.47
CA ASN E 304 30.23 -31.39 24.06
C ASN E 304 28.85 -31.57 23.41
N LYS E 305 28.81 -32.15 22.21
CA LYS E 305 27.54 -32.34 21.50
C LYS E 305 26.69 -33.49 22.06
N ASN E 306 27.19 -34.22 23.05
CA ASN E 306 26.46 -35.32 23.66
C ASN E 306 26.00 -35.03 25.08
N MET E 307 26.80 -34.27 25.83
CA MET E 307 26.46 -33.95 27.21
C MET E 307 26.33 -32.43 27.35
N SER E 308 25.37 -32.01 28.16
CA SER E 308 25.18 -30.60 28.46
C SER E 308 24.53 -30.44 29.82
N THR E 309 24.65 -29.25 30.40
CA THR E 309 23.97 -28.94 31.65
C THR E 309 23.63 -27.45 31.67
N TYR E 310 22.55 -27.08 32.37
CA TYR E 310 22.08 -25.70 32.32
C TYR E 310 21.23 -25.26 33.51
N VAL E 311 21.21 -23.95 33.70
CA VAL E 311 20.29 -23.29 34.61
C VAL E 311 19.41 -22.36 33.77
N ASP E 312 18.13 -22.27 34.13
CA ASP E 312 17.15 -21.46 33.39
C ASP E 312 16.20 -20.80 34.40
N TYR E 313 16.21 -19.47 34.43
CA TYR E 313 15.50 -18.69 35.46
C TYR E 313 14.34 -17.91 34.86
N LYS E 314 13.11 -18.41 35.06
CA LYS E 314 11.91 -17.68 34.66
C LYS E 314 11.58 -16.63 35.71
N ILE E 315 11.71 -15.35 35.34
CA ILE E 315 11.33 -14.24 36.20
C ILE E 315 9.95 -13.76 35.77
N ASN E 316 8.91 -14.30 36.38
CA ASN E 316 7.52 -14.05 35.96
C ASN E 316 7.03 -12.67 36.40
N LEU E 317 6.86 -11.77 35.44
CA LEU E 317 6.45 -10.40 35.72
C LEU E 317 4.94 -10.23 35.89
N LEU E 318 4.18 -11.30 35.72
CA LEU E 318 2.73 -11.27 35.90
C LEU E 318 2.35 -11.04 37.35
N ASP E 319 1.37 -10.16 37.57
CA ASP E 319 0.82 -9.92 38.90
C ASP E 319 -0.31 -10.91 39.17
N ASP E 320 -0.55 -11.19 40.45
CA ASP E 320 -1.63 -12.09 40.84
C ASP E 320 -2.93 -11.32 40.92
N ASN E 321 -3.91 -11.73 40.13
CA ASN E 321 -5.23 -11.08 40.10
C ASN E 321 -6.30 -12.03 39.55
N ARG E 322 -7.54 -11.55 39.51
CA ARG E 322 -8.68 -12.38 39.10
C ARG E 322 -8.47 -13.05 37.74
N PHE E 323 -8.03 -12.26 36.76
CA PHE E 323 -7.76 -12.80 35.41
C PHE E 323 -6.68 -13.88 35.46
N THR E 324 -5.64 -13.66 36.27
CA THR E 324 -4.54 -14.60 36.42
C THR E 324 -4.82 -15.70 37.45
N ARG E 325 -6.06 -15.75 37.94
CA ARG E 325 -6.52 -16.79 38.87
C ARG E 325 -7.68 -17.58 38.24
N ASP E 326 -8.71 -16.87 37.78
CA ASP E 326 -9.82 -17.50 37.06
C ASP E 326 -9.31 -18.32 35.88
N ALA E 327 -8.39 -17.73 35.12
CA ALA E 327 -7.73 -18.44 34.02
C ALA E 327 -6.78 -19.53 34.55
N GLY E 328 -6.20 -19.27 35.72
CA GLY E 328 -5.28 -20.22 36.35
C GLY E 328 -3.90 -20.17 35.73
N ILE E 329 -3.40 -18.95 35.51
CA ILE E 329 -2.11 -18.74 34.88
C ILE E 329 -1.03 -18.49 35.94
N ASN E 330 -0.07 -19.40 36.02
CA ASN E 330 1.05 -19.29 36.97
C ASN E 330 1.68 -17.90 36.98
N THR E 331 1.56 -17.20 38.11
CA THR E 331 2.16 -15.89 38.30
C THR E 331 3.51 -15.97 39.02
N ASP E 332 3.91 -17.19 39.38
CA ASP E 332 5.11 -17.40 40.19
C ASP E 332 6.34 -17.64 39.32
N ASP E 333 7.51 -17.50 39.95
CA ASP E 333 8.78 -17.76 39.29
C ASP E 333 9.04 -19.25 39.19
N ILE E 334 9.88 -19.64 38.23
CA ILE E 334 10.40 -21.01 38.13
C ILE E 334 11.87 -20.98 37.75
N VAL E 335 12.64 -21.88 38.34
CA VAL E 335 14.05 -22.06 37.98
C VAL E 335 14.29 -23.54 37.67
N ALA E 336 14.82 -23.80 36.47
CA ALA E 336 15.08 -25.17 36.03
C ALA E 336 16.58 -25.48 36.09
N LEU E 337 16.91 -26.66 36.58
CA LEU E 337 18.29 -27.14 36.60
C LEU E 337 18.38 -28.42 35.77
N GLY E 338 18.87 -28.29 34.54
CA GLY E 338 18.97 -29.42 33.62
C GLY E 338 20.36 -30.01 33.53
N LEU E 339 20.42 -31.33 33.37
CA LEU E 339 21.66 -32.05 33.10
C LEU E 339 21.28 -33.12 32.08
N VAL E 340 21.82 -33.01 30.86
CA VAL E 340 21.29 -33.75 29.71
C VAL E 340 22.34 -34.49 28.89
N TYR E 341 22.26 -35.82 28.90
CA TYR E 341 22.96 -36.66 27.93
C TYR E 341 22.07 -36.82 26.70
N GLN E 342 22.69 -36.94 25.54
CA GLN E 342 21.96 -37.24 24.30
C GLN E 342 22.82 -37.93 23.28
N PHE E 343 22.20 -38.38 22.22
CA PHE E 343 22.88 -39.17 21.22
C PHE E 343 22.17 -39.05 19.88
N ALA F 1 23.06 -54.49 23.17
CA ALA F 1 24.20 -54.66 22.22
C ALA F 1 24.67 -53.32 21.61
N GLU F 2 25.96 -53.01 21.79
CA GLU F 2 26.55 -51.72 21.38
C GLU F 2 26.44 -51.53 19.86
N ILE F 3 25.56 -50.64 19.45
CA ILE F 3 25.32 -50.45 18.03
C ILE F 3 25.89 -49.15 17.54
N TYR F 4 26.57 -48.43 18.40
CA TYR F 4 27.23 -47.20 17.98
C TYR F 4 28.46 -46.93 18.82
N ASN F 5 29.60 -46.76 18.16
CA ASN F 5 30.83 -46.45 18.86
C ASN F 5 31.72 -45.68 17.92
N LYS F 6 31.84 -44.39 18.18
CA LYS F 6 32.43 -43.47 17.22
C LYS F 6 32.69 -42.13 17.86
N ASP F 7 33.87 -41.58 17.58
CA ASP F 7 34.29 -40.30 18.12
C ASP F 7 33.90 -40.17 19.60
N GLY F 8 34.23 -41.19 20.39
CA GLY F 8 34.13 -41.10 21.85
C GLY F 8 32.76 -41.25 22.48
N ASN F 9 31.70 -40.92 21.74
CA ASN F 9 30.37 -41.33 22.17
C ASN F 9 30.17 -42.80 21.77
N LYS F 10 29.61 -43.57 22.68
CA LYS F 10 29.13 -44.91 22.36
C LYS F 10 27.73 -45.16 22.94
N LEU F 11 26.92 -45.90 22.18
CA LEU F 11 25.54 -46.17 22.55
C LEU F 11 25.25 -47.66 22.45
N ASP F 12 24.82 -48.24 23.57
CA ASP F 12 24.41 -49.63 23.61
C ASP F 12 22.90 -49.68 23.76
N LEU F 13 22.25 -50.29 22.77
CA LEU F 13 20.80 -50.43 22.72
C LEU F 13 20.45 -51.87 23.06
N TYR F 14 19.70 -52.07 24.14
CA TYR F 14 19.53 -53.39 24.72
C TYR F 14 18.11 -53.66 25.17
N GLY F 15 17.77 -54.94 25.24
CA GLY F 15 16.43 -55.33 25.65
C GLY F 15 16.23 -56.84 25.67
N LYS F 16 15.01 -57.27 25.99
CA LYS F 16 14.66 -58.69 25.98
C LYS F 16 13.18 -58.96 25.81
N VAL F 17 12.85 -60.12 25.25
CA VAL F 17 11.50 -60.64 25.23
C VAL F 17 11.49 -61.83 26.14
N GLU F 18 10.71 -61.72 27.21
CA GLU F 18 10.60 -62.76 28.22
C GLU F 18 9.27 -63.46 28.06
N GLY F 19 9.29 -64.62 27.40
CA GLY F 19 8.10 -65.44 27.24
C GLY F 19 7.80 -66.14 28.56
N LEU F 20 6.95 -65.52 29.37
CA LEU F 20 6.74 -65.95 30.75
C LEU F 20 5.31 -66.40 30.93
N HIS F 21 5.13 -67.44 31.74
CA HIS F 21 3.79 -67.95 32.07
C HIS F 21 3.70 -68.42 33.53
N TYR F 22 2.80 -67.80 34.29
CA TYR F 22 2.60 -68.18 35.68
C TYR F 22 1.61 -69.32 35.77
N PHE F 23 1.91 -70.28 36.64
CA PHE F 23 0.96 -71.30 37.03
C PHE F 23 0.71 -71.11 38.53
N SER F 24 -0.55 -71.26 38.94
CA SER F 24 -0.94 -71.04 40.33
C SER F 24 -2.36 -71.52 40.61
N ASP F 25 -2.64 -71.80 41.88
CA ASP F 25 -4.01 -72.01 42.32
C ASP F 25 -4.75 -70.67 42.33
N ASN F 26 -4.02 -69.59 42.61
CA ASN F 26 -4.57 -68.25 42.54
C ASN F 26 -4.84 -67.84 41.09
N ASP F 27 -6.08 -67.49 40.79
CA ASP F 27 -6.48 -67.08 39.44
C ASP F 27 -5.91 -65.72 39.06
N SER F 28 -5.74 -64.84 40.06
CA SER F 28 -5.17 -63.51 39.84
C SER F 28 -3.67 -63.54 39.53
N LYS F 29 -3.00 -64.60 39.99
CA LYS F 29 -1.58 -64.81 39.75
C LYS F 29 -1.37 -66.02 38.84
N ASP F 30 -2.20 -66.15 37.81
CA ASP F 30 -2.14 -67.28 36.87
C ASP F 30 -2.47 -66.81 35.46
N GLY F 31 -1.63 -67.19 34.50
CA GLY F 31 -1.81 -66.84 33.08
C GLY F 31 -0.53 -66.39 32.41
N ASP F 32 -0.68 -65.80 31.23
CA ASP F 32 0.45 -65.24 30.47
C ASP F 32 0.98 -64.01 31.20
N LYS F 33 2.28 -64.01 31.48
CA LYS F 33 2.95 -62.84 32.07
C LYS F 33 4.05 -62.34 31.15
N THR F 34 3.84 -62.52 29.84
CA THR F 34 4.83 -62.16 28.82
C THR F 34 5.06 -60.65 28.80
N TYR F 35 6.32 -60.25 28.82
CA TYR F 35 6.68 -58.84 28.78
C TYR F 35 7.97 -58.66 28.04
N MET F 36 8.32 -57.39 27.83
CA MET F 36 9.47 -57.01 27.01
C MET F 36 10.08 -55.74 27.57
N ARG F 37 11.40 -55.62 27.49
CA ARG F 37 12.09 -54.42 27.91
C ARG F 37 12.98 -53.92 26.80
N LEU F 38 13.24 -52.62 26.83
CA LEU F 38 14.04 -51.93 25.83
C LEU F 38 14.67 -50.73 26.52
N GLY F 39 15.97 -50.57 26.36
CA GLY F 39 16.68 -49.45 26.96
C GLY F 39 17.92 -49.05 26.19
N PHE F 40 18.59 -47.99 26.62
CA PHE F 40 19.94 -47.74 26.18
C PHE F 40 20.81 -47.24 27.31
N LYS F 41 22.04 -47.74 27.35
CA LYS F 41 23.08 -47.15 28.16
C LYS F 41 23.89 -46.32 27.18
N GLY F 42 24.13 -45.06 27.53
CA GLY F 42 24.91 -44.15 26.70
C GLY F 42 26.14 -43.69 27.45
N GLU F 43 27.11 -43.15 26.72
CA GLU F 43 28.37 -42.75 27.31
C GLU F 43 29.13 -41.86 26.35
N THR F 44 29.75 -40.80 26.88
CA THR F 44 30.60 -39.92 26.08
C THR F 44 31.87 -39.54 26.86
N GLN F 45 33.02 -39.62 26.19
CA GLN F 45 34.26 -39.08 26.76
C GLN F 45 34.27 -37.57 26.62
N VAL F 46 34.47 -36.88 27.72
CA VAL F 46 34.63 -35.42 27.72
C VAL F 46 36.12 -35.11 27.83
N THR F 47 36.82 -35.80 28.74
CA THR F 47 38.26 -35.67 28.92
C THR F 47 38.87 -37.02 29.34
N ASP F 48 40.18 -37.03 29.59
CA ASP F 48 40.86 -38.15 30.24
C ASP F 48 40.12 -38.62 31.46
N GLN F 49 39.72 -37.65 32.27
CA GLN F 49 39.19 -37.90 33.58
C GLN F 49 37.65 -37.94 33.52
N LEU F 50 37.07 -36.89 32.94
CA LEU F 50 35.62 -36.74 32.93
C LEU F 50 34.95 -37.56 31.82
N THR F 51 33.89 -38.26 32.19
CA THR F 51 33.07 -39.02 31.26
C THR F 51 31.62 -38.79 31.61
N GLY F 52 30.79 -38.52 30.62
CA GLY F 52 29.36 -38.27 30.84
C GLY F 52 28.53 -39.40 30.29
N TYR F 53 27.39 -39.68 30.94
CA TYR F 53 26.55 -40.83 30.56
C TYR F 53 25.07 -40.59 30.70
N GLY F 54 24.30 -41.32 29.90
CA GLY F 54 22.85 -41.41 30.04
C GLY F 54 22.42 -42.86 30.15
N GLN F 55 21.19 -43.07 30.61
CA GLN F 55 20.64 -44.42 30.64
C GLN F 55 19.12 -44.42 30.75
N TRP F 56 18.49 -45.31 29.97
CA TRP F 56 17.05 -45.44 29.88
C TRP F 56 16.65 -46.91 29.86
N GLU F 57 15.45 -47.22 30.34
CA GLU F 57 14.93 -48.58 30.24
C GLU F 57 13.42 -48.55 30.44
N TYR F 58 12.71 -49.06 29.43
CA TYR F 58 11.25 -49.14 29.44
C TYR F 58 10.84 -50.61 29.59
N GLN F 59 9.65 -50.85 30.12
CA GLN F 59 9.07 -52.19 30.16
C GLN F 59 7.68 -52.12 29.59
N ILE F 60 7.37 -53.04 28.67
CA ILE F 60 6.10 -53.05 27.96
C ILE F 60 5.50 -54.45 28.05
N GLN F 61 4.32 -54.56 28.64
CA GLN F 61 3.68 -55.86 28.77
C GLN F 61 3.24 -56.43 27.41
N GLY F 62 3.45 -57.73 27.22
CA GLY F 62 2.99 -58.43 26.02
C GLY F 62 2.01 -59.55 26.32
N ASN F 63 1.31 -59.41 27.45
CA ASN F 63 0.23 -60.33 27.83
C ASN F 63 -1.13 -59.66 27.65
N GLU F 64 -1.13 -58.45 27.11
CA GLU F 64 -2.33 -57.63 27.00
C GLU F 64 -2.71 -57.36 25.54
N PRO F 65 -4.03 -57.14 25.28
CA PRO F 65 -4.61 -57.02 23.94
C PRO F 65 -4.54 -55.61 23.37
N GLU F 66 -5.03 -55.44 22.15
CA GLU F 66 -4.80 -54.20 21.40
C GLU F 66 -5.34 -52.91 22.05
N SER F 67 -6.30 -53.02 22.96
CA SER F 67 -6.83 -51.83 23.64
C SER F 67 -5.86 -51.29 24.69
N ASP F 68 -5.97 -51.79 25.93
CA ASP F 68 -5.01 -51.42 26.98
C ASP F 68 -3.69 -52.14 26.74
N ASN F 69 -2.59 -51.43 26.94
CA ASN F 69 -1.25 -52.05 26.91
C ASN F 69 -0.32 -51.31 27.89
N SER F 70 -0.36 -51.74 29.14
CA SER F 70 0.38 -51.09 30.21
C SER F 70 1.90 -51.26 30.06
N SER F 71 2.61 -50.19 30.37
CA SER F 71 4.05 -50.09 30.11
C SER F 71 4.61 -48.87 30.83
N TRP F 72 5.88 -48.90 31.22
CA TRP F 72 6.42 -47.82 32.04
C TRP F 72 7.93 -47.68 32.00
N THR F 73 8.41 -46.48 32.33
CA THR F 73 9.84 -46.24 32.46
C THR F 73 10.30 -46.89 33.76
N ARG F 74 11.46 -47.54 33.71
CA ARG F 74 12.02 -48.20 34.88
C ARG F 74 13.15 -47.37 35.48
N VAL F 75 14.12 -47.02 34.65
CA VAL F 75 15.15 -46.06 35.04
C VAL F 75 15.39 -45.10 33.89
N ALA F 76 15.61 -43.84 34.24
CA ALA F 76 15.91 -42.81 33.28
C ALA F 76 16.74 -41.74 33.97
N PHE F 77 18.04 -41.68 33.67
CA PHE F 77 18.92 -40.71 34.32
C PHE F 77 20.12 -40.33 33.50
N ALA F 78 20.58 -39.09 33.73
CA ALA F 78 21.77 -38.55 33.12
C ALA F 78 22.76 -38.16 34.23
N GLY F 79 24.05 -38.14 33.90
CA GLY F 79 25.07 -37.80 34.88
C GLY F 79 26.52 -37.83 34.40
N LEU F 80 27.39 -37.23 35.21
CA LEU F 80 28.83 -37.14 34.95
C LEU F 80 29.64 -38.04 35.87
N LYS F 81 30.91 -38.27 35.50
CA LYS F 81 31.82 -39.12 36.26
C LYS F 81 33.27 -38.69 36.04
N PHE F 82 33.94 -38.33 37.14
CA PHE F 82 35.34 -37.91 37.10
C PHE F 82 36.22 -38.96 37.78
N GLN F 83 37.34 -39.28 37.13
CA GLN F 83 38.27 -40.30 37.61
C GLN F 83 38.68 -40.07 39.06
N ASP F 84 38.63 -41.12 39.86
CA ASP F 84 39.10 -41.11 41.26
C ASP F 84 38.45 -40.06 42.18
N VAL F 85 37.33 -39.47 41.75
CA VAL F 85 36.60 -38.49 42.55
C VAL F 85 35.21 -39.04 42.86
N GLY F 86 34.45 -39.37 41.82
CA GLY F 86 33.13 -39.98 41.97
C GLY F 86 32.23 -39.82 40.76
N SER F 87 30.92 -39.95 40.98
CA SER F 87 29.92 -39.82 39.93
C SER F 87 28.59 -39.31 40.50
N PHE F 88 27.85 -38.57 39.68
CA PHE F 88 26.61 -37.95 40.13
C PHE F 88 25.54 -38.00 39.04
N ASP F 89 24.40 -38.63 39.34
CA ASP F 89 23.35 -38.83 38.32
C ASP F 89 21.93 -38.62 38.84
N TYR F 90 21.24 -37.65 38.23
CA TYR F 90 19.88 -37.28 38.61
C TYR F 90 18.81 -37.83 37.66
N GLY F 91 17.78 -38.44 38.23
CA GLY F 91 16.66 -38.99 37.47
C GLY F 91 16.06 -40.21 38.15
N ARG F 92 15.11 -40.86 37.49
CA ARG F 92 14.58 -42.13 37.98
C ARG F 92 15.68 -43.19 37.93
N ASN F 93 16.00 -43.74 39.08
CA ASN F 93 17.15 -44.64 39.24
C ASN F 93 16.80 -45.65 40.34
N TYR F 94 17.80 -46.40 40.81
CA TYR F 94 17.62 -47.23 42.00
C TYR F 94 17.96 -46.42 43.24
N GLY F 95 17.13 -46.56 44.28
CA GLY F 95 17.46 -46.02 45.59
C GLY F 95 18.73 -46.66 46.14
N VAL F 96 19.39 -45.96 47.06
CA VAL F 96 20.72 -46.37 47.55
C VAL F 96 20.67 -47.65 48.37
N VAL F 97 19.54 -47.91 49.04
CA VAL F 97 19.38 -49.15 49.79
C VAL F 97 19.67 -50.36 48.91
N TYR F 98 19.14 -50.32 47.69
CA TYR F 98 19.29 -51.44 46.74
C TYR F 98 20.73 -51.93 46.64
N ASP F 99 21.68 -51.00 46.76
CA ASP F 99 23.12 -51.34 46.74
C ASP F 99 23.41 -52.63 47.50
N VAL F 100 22.85 -52.76 48.69
CA VAL F 100 23.04 -53.96 49.50
C VAL F 100 21.95 -54.99 49.20
N THR F 101 20.68 -54.59 49.38
CA THR F 101 19.54 -55.52 49.30
C THR F 101 19.39 -56.26 47.96
N SER F 102 19.97 -55.69 46.90
CA SER F 102 19.94 -56.31 45.59
C SER F 102 20.71 -57.62 45.50
N TRP F 103 21.62 -57.85 46.46
CA TRP F 103 22.43 -59.07 46.46
C TRP F 103 21.61 -60.34 46.64
N THR F 104 20.37 -60.19 47.10
CA THR F 104 19.43 -61.30 47.19
C THR F 104 18.41 -61.30 46.04
N ASP F 105 18.50 -60.29 45.16
CA ASP F 105 17.56 -60.13 44.04
C ASP F 105 18.14 -60.83 42.81
N VAL F 106 18.45 -62.11 42.95
CA VAL F 106 19.21 -62.85 41.94
C VAL F 106 18.41 -64.02 41.36
N LEU F 107 17.12 -64.10 41.69
CA LEU F 107 16.28 -65.18 41.24
C LEU F 107 15.68 -64.75 39.90
N PRO F 108 15.25 -65.72 39.07
CA PRO F 108 14.85 -65.42 37.70
C PRO F 108 13.52 -64.66 37.54
N GLU F 109 12.65 -64.69 38.55
CA GLU F 109 11.35 -64.02 38.45
C GLU F 109 10.87 -63.52 39.80
N PHE F 110 10.78 -64.42 40.77
CA PHE F 110 10.37 -64.04 42.12
C PHE F 110 11.58 -63.54 42.89
N GLY F 111 11.46 -63.42 44.21
CA GLY F 111 12.57 -62.93 45.03
C GLY F 111 12.69 -61.42 44.95
N GLY F 112 13.50 -60.86 45.86
CA GLY F 112 13.67 -59.41 45.96
C GLY F 112 12.35 -58.65 46.01
N ASP F 113 11.44 -59.10 46.87
CA ASP F 113 10.11 -58.49 46.98
C ASP F 113 9.71 -58.17 48.43
N THR F 114 10.69 -57.85 49.27
CA THR F 114 10.44 -57.24 50.59
C THR F 114 10.45 -55.70 50.44
N TYR F 115 10.58 -55.25 49.18
CA TYR F 115 10.48 -53.84 48.80
C TYR F 115 9.66 -53.78 47.52
N ASP F 116 9.02 -52.62 47.28
CA ASP F 116 8.22 -52.40 46.07
C ASP F 116 8.88 -51.33 45.22
N SER F 117 8.30 -51.07 44.04
CA SER F 117 8.78 -49.97 43.19
C SER F 117 8.18 -48.65 43.65
N ASP F 118 8.99 -47.59 43.61
CA ASP F 118 8.61 -46.27 44.16
C ASP F 118 8.28 -46.37 45.65
N ASN F 119 9.05 -47.19 46.36
CA ASN F 119 8.79 -47.46 47.78
C ASN F 119 9.81 -46.72 48.64
N PHE F 120 9.80 -45.38 48.52
CA PHE F 120 10.81 -44.51 49.13
C PHE F 120 12.18 -44.76 48.45
N MET F 121 13.26 -44.86 49.24
CA MET F 121 14.60 -45.08 48.70
C MET F 121 14.98 -46.57 48.68
N GLN F 122 14.00 -47.47 48.62
CA GLN F 122 14.24 -48.92 48.77
C GLN F 122 14.58 -49.64 47.47
N GLN F 123 14.07 -49.15 46.35
CA GLN F 123 14.36 -49.75 45.03
C GLN F 123 14.25 -48.70 43.91
N HIS F 124 13.48 -48.97 42.85
CA HIS F 124 13.26 -47.96 41.82
C HIS F 124 12.65 -46.70 42.44
N GLY F 125 12.83 -45.57 41.78
CA GLY F 125 12.24 -44.34 42.26
C GLY F 125 12.59 -43.10 41.47
N ASN F 126 11.70 -42.11 41.50
CA ASN F 126 11.87 -40.86 40.77
C ASN F 126 12.69 -39.85 41.54
N GLY F 127 13.49 -39.07 40.82
CA GLY F 127 14.19 -37.92 41.38
C GLY F 127 15.24 -38.23 42.42
N PHE F 128 16.06 -39.25 42.17
CA PHE F 128 17.23 -39.54 42.99
C PHE F 128 18.44 -38.74 42.50
N ALA F 129 18.99 -37.90 43.37
CA ALA F 129 20.32 -37.35 43.17
C ALA F 129 21.28 -38.25 43.93
N THR F 130 22.25 -38.83 43.22
CA THR F 130 23.08 -39.89 43.77
C THR F 130 24.58 -39.62 43.53
N TYR F 131 25.33 -39.37 44.61
CA TYR F 131 26.81 -39.42 44.56
C TYR F 131 27.24 -40.84 44.81
N ARG F 132 28.24 -41.28 44.07
CA ARG F 132 28.87 -42.58 44.29
C ARG F 132 30.39 -42.44 44.19
N ASN F 133 31.11 -43.33 44.87
CA ASN F 133 32.56 -43.30 44.83
C ASN F 133 33.14 -44.71 44.87
N THR F 134 33.70 -45.13 43.72
CA THR F 134 34.26 -46.48 43.57
C THR F 134 35.73 -46.53 44.01
N ASP F 135 36.09 -47.61 44.70
CA ASP F 135 37.44 -47.85 45.19
C ASP F 135 37.97 -46.73 46.08
N PHE F 136 37.07 -46.07 46.81
CA PHE F 136 37.41 -44.98 47.72
C PHE F 136 38.50 -44.04 47.19
N PHE F 137 38.13 -43.25 46.18
CA PHE F 137 39.03 -42.29 45.55
C PHE F 137 40.29 -42.94 44.97
N GLY F 138 40.15 -44.18 44.51
CA GLY F 138 41.26 -44.94 43.92
C GLY F 138 42.35 -45.35 44.89
N LEU F 139 42.03 -45.36 46.19
CA LEU F 139 43.01 -45.66 47.22
C LEU F 139 42.80 -47.08 47.75
N VAL F 140 41.58 -47.39 48.18
CA VAL F 140 41.25 -48.71 48.66
C VAL F 140 40.52 -49.49 47.56
N ASP F 141 41.26 -50.37 46.89
CA ASP F 141 40.69 -51.18 45.80
C ASP F 141 39.67 -52.17 46.37
N GLY F 142 38.40 -51.77 46.40
CA GLY F 142 37.33 -52.62 46.93
C GLY F 142 36.21 -51.88 47.63
N LEU F 143 36.56 -50.77 48.30
CA LEU F 143 35.59 -50.03 49.11
C LEU F 143 34.82 -48.99 48.28
N ASP F 144 33.55 -49.30 47.99
CA ASP F 144 32.67 -48.38 47.27
C ASP F 144 31.62 -47.83 48.23
N PHE F 145 31.12 -46.62 47.95
CA PHE F 145 30.05 -46.04 48.77
C PHE F 145 29.19 -45.04 47.99
N ALA F 146 28.12 -44.56 48.63
CA ALA F 146 27.21 -43.60 48.00
C ALA F 146 26.47 -42.71 49.01
N VAL F 147 26.12 -41.49 48.57
CA VAL F 147 25.35 -40.54 49.37
C VAL F 147 24.18 -40.01 48.54
N GLN F 148 22.97 -40.47 48.85
CA GLN F 148 21.81 -40.25 47.99
C GLN F 148 20.75 -39.35 48.61
N TYR F 149 20.14 -38.51 47.78
CA TYR F 149 19.04 -37.65 48.19
C TYR F 149 17.86 -37.89 47.24
N GLN F 150 16.64 -37.86 47.78
CA GLN F 150 15.43 -38.01 46.97
C GLN F 150 14.45 -36.89 47.30
N GLY F 151 14.07 -36.10 46.29
CA GLY F 151 13.13 -34.99 46.49
C GLY F 151 11.72 -35.45 46.80
N LYS F 152 10.94 -34.57 47.43
CA LYS F 152 9.55 -34.88 47.79
C LYS F 152 8.76 -35.23 46.54
N ASN F 153 7.98 -36.31 46.63
CA ASN F 153 7.14 -36.78 45.54
C ASN F 153 5.73 -37.06 46.08
N GLY F 154 4.94 -36.00 46.19
CA GLY F 154 3.64 -36.06 46.86
C GLY F 154 2.47 -36.33 45.93
N SER F 155 1.36 -35.65 46.17
CA SER F 155 0.12 -35.88 45.44
C SER F 155 -0.16 -34.82 44.38
N ALA F 156 -1.19 -35.05 43.57
CA ALA F 156 -1.59 -34.13 42.52
C ALA F 156 -2.61 -33.09 42.98
N HIS F 157 -3.21 -33.30 44.17
CA HIS F 157 -4.28 -32.43 44.65
C HIS F 157 -3.84 -31.52 45.80
N GLY F 158 -3.49 -30.28 45.46
CA GLY F 158 -3.29 -29.20 46.42
C GLY F 158 -2.35 -29.44 47.60
N GLU F 159 -2.84 -30.16 48.60
CA GLU F 159 -2.12 -30.35 49.88
C GLU F 159 -1.01 -31.40 49.77
N GLY F 160 0.24 -30.97 49.95
CA GLY F 160 1.41 -31.85 49.83
C GLY F 160 1.73 -32.18 48.38
N MET F 161 1.68 -31.15 47.53
CA MET F 161 1.71 -31.34 46.08
C MET F 161 3.08 -31.11 45.48
N THR F 162 3.36 -31.89 44.43
CA THR F 162 4.52 -31.68 43.54
C THR F 162 4.04 -31.69 42.08
N THR F 163 4.89 -31.23 41.17
CA THR F 163 4.55 -31.20 39.75
C THR F 163 4.36 -32.61 39.17
N ASN F 164 5.05 -33.59 39.77
CA ASN F 164 5.00 -34.98 39.33
C ASN F 164 4.12 -35.86 40.24
N GLY F 165 3.28 -35.22 41.05
CA GLY F 165 2.55 -35.91 42.11
C GLY F 165 1.66 -37.05 41.64
N ARG F 166 1.56 -38.07 42.48
CA ARG F 166 0.78 -39.27 42.19
C ARG F 166 -0.34 -39.43 43.22
N ASP F 167 -1.53 -39.78 42.75
CA ASP F 167 -2.68 -39.93 43.66
C ASP F 167 -2.63 -41.25 44.44
N ASP F 168 -1.76 -42.17 44.02
CA ASP F 168 -1.46 -43.37 44.82
C ASP F 168 -0.61 -42.94 45.99
N VAL F 169 -0.82 -43.56 47.15
CA VAL F 169 -0.16 -43.16 48.39
C VAL F 169 1.15 -43.91 48.65
N PHE F 170 1.20 -45.17 48.26
CA PHE F 170 2.39 -46.01 48.47
C PHE F 170 3.55 -45.61 47.58
N GLU F 171 3.20 -45.05 46.41
CA GLU F 171 4.19 -44.54 45.48
C GLU F 171 4.75 -43.19 45.94
N GLN F 172 4.04 -42.49 46.82
CA GLN F 172 4.50 -41.19 47.31
C GLN F 172 5.71 -41.31 48.22
N ASN F 173 6.41 -40.19 48.38
CA ASN F 173 7.52 -40.08 49.32
C ASN F 173 7.85 -38.63 49.60
N GLY F 174 8.61 -38.40 50.65
CA GLY F 174 9.10 -37.07 51.00
C GLY F 174 10.60 -36.96 50.79
N ASP F 175 11.20 -35.92 51.34
CA ASP F 175 12.64 -35.71 51.26
C ASP F 175 13.35 -36.75 52.11
N GLY F 176 14.33 -37.43 51.52
CA GLY F 176 15.07 -38.47 52.22
C GLY F 176 16.54 -38.46 51.88
N VAL F 177 17.34 -38.89 52.83
CA VAL F 177 18.76 -39.10 52.60
C VAL F 177 19.07 -40.56 52.91
N GLY F 178 20.00 -41.13 52.15
CA GLY F 178 20.42 -42.51 52.35
C GLY F 178 21.90 -42.70 52.03
N GLY F 179 22.48 -43.74 52.59
CA GLY F 179 23.88 -44.06 52.37
C GLY F 179 24.09 -45.55 52.13
N SER F 180 25.29 -45.86 51.65
CA SER F 180 25.69 -47.24 51.39
C SER F 180 27.20 -47.35 51.47
N ILE F 181 27.70 -48.46 52.01
CA ILE F 181 29.13 -48.76 51.99
C ILE F 181 29.29 -50.26 51.72
N THR F 182 29.90 -50.58 50.58
CA THR F 182 30.17 -51.96 50.21
C THR F 182 31.67 -52.18 50.05
N TYR F 183 32.12 -53.38 50.41
CA TYR F 183 33.51 -53.76 50.29
C TYR F 183 33.59 -55.17 49.73
N ASN F 184 34.31 -55.32 48.62
CA ASN F 184 34.54 -56.64 48.01
C ASN F 184 36.03 -56.99 47.98
N TYR F 185 36.32 -58.28 48.16
CA TYR F 185 37.70 -58.77 48.22
C TYR F 185 37.69 -60.30 48.14
N GLU F 186 38.26 -60.84 47.06
CA GLU F 186 38.34 -62.29 46.82
C GLU F 186 36.97 -62.99 46.79
N GLY F 187 35.96 -62.27 46.30
CA GLY F 187 34.60 -62.81 46.23
C GLY F 187 33.71 -62.37 47.38
N PHE F 188 34.24 -62.47 48.61
CA PHE F 188 33.49 -62.10 49.82
C PHE F 188 33.11 -60.62 49.79
N GLY F 189 31.95 -60.28 50.35
CA GLY F 189 31.44 -58.90 50.32
C GLY F 189 30.56 -58.48 51.49
N ILE F 190 31.09 -57.59 52.33
CA ILE F 190 30.31 -56.92 53.39
C ILE F 190 29.55 -55.74 52.79
N GLY F 191 28.39 -55.43 53.36
CA GLY F 191 27.55 -54.32 52.86
C GLY F 191 26.56 -53.74 53.87
N ALA F 192 26.77 -52.48 54.22
CA ALA F 192 25.83 -51.73 55.08
C ALA F 192 25.15 -50.63 54.26
N ALA F 193 23.91 -50.30 54.62
CA ALA F 193 23.15 -49.26 53.90
C ALA F 193 21.96 -48.75 54.73
N VAL F 194 21.91 -47.43 54.91
CA VAL F 194 20.93 -46.78 55.79
C VAL F 194 20.22 -45.64 55.07
N SER F 195 18.90 -45.71 55.01
CA SER F 195 18.09 -44.61 54.45
C SER F 195 17.18 -44.02 55.53
N SER F 196 16.69 -42.81 55.27
CA SER F 196 15.74 -42.14 56.17
C SER F 196 14.99 -41.05 55.41
N SER F 197 13.69 -41.26 55.20
CA SER F 197 12.87 -40.38 54.38
C SER F 197 11.72 -39.73 55.17
N LYS F 198 11.44 -38.47 54.84
CA LYS F 198 10.25 -37.77 55.30
C LYS F 198 9.02 -38.40 54.65
N ARG F 199 7.84 -38.17 55.22
CA ARG F 199 6.61 -38.72 54.67
C ARG F 199 5.59 -37.64 54.32
N THR F 200 4.67 -37.98 53.42
CA THR F 200 3.69 -37.02 52.92
C THR F 200 2.54 -36.89 53.89
N TRP F 201 1.85 -35.75 53.81
CA TRP F 201 0.64 -35.50 54.59
C TRP F 201 -0.42 -36.58 54.31
N ASP F 202 -0.58 -36.92 53.03
CA ASP F 202 -1.51 -37.97 52.61
C ASP F 202 -1.18 -39.33 53.23
N GLN F 203 0.11 -39.67 53.30
CA GLN F 203 0.55 -40.98 53.80
C GLN F 203 0.09 -41.25 55.24
N ASN F 204 0.15 -40.21 56.07
CA ASN F 204 -0.27 -40.32 57.47
C ASN F 204 -1.79 -40.19 57.64
N ASN F 205 -2.39 -39.35 56.79
CA ASN F 205 -3.76 -38.91 56.97
C ASN F 205 -4.73 -39.46 55.92
N THR F 206 -4.43 -40.67 55.45
CA THR F 206 -5.39 -41.51 54.73
C THR F 206 -5.94 -42.56 55.70
N GLY F 207 -5.46 -42.53 56.94
CA GLY F 207 -5.93 -43.44 57.98
C GLY F 207 -5.39 -44.86 57.89
N LEU F 208 -4.27 -45.03 57.20
CA LEU F 208 -3.66 -46.35 57.02
C LEU F 208 -2.75 -46.66 58.21
N ILE F 209 -2.46 -47.95 58.41
CA ILE F 209 -1.60 -48.39 59.52
C ILE F 209 -0.13 -48.07 59.29
N GLY F 210 0.65 -48.12 60.36
CA GLY F 210 2.09 -47.90 60.30
C GLY F 210 2.45 -46.51 59.82
N THR F 211 1.82 -45.49 60.41
CA THR F 211 2.07 -44.10 60.04
C THR F 211 3.02 -43.42 61.02
N GLY F 212 3.77 -42.46 60.50
CA GLY F 212 4.70 -41.67 61.32
C GLY F 212 5.24 -40.47 60.56
N ASP F 213 6.21 -39.79 61.15
CA ASP F 213 6.87 -38.66 60.47
C ASP F 213 7.84 -39.17 59.40
N ARG F 214 8.59 -40.22 59.74
CA ARG F 214 9.66 -40.71 58.88
C ARG F 214 9.60 -42.21 58.63
N ALA F 215 9.87 -42.58 57.38
CA ALA F 215 10.15 -43.97 57.01
C ALA F 215 11.67 -44.13 57.05
N GLU F 216 12.16 -45.16 57.74
CA GLU F 216 13.60 -45.37 57.89
C GLU F 216 13.95 -46.83 57.61
N THR F 217 15.14 -47.05 57.06
CA THR F 217 15.60 -48.40 56.69
C THR F 217 17.02 -48.65 57.18
N TYR F 218 17.26 -49.86 57.66
CA TYR F 218 18.60 -50.33 58.00
C TYR F 218 18.84 -51.62 57.24
N THR F 219 20.04 -51.78 56.72
CA THR F 219 20.33 -52.91 55.86
C THR F 219 21.76 -53.42 55.99
N GLY F 220 21.88 -54.68 56.40
CA GLY F 220 23.14 -55.41 56.35
C GLY F 220 23.04 -56.46 55.26
N GLY F 221 24.17 -56.79 54.65
CA GLY F 221 24.20 -57.76 53.56
C GLY F 221 25.57 -58.37 53.35
N LEU F 222 25.59 -59.68 53.10
CA LEU F 222 26.82 -60.43 52.88
C LEU F 222 26.68 -61.27 51.62
N LYS F 223 27.74 -61.38 50.83
CA LYS F 223 27.71 -62.23 49.64
C LYS F 223 29.07 -62.85 49.33
N TYR F 224 29.05 -64.01 48.68
CA TYR F 224 30.24 -64.69 48.19
C TYR F 224 30.03 -65.09 46.72
N ASP F 225 30.90 -64.58 45.84
CA ASP F 225 30.71 -64.69 44.39
C ASP F 225 31.97 -65.21 43.72
N ALA F 226 32.16 -66.52 43.76
CA ALA F 226 33.36 -67.14 43.17
C ALA F 226 33.23 -68.66 43.03
N ASN F 227 34.03 -69.23 42.13
CA ASN F 227 34.08 -70.69 41.91
C ASN F 227 32.72 -71.30 41.57
N ASN F 228 32.05 -70.68 40.60
CA ASN F 228 30.69 -71.08 40.16
C ASN F 228 29.61 -70.91 41.23
N ILE F 229 29.97 -70.32 42.37
CA ILE F 229 29.07 -70.24 43.52
C ILE F 229 28.64 -68.81 43.80
N TYR F 230 27.34 -68.64 44.05
CA TYR F 230 26.81 -67.38 44.56
C TYR F 230 26.01 -67.65 45.83
N LEU F 231 26.61 -67.35 46.97
CA LEU F 231 25.91 -67.37 48.25
C LEU F 231 25.75 -65.94 48.73
N ALA F 232 24.53 -65.59 49.12
CA ALA F 232 24.25 -64.25 49.62
C ALA F 232 22.96 -64.20 50.44
N ALA F 233 23.00 -63.47 51.55
CA ALA F 233 21.81 -63.18 52.35
C ALA F 233 21.88 -61.73 52.81
N GLN F 234 20.80 -61.26 53.45
CA GLN F 234 20.74 -59.87 53.89
C GLN F 234 19.66 -59.63 54.94
N TYR F 235 19.95 -58.71 55.85
CA TYR F 235 18.99 -58.29 56.87
C TYR F 235 18.58 -56.85 56.55
N THR F 236 17.26 -56.61 56.51
CA THR F 236 16.73 -55.26 56.33
C THR F 236 15.65 -55.00 57.36
N GLN F 237 15.93 -54.09 58.30
CA GLN F 237 14.95 -53.68 59.30
C GLN F 237 14.40 -52.30 58.95
N THR F 238 13.08 -52.14 59.06
CA THR F 238 12.40 -50.91 58.65
C THR F 238 11.42 -50.40 59.70
N TYR F 239 11.36 -49.08 59.86
CA TYR F 239 10.29 -48.45 60.64
C TYR F 239 9.35 -47.73 59.67
N ASN F 240 8.08 -48.13 59.66
CA ASN F 240 7.03 -47.43 58.91
C ASN F 240 7.34 -47.29 57.42
N ALA F 241 8.04 -48.29 56.87
CA ALA F 241 8.53 -48.21 55.49
C ALA F 241 8.08 -49.36 54.58
N THR F 242 8.04 -50.57 55.13
CA THR F 242 7.59 -51.75 54.38
C THR F 242 6.08 -51.72 54.17
N ARG F 243 5.64 -51.95 52.93
CA ARG F 243 4.21 -51.99 52.62
C ARG F 243 3.58 -53.28 53.17
N VAL F 244 2.33 -53.16 53.63
CA VAL F 244 1.57 -54.29 54.17
C VAL F 244 0.20 -54.35 53.52
N GLY F 245 0.12 -55.07 52.40
CA GLY F 245 -1.12 -55.20 51.65
C GLY F 245 -1.63 -53.85 51.16
N SER F 246 -2.95 -53.63 51.27
CA SER F 246 -3.54 -52.33 51.03
C SER F 246 -3.79 -51.60 52.34
N LEU F 247 -3.57 -52.29 53.46
CA LEU F 247 -3.84 -51.76 54.79
C LEU F 247 -2.96 -50.56 55.15
N GLY F 248 -1.71 -50.58 54.69
CA GLY F 248 -0.78 -49.49 54.97
C GLY F 248 0.66 -50.00 55.02
N TRP F 249 1.40 -49.55 56.03
CA TRP F 249 2.78 -49.97 56.23
C TRP F 249 2.93 -50.71 57.55
N ALA F 250 4.12 -51.28 57.77
CA ALA F 250 4.44 -51.97 59.02
C ALA F 250 5.22 -51.05 59.95
N ASN F 251 4.65 -50.74 61.12
CA ASN F 251 5.34 -49.97 62.16
C ASN F 251 6.77 -50.43 62.35
N LYS F 252 6.97 -51.74 62.31
CA LYS F 252 8.30 -52.34 62.27
C LYS F 252 8.23 -53.62 61.46
N ALA F 253 9.24 -53.85 60.62
CA ALA F 253 9.31 -55.06 59.80
C ALA F 253 10.74 -55.59 59.83
N GLN F 254 10.87 -56.90 60.10
CA GLN F 254 12.17 -57.57 60.10
C GLN F 254 12.28 -58.48 58.89
N ASN F 255 13.01 -58.01 57.88
CA ASN F 255 13.09 -58.70 56.59
C ASN F 255 14.43 -59.39 56.36
N PHE F 256 14.36 -60.62 55.83
CA PHE F 256 15.56 -61.42 55.58
C PHE F 256 15.39 -62.31 54.36
N GLU F 257 16.36 -62.23 53.45
CA GLU F 257 16.39 -63.03 52.24
C GLU F 257 17.74 -63.76 52.19
N ALA F 258 17.73 -65.01 51.71
CA ALA F 258 18.97 -65.79 51.57
C ALA F 258 18.91 -66.65 50.31
N VAL F 259 20.01 -66.68 49.55
CA VAL F 259 20.07 -67.38 48.25
C VAL F 259 21.35 -68.20 48.08
N ALA F 260 21.22 -69.36 47.46
CA ALA F 260 22.36 -70.19 47.12
C ALA F 260 22.21 -70.72 45.69
N GLN F 261 23.17 -70.36 44.84
CA GLN F 261 23.16 -70.74 43.43
C GLN F 261 24.48 -71.37 43.02
N TYR F 262 24.41 -72.39 42.18
CA TYR F 262 25.59 -72.99 41.58
C TYR F 262 25.46 -73.01 40.05
N GLN F 263 26.52 -72.62 39.35
CA GLN F 263 26.53 -72.58 37.89
C GLN F 263 27.25 -73.79 37.32
N PHE F 264 26.49 -74.72 36.74
CA PHE F 264 27.06 -75.84 36.01
C PHE F 264 27.59 -75.39 34.65
N ASP F 265 28.64 -76.05 34.18
CA ASP F 265 29.35 -75.60 32.98
C ASP F 265 28.53 -75.68 31.69
N PHE F 266 27.70 -76.71 31.56
CA PHE F 266 26.87 -76.89 30.37
C PHE F 266 25.77 -75.82 30.19
N GLY F 267 25.27 -75.28 31.31
CA GLY F 267 24.28 -74.20 31.25
C GLY F 267 23.34 -74.04 32.44
N LEU F 268 23.11 -75.11 33.19
CA LEU F 268 22.13 -75.10 34.27
C LEU F 268 22.63 -74.36 35.51
N ARG F 269 21.75 -73.57 36.12
CA ARG F 269 22.08 -72.80 37.32
C ARG F 269 20.92 -72.91 38.31
N PRO F 270 20.87 -74.01 39.09
CA PRO F 270 19.81 -74.18 40.07
C PRO F 270 19.98 -73.23 41.25
N PHE F 271 18.88 -72.94 41.92
CA PHE F 271 18.89 -72.04 43.08
C PHE F 271 17.98 -72.55 44.18
N LEU F 272 18.23 -72.06 45.39
CA LEU F 272 17.45 -72.43 46.55
C LEU F 272 17.42 -71.21 47.46
N ALA F 273 16.38 -70.39 47.30
CA ALA F 273 16.27 -69.15 48.03
C ALA F 273 15.25 -69.26 49.16
N TYR F 274 15.30 -68.30 50.08
CA TYR F 274 14.36 -68.23 51.19
C TYR F 274 14.15 -66.76 51.58
N LEU F 275 12.88 -66.40 51.78
CA LEU F 275 12.51 -65.04 52.15
C LEU F 275 11.65 -65.01 53.41
N GLN F 276 11.59 -63.83 54.02
CA GLN F 276 10.88 -63.62 55.28
C GLN F 276 10.68 -62.12 55.50
N SER F 277 9.48 -61.74 55.92
CA SER F 277 9.18 -60.34 56.27
C SER F 277 8.29 -60.31 57.51
N LYS F 278 8.90 -60.53 58.67
CA LYS F 278 8.17 -60.54 59.93
C LYS F 278 7.79 -59.11 60.36
N GLY F 279 6.50 -58.83 60.43
CA GLY F 279 5.99 -57.53 60.87
C GLY F 279 5.65 -57.51 62.35
N LYS F 280 6.38 -56.71 63.12
CA LYS F 280 6.22 -56.65 64.57
C LYS F 280 5.17 -55.60 64.97
N ASN F 281 4.57 -55.81 66.14
CA ASN F 281 3.39 -55.05 66.61
C ASN F 281 2.93 -53.95 65.66
N LEU F 282 2.12 -54.35 64.68
CA LEU F 282 1.62 -53.45 63.63
C LEU F 282 0.48 -52.57 64.14
N GLY F 283 -0.26 -53.06 65.12
CA GLY F 283 -1.38 -52.33 65.71
C GLY F 283 -2.66 -52.54 64.93
N ARG F 284 -3.77 -52.02 65.45
CA ARG F 284 -5.08 -52.11 64.80
C ARG F 284 -5.58 -53.56 64.75
N GLY F 285 -5.32 -54.32 65.81
CA GLY F 285 -5.85 -55.68 65.94
C GLY F 285 -5.22 -56.72 65.02
N TYR F 286 -3.89 -56.74 64.98
CA TYR F 286 -3.16 -57.74 64.20
C TYR F 286 -1.96 -58.25 65.00
N ASP F 287 -1.09 -57.30 65.39
CA ASP F 287 0.13 -57.59 66.15
C ASP F 287 1.16 -58.33 65.30
N ASP F 288 1.99 -59.18 65.91
CA ASP F 288 3.12 -59.80 65.22
C ASP F 288 2.69 -60.85 64.20
N GLU F 289 2.54 -60.41 62.95
CA GLU F 289 2.17 -61.29 61.83
C GLU F 289 3.24 -61.23 60.75
N ASP F 290 3.30 -62.27 59.92
CA ASP F 290 4.25 -62.33 58.82
C ASP F 290 3.68 -61.67 57.58
N ILE F 291 4.42 -60.70 57.02
CA ILE F 291 4.01 -59.98 55.81
C ILE F 291 4.35 -60.78 54.56
N LEU F 292 5.42 -61.55 54.64
CA LEU F 292 5.80 -62.46 53.55
C LEU F 292 6.74 -63.55 54.04
N LYS F 293 6.62 -64.73 53.45
CA LYS F 293 7.45 -65.87 53.81
C LYS F 293 7.28 -66.94 52.74
N TYR F 294 8.36 -67.25 52.03
CA TYR F 294 8.36 -68.37 51.10
C TYR F 294 9.75 -68.92 50.79
N VAL F 295 9.81 -70.23 50.57
CA VAL F 295 11.00 -70.87 50.02
C VAL F 295 10.82 -70.91 48.51
N ASP F 296 11.93 -70.72 47.79
CA ASP F 296 11.89 -70.59 46.33
C ASP F 296 12.99 -71.44 45.68
N VAL F 297 12.61 -72.45 44.89
CA VAL F 297 13.57 -73.34 44.25
C VAL F 297 13.22 -73.61 42.80
N GLY F 298 14.20 -73.44 41.91
CA GLY F 298 14.03 -73.74 40.48
C GLY F 298 15.39 -73.91 39.80
N ALA F 299 15.51 -73.40 38.58
CA ALA F 299 16.78 -73.42 37.87
C ALA F 299 16.68 -72.68 36.53
N THR F 300 17.66 -71.83 36.25
CA THR F 300 17.82 -71.21 34.94
C THR F 300 18.76 -72.05 34.11
N TYR F 301 18.41 -72.28 32.85
CA TYR F 301 19.34 -72.86 31.90
C TYR F 301 19.77 -71.77 30.94
N TYR F 302 21.07 -71.70 30.68
CA TYR F 302 21.64 -70.71 29.78
C TYR F 302 22.16 -71.36 28.51
N PHE F 303 21.40 -71.22 27.43
CA PHE F 303 21.87 -71.62 26.11
C PHE F 303 23.12 -70.82 25.82
N ASN F 304 23.01 -69.51 25.97
CA ASN F 304 24.15 -68.60 25.89
C ASN F 304 23.76 -67.24 26.50
N LYS F 305 24.55 -66.20 26.23
CA LYS F 305 24.27 -64.87 26.78
C LYS F 305 23.15 -64.11 26.08
N ASN F 306 22.54 -64.73 25.06
CA ASN F 306 21.41 -64.15 24.36
C ASN F 306 20.08 -64.89 24.59
N MET F 307 20.14 -66.20 24.73
CA MET F 307 18.94 -67.01 24.94
C MET F 307 19.03 -67.72 26.28
N SER F 308 17.90 -67.82 26.98
CA SER F 308 17.82 -68.55 28.24
C SER F 308 16.40 -69.06 28.47
N THR F 309 16.27 -70.05 29.33
CA THR F 309 14.96 -70.54 29.74
C THR F 309 15.02 -71.02 31.19
N TYR F 310 13.90 -70.96 31.90
CA TYR F 310 13.90 -71.28 33.33
C TYR F 310 12.56 -71.72 33.91
N VAL F 311 12.64 -72.44 35.03
CA VAL F 311 11.51 -72.72 35.89
C VAL F 311 11.80 -72.08 37.26
N ASP F 312 10.76 -71.55 37.89
CA ASP F 312 10.88 -70.85 39.17
C ASP F 312 9.66 -71.18 40.03
N TYR F 313 9.89 -71.83 41.17
CA TYR F 313 8.81 -72.38 42.02
C TYR F 313 8.70 -71.64 43.36
N LYS F 314 7.69 -70.76 43.47
CA LYS F 314 7.42 -70.09 44.74
C LYS F 314 6.61 -71.03 45.63
N ILE F 315 7.23 -71.47 46.73
CA ILE F 315 6.54 -72.29 47.73
C ILE F 315 6.12 -71.37 48.88
N ASN F 316 4.91 -70.83 48.80
CA ASN F 316 4.43 -69.82 49.74
C ASN F 316 4.06 -70.43 51.09
N LEU F 317 4.87 -70.13 52.11
CA LEU F 317 4.66 -70.70 53.45
C LEU F 317 3.63 -69.92 54.29
N LEU F 318 3.09 -68.83 53.75
CA LEU F 318 2.07 -68.04 54.43
C LEU F 318 0.77 -68.82 54.58
N ASP F 319 0.17 -68.74 55.76
CA ASP F 319 -1.13 -69.34 56.03
C ASP F 319 -2.23 -68.35 55.66
N ASP F 320 -3.41 -68.86 55.34
CA ASP F 320 -4.55 -68.02 55.01
C ASP F 320 -5.26 -67.61 56.29
N ASN F 321 -5.35 -66.31 56.53
CA ASN F 321 -6.01 -65.76 57.72
C ASN F 321 -6.43 -64.30 57.51
N ARG F 322 -7.07 -63.72 58.52
CA ARG F 322 -7.61 -62.36 58.41
C ARG F 322 -6.57 -61.33 57.96
N PHE F 323 -5.40 -61.36 58.58
CA PHE F 323 -4.29 -60.46 58.20
C PHE F 323 -3.88 -60.66 56.74
N THR F 324 -3.83 -61.92 56.32
CA THR F 324 -3.45 -62.28 54.95
C THR F 324 -4.64 -62.22 53.98
N ARG F 325 -5.78 -61.72 54.45
CA ARG F 325 -6.96 -61.51 53.61
C ARG F 325 -7.35 -60.04 53.58
N ASP F 326 -7.49 -59.43 54.76
CA ASP F 326 -7.74 -57.98 54.87
C ASP F 326 -6.67 -57.19 54.11
N ALA F 327 -5.40 -57.56 54.30
CA ALA F 327 -4.31 -56.97 53.55
C ALA F 327 -4.33 -57.40 52.07
N GLY F 328 -4.84 -58.61 51.82
CA GLY F 328 -4.96 -59.13 50.47
C GLY F 328 -3.63 -59.66 49.95
N ILE F 329 -2.93 -60.39 50.80
CA ILE F 329 -1.61 -60.94 50.47
C ILE F 329 -1.73 -62.39 50.00
N ASN F 330 -1.40 -62.62 48.73
CA ASN F 330 -1.40 -63.96 48.13
C ASN F 330 -0.74 -64.99 49.04
N THR F 331 -1.54 -65.96 49.51
CA THR F 331 -1.04 -67.06 50.33
C THR F 331 -0.78 -68.33 49.50
N ASP F 332 -1.04 -68.25 48.19
CA ASP F 332 -0.94 -69.40 47.30
C ASP F 332 0.42 -69.52 46.64
N ASP F 333 0.69 -70.71 46.11
CA ASP F 333 1.93 -70.97 45.39
C ASP F 333 1.87 -70.39 43.99
N ILE F 334 3.04 -70.13 43.42
CA ILE F 334 3.18 -69.76 42.01
C ILE F 334 4.39 -70.47 41.39
N VAL F 335 4.24 -70.91 40.14
CA VAL F 335 5.35 -71.47 39.37
C VAL F 335 5.45 -70.73 38.04
N ALA F 336 6.64 -70.19 37.76
CA ALA F 336 6.88 -69.44 36.54
C ALA F 336 7.70 -70.27 35.54
N LEU F 337 7.30 -70.25 34.28
CA LEU F 337 8.05 -70.90 33.21
C LEU F 337 8.48 -69.85 32.19
N GLY F 338 9.74 -69.45 32.27
CA GLY F 338 10.29 -68.42 31.40
C GLY F 338 11.09 -68.98 30.24
N LEU F 339 11.01 -68.28 29.10
CA LEU F 339 11.84 -68.55 27.93
C LEU F 339 12.17 -67.19 27.35
N VAL F 340 13.45 -66.82 27.38
CA VAL F 340 13.87 -65.44 27.20
C VAL F 340 15.01 -65.22 26.18
N TYR F 341 14.69 -64.55 25.06
CA TYR F 341 15.72 -63.99 24.18
C TYR F 341 16.09 -62.59 24.66
N GLN F 342 17.35 -62.20 24.47
CA GLN F 342 17.78 -60.83 24.76
C GLN F 342 18.97 -60.42 23.92
N PHE F 343 19.32 -59.15 24.02
CA PHE F 343 20.35 -58.57 23.17
C PHE F 343 20.96 -57.35 23.83
S SO4 G . -10.79 38.39 -41.06
O1 SO4 G . -10.10 37.21 -41.58
O2 SO4 G . -9.82 39.42 -40.71
O3 SO4 G . -11.68 38.93 -42.09
O4 SO4 G . -11.55 38.01 -39.87
S SO4 H . 3.11 33.57 -12.22
O1 SO4 H . 4.19 32.59 -12.25
O2 SO4 H . 3.63 34.87 -12.66
O3 SO4 H . 2.05 33.12 -13.13
O4 SO4 H . 2.56 33.71 -10.88
S SO4 I . -0.62 -52.93 7.40
O1 SO4 I . 0.51 -53.39 6.58
O2 SO4 I . -0.34 -51.60 7.96
O3 SO4 I . -1.82 -52.82 6.55
O4 SO4 I . -0.84 -53.91 8.45
#